data_7Z9G
#
_entry.id   7Z9G
#
_cell.length_a   1.00
_cell.length_b   1.00
_cell.length_c   1.00
_cell.angle_alpha   90.00
_cell.angle_beta   90.00
_cell.angle_gamma   90.00
#
_symmetry.space_group_name_H-M   'P 1'
#
loop_
_entity.id
_entity.type
_entity.pdbx_description
1 polymer 'DNA gyrase subunit A'
2 polymer 'DNA gyrase subunit B'
3 polymer "DNA (5'-D(P*AP*AP*AP*TP*CP*TP*GP*TP*GP*CP*GP*GP*GP*T)-3')"
4 polymer "DNA (5'-D(P*AP*GP*AP*AP*TP*CP*AP*GP*GP*CP*AP*TP*AP*A)-3')"
5 polymer "DNA (5'-D(*AP*AP*TP*CP*AP*CP*CP*CP*GP*CP*AP*CP*AP*GP*AP*TP*TP*T)-3')"
6 polymer "DNA (5'-D(*GP*AP*TP*TP*TP*TP*AP*TP*GP*CP*CP*TP*GP*AP*TP*TP*CP*T)-3')"
7 non-polymer 'MAGNESIUM ION'
8 non-polymer '4-[[3-(2-azanylethoxy)-2-oxidanyl-4-[[5-[[(2~{S})-2-[[4-[(6-oxidanylnaphthalen-2-yl)carbonylamino]phenyl]carbonylamino]-3-(1~{H}-1,2,3-triazol-4-yl)propanoyl]amino]pyridin-2-yl]carbonylamino]phenyl]carbonylamino]-3-methoxy-2-oxidanyl-benzoic acid'
9 water water
#
loop_
_entity_poly.entity_id
_entity_poly.type
_entity_poly.pdbx_seq_one_letter_code
_entity_poly.pdbx_strand_id
1 'polypeptide(L)'
;SSDLAREITPVNIEEELKSSYLDYAMSVIVGRALPDVRDGLKPVHRRVLYAMNVLGNDWNKAYKKSARVVGDVIGKYHPH
GDSAVYDTIVRMAQPFSLRYMLVDGQGNFGSIDGDSAAAMR(PTR)TEIRLAKIAHELMADLEKETVDFVDNYDGTEKIP
DVMPTKIPNLLVNGSSGIAVGMATNIPPHNLTEVINGCLAYIDDEDISIEGLMEHIPGPDFPTAAIINGRRGIEEAYRTG
RGKVYIRARAEVEVDAKTGRETIIVHEIPYQVNKARLIEKIAELVKEKRVEGISALRDESDKDGMRIVIEVKRDAVGEVV
LNNLYSQTQLQVSFGINMVALHHGQPKIMNLKDIIAAFVRHRREVVTRRTIFELRKARDRAHILEALAVALANIDPIIEL
IRHAPTPAEAKTALVANPWQLGNVAAMLERAGDDAARPEWLEPEFGVRDGLYYLTEQQAQAILDLRLQKLTGLEHEKLLD
EYKELLDQIAELLRILGSADRLMEVIREELELVREQFGDKRRTEITANSADINLEDLITQEDVVVTLSHQGYVKYQPLSE
YEAQRRGGKGKSAARIKEEDFIDRLLVANTHDHILCFSSRGRVYSMKVYQLPEATRGARGRPIVNLLPLEQDERITAILP
VTEFEEGVKVFMATANGTVKKTVLTEFNRLRTAGKVAIKLVDGDELIGVDLTSGEDEVMLFSAEGKVVRFKESSVRAMGC
NTTGVRGIRLGEGDKVVSLIVPRGDGAILTATQNGYGKRTAVAEYPTKSRATKGVISIKVTERNGLVVGAVQVDDCDQIM
MITDAGTLVRTRVSEISIVGRNTQGVILIRTAEDENVVGLQRVAEPVDEEDLDTIDGSAAEGDDEIAPEVDVDDEPEEEL
EVLFQ
;
A,C
2 'polypeptide(L)'
;GPSNSYDSSSIKVLKGLDAVRKRPGMYIGDTDDGTGLHHMVFEVVDNAIDEALAGHCKEIIVTIHADNSVSVQDDGRGIP
TGIHPEEGVSAAEVIMTVLHAGGKFDDNSYKVSGGLHGVGVSVVNALSQKLELVIQREGKIHRQIYEHGVPQAPLAVTGE
TEKTGTMVRFWPSLETFTNVTEFEYEILAKRLRELSFLNSGVSIRLRDKRDGKEDHFHYEGGIKAFVEYLNKNKTPIHPN
IFYFSTEKDGIGVEVALQWNDGFQENIYCFTNNIPQRDGGTHLAGFRAAMTRTLNAYMDKEGYSKKAKVSATGDDAREGL
IAVVSVKVPDPKFSSQTKDKLVSSEVKSAVEQQMNELLAEYLLENPTDAKIVVGKIIDAARAREAARRAREMTRRKGALD
LAGLPGKLADCQERDPALSELYLVEGDSAGGSAKQGRNRKNQAILPLKGKILNVEKARFDKMLSSQEVATLITALGCGIG
RDEYNPDKLRYHSIIIMTDADVDGSHIRTLLLTFFYRQMPEIVERGHVYIAQPPLYKVKKGKQEQYIKDDEAMDQYQISI
ALDGATLHTNASAPALAGEALEKLVSEYNATQKMINRMERRYPKAMLKELIYQPTLTEADLSDEQTVTRWVNALVSELND
KEQHGSQWKFDVHTNAEQNLFEPIVRVRTHGVDTDYPLDHEFITGGEYRRICTLGEKLRGLLEEDAFIERGERRQPVASF
EQALDWLVKESRRGLSIQRYKGLGEMNPEQLWETTMDPESRRMLRVTVKDAIAADQLFTTLMGDAVEPRRAFIEENALKA
ANIDIENLYFQ
;
B,D
3 'polydeoxyribonucleotide' (DA)(DA)(DA)(DT)(DC)(DT)(DG)(DT)(DG)(DC)(DG)(DG)(DG)(DT) E
4 'polydeoxyribonucleotide' (DA)(DG)(DA)(DA)(DT)(DC)(DA)(DG)(DG)(DC)(DA)(DT)(DA)(DA) F
5 'polydeoxyribonucleotide' (DA)(DA)(DT)(DC)(DA)(DC)(DC)(DC)(DG)(DC)(DA)(DC)(DA)(DG)(DA)(DT)(DT)(DT) G
6 'polydeoxyribonucleotide' (DG)(DA)(DT)(DT)(DT)(DT)(DA)(DT)(DG)(DC)(DC)(DT)(DG)(DA)(DT)(DT)(DC)(DT) H
#
loop_
_chem_comp.id
_chem_comp.type
_chem_comp.name
_chem_comp.formula
DA DNA linking 2'-DEOXYADENOSINE-5'-MONOPHOSPHATE 'C10 H14 N5 O6 P'
DC DNA linking 2'-DEOXYCYTIDINE-5'-MONOPHOSPHATE 'C9 H14 N3 O7 P'
DG DNA linking 2'-DEOXYGUANOSINE-5'-MONOPHOSPHATE 'C10 H14 N5 O7 P'
DT DNA linking THYMIDINE-5'-MONOPHOSPHATE 'C10 H15 N2 O8 P'
IM0 non-polymer '4-[[3-(2-azanylethoxy)-2-oxidanyl-4-[[5-[[(2~{S})-2-[[4-[(6-oxidanylnaphthalen-2-yl)carbonylamino]phenyl]carbonylamino]-3-(1~{H}-1,2,3-triazol-4-yl)propanoyl]amino]pyridin-2-yl]carbonylamino]phenyl]carbonylamino]-3-methoxy-2-oxidanyl-benzoic acid' 'C46 H40 N10 O12'
MG non-polymer 'MAGNESIUM ION' 'Mg 2'
#
# COMPACT_ATOMS: atom_id res chain seq x y z
N ILE A 8 5.55 36.96 -28.20
CA ILE A 8 4.75 36.51 -29.37
C ILE A 8 5.67 36.30 -30.56
N THR A 9 5.45 35.20 -31.27
CA THR A 9 6.25 34.86 -32.44
C THR A 9 5.36 34.04 -33.37
N PRO A 10 5.28 34.35 -34.66
CA PRO A 10 4.36 33.60 -35.53
C PRO A 10 4.85 32.18 -35.78
N VAL A 11 3.91 31.30 -36.08
CA VAL A 11 4.22 29.92 -36.45
C VAL A 11 3.16 29.45 -37.44
N ASN A 12 3.60 28.79 -38.49
CA ASN A 12 2.67 28.28 -39.49
C ASN A 12 1.88 27.10 -38.95
N ILE A 13 0.64 26.97 -39.43
CA ILE A 13 -0.24 25.91 -38.94
C ILE A 13 0.26 24.54 -39.38
N GLU A 14 0.82 24.46 -40.60
CA GLU A 14 1.24 23.16 -41.13
C GLU A 14 2.34 22.54 -40.28
N GLU A 15 3.34 23.34 -39.90
CA GLU A 15 4.45 22.81 -39.12
C GLU A 15 3.98 22.32 -37.76
N GLU A 16 3.12 23.10 -37.10
CA GLU A 16 2.62 22.70 -35.79
C GLU A 16 1.81 21.41 -35.89
N LEU A 17 0.91 21.33 -36.88
CA LEU A 17 0.10 20.13 -37.06
C LEU A 17 0.98 18.91 -37.33
N LYS A 18 1.95 19.06 -38.23
CA LYS A 18 2.81 17.94 -38.60
C LYS A 18 3.59 17.43 -37.39
N SER A 19 4.25 18.35 -36.68
CA SER A 19 5.06 17.95 -35.54
C SER A 19 4.22 17.30 -34.45
N SER A 20 3.08 17.93 -34.10
CA SER A 20 2.27 17.40 -33.01
C SER A 20 1.70 16.03 -33.36
N TYR A 21 1.17 15.87 -34.58
CA TYR A 21 0.55 14.58 -34.91
C TYR A 21 1.59 13.48 -35.05
N LEU A 22 2.75 13.79 -35.64
CA LEU A 22 3.80 12.78 -35.73
C LEU A 22 4.28 12.37 -34.35
N ASP A 23 4.43 13.32 -33.44
CA ASP A 23 4.85 13.00 -32.08
C ASP A 23 3.83 12.09 -31.40
N TYR A 24 2.55 12.42 -31.52
CA TYR A 24 1.52 11.59 -30.89
C TYR A 24 1.48 10.19 -31.49
N ALA A 25 1.56 10.08 -32.82
CA ALA A 25 1.52 8.77 -33.45
C ALA A 25 2.71 7.91 -33.04
N MET A 26 3.91 8.49 -33.05
CA MET A 26 5.09 7.74 -32.65
C MET A 26 5.03 7.33 -31.18
N SER A 27 4.44 8.17 -30.33
CA SER A 27 4.29 7.78 -28.93
C SER A 27 3.31 6.62 -28.77
N VAL A 28 2.20 6.65 -29.51
CA VAL A 28 1.19 5.61 -29.35
C VAL A 28 1.63 4.28 -29.95
N ILE A 29 2.38 4.32 -31.05
CA ILE A 29 2.73 3.07 -31.74
C ILE A 29 3.59 2.18 -30.86
N VAL A 30 4.59 2.76 -30.19
CA VAL A 30 5.56 2.01 -29.39
C VAL A 30 5.39 2.26 -27.89
N GLY A 31 4.27 2.86 -27.47
CA GLY A 31 4.06 3.18 -26.07
C GLY A 31 2.85 2.54 -25.43
N ARG A 32 1.79 2.27 -26.20
CA ARG A 32 0.53 1.76 -25.66
C ARG A 32 0.13 0.42 -26.24
N ALA A 33 0.07 0.29 -27.56
CA ALA A 33 -0.71 -0.76 -28.20
C ALA A 33 0.10 -2.02 -28.51
N LEU A 34 1.12 -1.91 -29.36
CA LEU A 34 1.75 -3.11 -29.89
C LEU A 34 2.59 -3.80 -28.80
N PRO A 35 2.64 -5.13 -28.79
CA PRO A 35 3.46 -5.83 -27.80
C PRO A 35 4.88 -6.11 -28.31
N ASP A 36 5.70 -6.64 -27.41
CA ASP A 36 7.07 -7.01 -27.73
C ASP A 36 7.12 -8.49 -28.10
N VAL A 37 7.86 -8.81 -29.17
CA VAL A 37 7.85 -10.17 -29.70
C VAL A 37 8.48 -11.15 -28.72
N ARG A 38 9.46 -10.71 -27.94
CA ARG A 38 10.22 -11.65 -27.11
C ARG A 38 9.39 -12.19 -25.95
N ASP A 39 8.62 -11.32 -25.28
CA ASP A 39 7.81 -11.72 -24.14
C ASP A 39 6.31 -11.47 -24.32
N GLY A 40 5.88 -10.81 -25.38
CA GLY A 40 4.47 -10.68 -25.67
C GLY A 40 3.67 -9.93 -24.63
N LEU A 41 4.25 -8.87 -24.05
CA LEU A 41 3.59 -8.06 -23.04
C LEU A 41 3.69 -6.59 -23.43
N LYS A 42 2.59 -5.86 -23.22
CA LYS A 42 2.59 -4.42 -23.37
C LYS A 42 3.25 -3.79 -22.15
N PRO A 43 3.61 -2.50 -22.22
CA PRO A 43 4.26 -1.87 -21.06
C PRO A 43 3.44 -1.91 -19.77
N VAL A 44 2.12 -1.76 -19.87
CA VAL A 44 1.31 -1.74 -18.67
C VAL A 44 1.34 -3.09 -17.96
N HIS A 45 1.28 -4.18 -18.72
CA HIS A 45 1.34 -5.51 -18.11
C HIS A 45 2.68 -5.73 -17.41
N ARG A 46 3.77 -5.35 -18.06
CA ARG A 46 5.09 -5.52 -17.46
C ARG A 46 5.22 -4.72 -16.18
N ARG A 47 4.75 -3.46 -16.19
CA ARG A 47 4.83 -2.63 -14.99
C ARG A 47 3.98 -3.20 -13.87
N VAL A 48 2.78 -3.68 -14.18
CA VAL A 48 1.91 -4.25 -13.16
C VAL A 48 2.56 -5.49 -12.53
N LEU A 49 3.11 -6.37 -13.37
CA LEU A 49 3.73 -7.59 -12.84
C LEU A 49 4.96 -7.26 -12.01
N TYR A 50 5.78 -6.31 -12.46
CA TYR A 50 6.96 -5.94 -11.68
C TYR A 50 6.57 -5.32 -10.34
N ALA A 51 5.55 -4.47 -10.34
CA ALA A 51 5.09 -3.87 -9.09
C ALA A 51 4.56 -4.92 -8.13
N MET A 52 3.79 -5.89 -8.64
CA MET A 52 3.30 -6.95 -7.76
C MET A 52 4.43 -7.84 -7.28
N ASN A 53 5.50 -7.99 -8.07
CA ASN A 53 6.62 -8.82 -7.64
C ASN A 53 7.45 -8.12 -6.56
N VAL A 54 7.60 -6.80 -6.67
CA VAL A 54 8.42 -6.07 -5.70
C VAL A 54 7.79 -6.13 -4.31
N LEU A 55 6.46 -6.12 -4.24
CA LEU A 55 5.77 -6.16 -2.95
C LEU A 55 5.88 -7.51 -2.26
N GLY A 56 6.40 -8.54 -2.91
CA GLY A 56 6.43 -9.86 -2.33
C GLY A 56 5.05 -10.47 -2.21
N ASN A 57 4.22 -10.30 -3.23
CA ASN A 57 2.86 -10.84 -3.25
C ASN A 57 2.85 -12.19 -3.95
N ASP A 58 3.48 -13.16 -3.28
CA ASP A 58 3.70 -14.48 -3.88
C ASP A 58 2.38 -15.22 -4.06
N TRP A 59 2.48 -16.41 -4.64
CA TRP A 59 1.31 -17.24 -4.94
C TRP A 59 0.87 -18.11 -3.77
N ASN A 60 1.67 -18.22 -2.71
CA ASN A 60 1.36 -19.04 -1.54
C ASN A 60 1.42 -18.20 -0.27
N LYS A 61 0.82 -17.01 -0.33
CA LYS A 61 0.75 -16.10 0.80
C LYS A 61 -0.63 -15.45 0.81
N ALA A 62 -0.83 -14.54 1.76
CA ALA A 62 -2.12 -13.89 1.91
C ALA A 62 -2.41 -12.97 0.74
N TYR A 63 -3.70 -12.69 0.55
CA TYR A 63 -4.15 -11.80 -0.51
C TYR A 63 -3.86 -10.35 -0.14
N LYS A 64 -4.05 -9.46 -1.12
CA LYS A 64 -3.96 -8.02 -0.91
C LYS A 64 -5.12 -7.34 -1.62
N LYS A 65 -5.51 -6.18 -1.12
CA LYS A 65 -6.55 -5.39 -1.77
C LYS A 65 -6.05 -4.86 -3.11
N SER A 66 -6.98 -4.75 -4.06
CA SER A 66 -6.62 -4.23 -5.37
C SER A 66 -6.24 -2.75 -5.31
N ALA A 67 -6.83 -2.00 -4.38
CA ALA A 67 -6.53 -0.58 -4.28
C ALA A 67 -5.06 -0.35 -3.94
N ARG A 68 -4.49 -1.19 -3.07
CA ARG A 68 -3.08 -1.09 -2.74
C ARG A 68 -2.20 -1.18 -3.99
N VAL A 69 -2.41 -2.23 -4.79
CA VAL A 69 -1.58 -2.45 -5.96
C VAL A 69 -1.79 -1.36 -6.99
N VAL A 70 -3.04 -0.95 -7.22
CA VAL A 70 -3.32 0.08 -8.21
C VAL A 70 -2.68 1.40 -7.81
N GLY A 71 -2.82 1.77 -6.53
CA GLY A 71 -2.20 3.01 -6.08
C GLY A 71 -0.68 2.98 -6.17
N ASP A 72 -0.07 1.85 -5.80
CA ASP A 72 1.37 1.73 -5.90
C ASP A 72 1.84 1.85 -7.34
N VAL A 73 1.14 1.18 -8.27
CA VAL A 73 1.52 1.23 -9.68
C VAL A 73 1.38 2.65 -10.20
N ILE A 74 0.29 3.34 -9.86
CA ILE A 74 0.09 4.70 -10.37
C ILE A 74 1.13 5.65 -9.80
N GLY A 75 1.41 5.55 -8.51
CA GLY A 75 2.35 6.47 -7.90
C GLY A 75 3.77 6.26 -8.36
N LYS A 76 4.19 5.00 -8.52
CA LYS A 76 5.61 4.71 -8.72
C LYS A 76 6.01 4.69 -10.19
N TYR A 77 5.36 3.86 -11.00
CA TYR A 77 5.85 3.52 -12.34
C TYR A 77 5.00 4.06 -13.48
N HIS A 78 3.66 4.00 -13.37
CA HIS A 78 2.75 4.18 -14.50
C HIS A 78 1.89 5.42 -14.27
N PRO A 79 2.29 6.61 -14.77
CA PRO A 79 1.49 7.82 -14.52
C PRO A 79 0.33 8.04 -15.49
N HIS A 80 -0.75 7.30 -15.28
CA HIS A 80 -1.95 7.41 -16.09
C HIS A 80 -3.16 7.19 -15.20
N GLY A 81 -4.35 7.10 -15.80
CA GLY A 81 -5.56 6.97 -15.03
C GLY A 81 -5.66 5.65 -14.29
N ASP A 82 -6.51 5.63 -13.28
CA ASP A 82 -6.68 4.44 -12.43
C ASP A 82 -7.69 3.45 -13.00
N SER A 83 -8.71 3.93 -13.71
CA SER A 83 -9.72 3.02 -14.27
C SER A 83 -9.09 2.08 -15.29
N ALA A 84 -8.22 2.60 -16.16
CA ALA A 84 -7.59 1.75 -17.15
C ALA A 84 -6.72 0.69 -16.50
N VAL A 85 -5.95 1.07 -15.48
CA VAL A 85 -5.09 0.11 -14.79
C VAL A 85 -5.92 -0.96 -14.10
N TYR A 86 -7.01 -0.57 -13.44
CA TYR A 86 -7.83 -1.57 -12.76
C TYR A 86 -8.50 -2.51 -13.76
N ASP A 87 -8.96 -1.99 -14.90
CA ASP A 87 -9.53 -2.86 -15.92
C ASP A 87 -8.49 -3.82 -16.47
N THR A 88 -7.25 -3.34 -16.66
CA THR A 88 -6.18 -4.21 -17.12
C THR A 88 -5.92 -5.33 -16.11
N ILE A 89 -5.93 -5.00 -14.83
CA ILE A 89 -5.73 -6.04 -13.81
C ILE A 89 -6.90 -7.03 -13.82
N VAL A 90 -8.13 -6.52 -13.97
CA VAL A 90 -9.30 -7.38 -13.91
C VAL A 90 -9.33 -8.34 -15.08
N ARG A 91 -8.88 -7.90 -16.26
CA ARG A 91 -8.95 -8.77 -17.43
C ARG A 91 -8.04 -9.99 -17.30
N MET A 92 -6.94 -9.88 -16.56
CA MET A 92 -5.99 -10.98 -16.46
C MET A 92 -6.43 -12.07 -15.49
N ALA A 93 -7.46 -11.83 -14.68
CA ALA A 93 -7.93 -12.79 -13.69
C ALA A 93 -9.18 -13.54 -14.13
N GLN A 94 -9.65 -13.34 -15.37
CA GLN A 94 -10.87 -13.97 -15.84
C GLN A 94 -10.54 -15.28 -16.55
N PRO A 95 -11.11 -16.43 -16.15
CA PRO A 95 -10.79 -17.68 -16.86
C PRO A 95 -11.20 -17.70 -18.32
N PHE A 96 -12.17 -16.88 -18.72
CA PHE A 96 -12.73 -16.91 -20.07
C PHE A 96 -12.16 -15.81 -20.98
N SER A 97 -11.01 -15.25 -20.62
CA SER A 97 -10.32 -14.23 -21.42
C SER A 97 -8.90 -14.64 -21.79
N LEU A 98 -8.16 -15.26 -20.86
CA LEU A 98 -6.81 -15.72 -21.09
C LEU A 98 -6.76 -17.24 -21.00
N ARG A 99 -5.99 -17.86 -21.90
CA ARG A 99 -5.84 -19.30 -21.87
C ARG A 99 -5.18 -19.75 -20.57
N TYR A 100 -4.13 -19.03 -20.14
CA TYR A 100 -3.43 -19.29 -18.89
C TYR A 100 -3.45 -18.01 -18.06
N MET A 101 -4.24 -17.99 -17.00
CA MET A 101 -4.39 -16.79 -16.20
C MET A 101 -3.08 -16.46 -15.49
N LEU A 102 -2.80 -15.16 -15.36
CA LEU A 102 -1.60 -14.66 -14.70
C LEU A 102 -1.87 -14.04 -13.34
N VAL A 103 -3.13 -13.98 -12.89
CA VAL A 103 -3.49 -13.39 -11.62
C VAL A 103 -4.53 -14.28 -10.95
N ASP A 104 -4.37 -14.49 -9.65
CA ASP A 104 -5.31 -15.26 -8.84
C ASP A 104 -6.18 -14.26 -8.07
N GLY A 105 -7.48 -14.27 -8.35
CA GLY A 105 -8.40 -13.28 -7.82
C GLY A 105 -9.38 -13.84 -6.81
N GLN A 106 -10.01 -12.94 -6.04
CA GLN A 106 -11.02 -13.31 -5.05
C GLN A 106 -12.01 -12.17 -4.92
N GLY A 107 -13.29 -12.48 -5.09
CA GLY A 107 -14.35 -11.50 -5.07
C GLY A 107 -15.27 -11.66 -6.26
N ASN A 108 -15.90 -10.56 -6.69
CA ASN A 108 -16.80 -10.55 -7.85
C ASN A 108 -16.05 -9.94 -9.02
N PHE A 109 -15.49 -10.79 -9.88
CA PHE A 109 -14.74 -10.36 -11.06
C PHE A 109 -15.54 -10.50 -12.35
N GLY A 110 -16.85 -10.72 -12.27
CA GLY A 110 -17.68 -10.84 -13.44
C GLY A 110 -17.91 -12.28 -13.86
N SER A 111 -18.72 -12.44 -14.90
CA SER A 111 -19.12 -13.75 -15.40
C SER A 111 -19.16 -13.70 -16.92
N ILE A 112 -19.55 -14.84 -17.53
CA ILE A 112 -19.56 -14.95 -18.97
C ILE A 112 -20.67 -14.11 -19.61
N ASP A 113 -21.67 -13.70 -18.83
CA ASP A 113 -22.71 -12.81 -19.35
C ASP A 113 -22.21 -11.39 -19.56
N GLY A 114 -21.01 -11.06 -19.12
CA GLY A 114 -20.49 -9.72 -19.26
C GLY A 114 -21.29 -8.71 -18.48
N ASP A 115 -21.59 -9.03 -17.21
CA ASP A 115 -22.46 -8.17 -16.42
C ASP A 115 -21.71 -6.96 -15.88
N SER A 116 -20.73 -7.19 -15.00
CA SER A 116 -19.99 -6.10 -14.37
C SER A 116 -18.88 -6.72 -13.52
N ALA A 117 -18.11 -5.86 -12.87
CA ALA A 117 -17.11 -6.27 -11.90
C ALA A 117 -17.15 -5.30 -10.72
N ALA A 118 -16.87 -5.81 -9.53
CA ALA A 118 -16.91 -4.99 -8.33
C ALA A 118 -15.78 -3.96 -8.34
N ALA A 119 -15.98 -2.89 -7.57
CA ALA A 119 -15.02 -1.80 -7.52
C ALA A 119 -13.72 -2.27 -6.84
N MET A 120 -12.75 -1.36 -6.76
CA MET A 120 -11.43 -1.71 -6.25
C MET A 120 -11.49 -2.11 -4.78
N ARG A 121 -12.33 -1.43 -4.00
CA ARG A 121 -12.37 -1.62 -2.55
C ARG A 121 -13.22 -2.83 -2.13
N PTR A 122 -13.51 -3.73 -3.06
CA PTR A 122 -14.33 -4.95 -2.75
C PTR A 122 -13.74 -6.24 -3.31
O PTR A 122 -14.22 -7.31 -2.92
CB PTR A 122 -15.76 -4.80 -3.30
CG PTR A 122 -16.51 -3.56 -2.84
CD1 PTR A 122 -16.73 -2.50 -3.71
CD2 PTR A 122 -17.00 -3.46 -1.54
CE1 PTR A 122 -17.41 -1.37 -3.30
CE2 PTR A 122 -17.69 -2.33 -1.13
CZ PTR A 122 -17.90 -1.29 -2.01
OH PTR A 122 -18.53 -0.22 -1.63
P PTR A 122 -20.14 -0.07 -1.76
O1P PTR A 122 -20.57 1.32 -1.25
O2P PTR A 122 -20.82 -1.17 -0.93
O3P PTR A 122 -20.52 -0.21 -3.18
H PTR A 122 -13.40 -3.68 -3.94
HA PTR A 122 -14.42 -5.06 -1.77
HB2 PTR A 122 -15.71 -4.76 -4.26
HB3 PTR A 122 -16.29 -5.57 -3.03
HD1 PTR A 122 -16.41 -2.55 -4.59
HD2 PTR A 122 -16.87 -4.16 -0.95
HE1 PTR A 122 -17.55 -0.66 -3.90
HE2 PTR A 122 -18.01 -2.27 -0.25
N THR A 123 -12.49 -6.21 -3.77
CA THR A 123 -11.86 -7.37 -4.40
C THR A 123 -10.42 -7.53 -3.93
N GLU A 124 -9.85 -8.72 -4.14
CA GLU A 124 -8.49 -9.03 -3.73
C GLU A 124 -7.79 -9.84 -4.81
N ILE A 125 -6.46 -9.73 -4.87
CA ILE A 125 -5.67 -10.33 -5.95
C ILE A 125 -4.32 -10.79 -5.41
N ARG A 126 -3.68 -11.68 -6.15
CA ARG A 126 -2.29 -12.04 -5.93
C ARG A 126 -1.73 -12.65 -7.21
N LEU A 127 -0.42 -12.90 -7.21
CA LEU A 127 0.22 -13.48 -8.38
C LEU A 127 -0.18 -14.93 -8.56
N ALA A 128 -0.16 -15.39 -9.80
CA ALA A 128 -0.45 -16.76 -10.14
C ALA A 128 0.84 -17.59 -10.15
N LYS A 129 0.68 -18.91 -10.10
CA LYS A 129 1.85 -19.79 -10.07
C LYS A 129 2.63 -19.72 -11.37
N ILE A 130 1.93 -19.65 -12.51
CA ILE A 130 2.61 -19.63 -13.79
C ILE A 130 3.37 -18.32 -13.99
N ALA A 131 2.88 -17.22 -13.41
CA ALA A 131 3.51 -15.91 -13.59
C ALA A 131 4.94 -15.89 -13.08
N HIS A 132 5.26 -16.66 -12.05
CA HIS A 132 6.62 -16.74 -11.56
C HIS A 132 7.59 -17.31 -12.58
N GLU A 133 7.10 -17.99 -13.61
CA GLU A 133 7.98 -18.43 -14.69
C GLU A 133 8.38 -17.28 -15.61
N LEU A 134 7.51 -16.27 -15.76
CA LEU A 134 7.86 -15.13 -16.61
C LEU A 134 9.01 -14.34 -16.02
N MET A 135 9.10 -14.28 -14.69
CA MET A 135 10.09 -13.48 -13.98
C MET A 135 11.15 -14.33 -13.32
N ALA A 136 11.57 -15.42 -13.97
CA ALA A 136 12.56 -16.32 -13.39
C ALA A 136 13.97 -15.76 -13.58
N ASP A 137 14.78 -15.86 -12.52
CA ASP A 137 16.17 -15.40 -12.55
C ASP A 137 16.27 -13.92 -12.89
N LEU A 138 15.40 -13.12 -12.28
CA LEU A 138 15.41 -11.68 -12.51
C LEU A 138 16.54 -10.96 -11.75
N GLU A 139 17.10 -11.59 -10.72
CA GLU A 139 18.08 -10.95 -9.86
C GLU A 139 19.53 -11.19 -10.28
N LYS A 140 19.75 -11.96 -11.35
CA LYS A 140 21.09 -12.35 -11.77
C LYS A 140 21.59 -11.55 -12.97
N GLU A 141 21.13 -10.31 -13.12
CA GLU A 141 21.56 -9.41 -14.20
C GLU A 141 21.29 -10.04 -15.57
N THR A 142 20.12 -10.63 -15.73
CA THR A 142 19.74 -11.28 -16.97
C THR A 142 19.15 -10.33 -18.01
N VAL A 143 18.74 -9.12 -17.61
CA VAL A 143 18.18 -8.12 -18.52
C VAL A 143 18.61 -6.74 -18.05
N ASP A 144 18.24 -5.72 -18.82
CA ASP A 144 18.60 -4.34 -18.56
C ASP A 144 17.48 -3.60 -17.85
N PHE A 145 17.82 -2.46 -17.26
CA PHE A 145 16.88 -1.60 -16.56
C PHE A 145 16.92 -0.19 -17.15
N VAL A 146 15.78 0.49 -17.06
CA VAL A 146 15.62 1.84 -17.59
C VAL A 146 14.95 2.72 -16.55
N ASP A 147 15.20 4.02 -16.63
CA ASP A 147 14.63 4.96 -15.68
C ASP A 147 13.13 5.09 -15.88
N ASN A 148 12.45 5.52 -14.82
CA ASN A 148 11.01 5.75 -14.87
C ASN A 148 10.75 7.13 -15.48
N TYR A 149 9.52 7.62 -15.35
CA TYR A 149 9.11 8.85 -16.03
C TYR A 149 9.79 10.10 -15.50
N ASP A 150 10.48 10.03 -14.33
CA ASP A 150 11.12 11.19 -13.75
C ASP A 150 12.52 10.92 -13.24
N GLY A 151 13.15 9.82 -13.65
CA GLY A 151 14.51 9.53 -13.25
C GLY A 151 14.68 9.31 -11.76
N THR A 152 13.80 8.50 -11.17
CA THR A 152 13.84 8.18 -9.75
C THR A 152 13.80 6.69 -9.44
N GLU A 153 13.31 5.85 -10.36
CA GLU A 153 13.20 4.42 -10.17
C GLU A 153 13.82 3.70 -11.37
N LYS A 154 13.84 2.37 -11.29
CA LYS A 154 14.33 1.52 -12.38
C LYS A 154 13.29 0.45 -12.67
N ILE A 155 13.03 0.22 -13.95
CA ILE A 155 12.02 -0.73 -14.42
C ILE A 155 12.70 -1.64 -15.44
N PRO A 156 12.36 -2.93 -15.52
CA PRO A 156 13.01 -3.78 -16.52
C PRO A 156 12.66 -3.37 -17.94
N ASP A 157 13.64 -3.53 -18.83
CA ASP A 157 13.39 -3.30 -20.25
C ASP A 157 12.62 -4.46 -20.88
N VAL A 158 12.81 -5.68 -20.38
CA VAL A 158 12.09 -6.85 -20.86
C VAL A 158 12.25 -7.94 -19.81
N MET A 159 11.19 -8.73 -19.62
CA MET A 159 11.24 -9.80 -18.63
C MET A 159 12.02 -11.00 -19.16
N PRO A 160 12.74 -11.74 -18.29
CA PRO A 160 13.43 -12.96 -18.77
C PRO A 160 12.48 -14.14 -18.83
N THR A 161 11.58 -14.10 -19.81
CA THR A 161 10.49 -15.06 -19.87
C THR A 161 11.01 -16.47 -20.12
N LYS A 162 10.25 -17.44 -19.62
CA LYS A 162 10.48 -18.86 -19.87
C LYS A 162 9.32 -19.54 -20.57
N ILE A 163 8.15 -18.90 -20.63
CA ILE A 163 6.98 -19.41 -21.34
C ILE A 163 6.86 -18.66 -22.66
N PRO A 164 6.49 -19.32 -23.78
CA PRO A 164 6.17 -18.54 -24.99
C PRO A 164 4.85 -17.80 -24.85
N ASN A 165 4.89 -16.64 -24.17
CA ASN A 165 3.66 -15.99 -23.76
C ASN A 165 2.83 -15.49 -24.94
N LEU A 166 3.50 -14.97 -25.97
CA LEU A 166 2.77 -14.33 -27.07
C LEU A 166 1.87 -15.32 -27.80
N LEU A 167 2.38 -16.52 -28.08
CA LEU A 167 1.58 -17.50 -28.80
C LEU A 167 0.48 -18.09 -27.91
N VAL A 168 0.82 -18.44 -26.67
CA VAL A 168 -0.14 -19.15 -25.83
C VAL A 168 -1.29 -18.23 -25.41
N ASN A 169 -0.99 -16.96 -25.10
CA ASN A 169 -2.02 -16.03 -24.63
C ASN A 169 -2.55 -15.09 -25.70
N GLY A 170 -1.90 -15.01 -26.87
CA GLY A 170 -2.42 -14.18 -27.93
C GLY A 170 -2.22 -12.69 -27.64
N SER A 171 -2.83 -11.87 -28.50
CA SER A 171 -2.70 -10.43 -28.36
C SER A 171 -3.78 -9.72 -29.16
N SER A 172 -4.01 -8.46 -28.82
CA SER A 172 -5.00 -7.64 -29.51
C SER A 172 -4.72 -6.18 -29.18
N GLY A 173 -4.60 -5.34 -30.21
CA GLY A 173 -4.27 -3.95 -29.99
C GLY A 173 -4.59 -3.09 -31.18
N ILE A 174 -4.95 -1.83 -30.92
CA ILE A 174 -5.26 -0.84 -31.94
C ILE A 174 -4.30 0.33 -31.77
N ALA A 175 -3.67 0.74 -32.87
CA ALA A 175 -2.72 1.84 -32.86
C ALA A 175 -3.07 2.83 -33.96
N VAL A 176 -2.22 3.82 -34.20
CA VAL A 176 -2.46 4.84 -35.22
C VAL A 176 -1.78 4.38 -36.52
N GLY A 177 -2.60 3.95 -37.48
CA GLY A 177 -2.10 3.48 -38.76
C GLY A 177 -1.96 1.97 -38.89
N MET A 178 -2.12 1.21 -37.80
CA MET A 178 -1.96 -0.24 -37.86
C MET A 178 -2.66 -0.85 -36.64
N ALA A 179 -2.84 -2.16 -36.70
CA ALA A 179 -3.48 -2.90 -35.61
C ALA A 179 -2.95 -4.32 -35.60
N THR A 180 -3.12 -5.00 -34.45
CA THR A 180 -2.61 -6.35 -34.25
C THR A 180 -3.68 -7.23 -33.61
N ASN A 181 -3.72 -8.50 -34.02
CA ASN A 181 -4.72 -9.44 -33.54
C ASN A 181 -4.18 -10.85 -33.73
N ILE A 182 -3.90 -11.54 -32.63
CA ILE A 182 -3.26 -12.87 -32.65
C ILE A 182 -4.05 -13.77 -31.70
N PRO A 183 -4.47 -14.98 -32.10
CA PRO A 183 -5.31 -15.79 -31.21
C PRO A 183 -4.46 -16.60 -30.23
N PRO A 184 -5.08 -17.29 -29.27
CA PRO A 184 -4.31 -18.11 -28.33
C PRO A 184 -3.83 -19.40 -28.98
N HIS A 185 -3.08 -20.20 -28.21
CA HIS A 185 -2.56 -21.48 -28.65
C HIS A 185 -2.42 -22.38 -27.43
N ASN A 186 -2.04 -23.63 -27.67
CA ASN A 186 -1.81 -24.62 -26.63
C ASN A 186 -0.33 -24.68 -26.28
N LEU A 187 -0.02 -24.95 -25.01
CA LEU A 187 1.37 -24.89 -24.56
C LEU A 187 2.17 -26.08 -25.04
N THR A 188 1.60 -27.29 -24.95
CA THR A 188 2.36 -28.49 -25.30
C THR A 188 2.74 -28.50 -26.77
N GLU A 189 1.81 -28.11 -27.65
CA GLU A 189 2.11 -28.09 -29.07
C GLU A 189 3.21 -27.08 -29.39
N VAL A 190 3.15 -25.91 -28.76
CA VAL A 190 4.17 -24.89 -29.00
C VAL A 190 5.54 -25.37 -28.51
N ILE A 191 5.58 -26.03 -27.36
CA ILE A 191 6.86 -26.54 -26.86
C ILE A 191 7.41 -27.62 -27.78
N ASN A 192 6.54 -28.50 -28.28
CA ASN A 192 7.00 -29.52 -29.23
C ASN A 192 7.53 -28.89 -30.50
N GLY A 193 6.86 -27.84 -31.00
CA GLY A 193 7.37 -27.14 -32.15
C GLY A 193 8.72 -26.50 -31.92
N CYS A 194 8.90 -25.89 -30.75
CA CYS A 194 10.19 -25.29 -30.42
C CYS A 194 11.29 -26.33 -30.35
N LEU A 195 11.01 -27.48 -29.74
CA LEU A 195 12.01 -28.55 -29.69
C LEU A 195 12.34 -29.06 -31.08
N ALA A 196 11.32 -29.20 -31.95
CA ALA A 196 11.58 -29.63 -33.32
C ALA A 196 12.44 -28.62 -34.05
N TYR A 197 12.18 -27.33 -33.84
CA TYR A 197 13.01 -26.30 -34.47
C TYR A 197 14.45 -26.38 -33.99
N ILE A 198 14.64 -26.60 -32.69
CA ILE A 198 16.00 -26.70 -32.16
C ILE A 198 16.71 -27.91 -32.74
N ASP A 199 15.98 -29.01 -32.94
CA ASP A 199 16.60 -30.21 -33.50
C ASP A 199 17.00 -30.03 -34.96
N ASP A 200 16.30 -29.19 -35.71
CA ASP A 200 16.62 -28.95 -37.11
C ASP A 200 16.30 -27.51 -37.42
N GLU A 201 17.32 -26.72 -37.74
CA GLU A 201 17.16 -25.27 -37.89
C GLU A 201 16.63 -24.85 -39.25
N ASP A 202 16.62 -25.75 -40.25
CA ASP A 202 16.08 -25.47 -41.57
C ASP A 202 14.68 -26.03 -41.76
N ILE A 203 13.91 -26.15 -40.67
CA ILE A 203 12.59 -26.74 -40.76
C ILE A 203 11.66 -25.82 -41.54
N SER A 204 10.74 -26.40 -42.30
CA SER A 204 9.77 -25.68 -43.10
C SER A 204 8.46 -25.52 -42.33
N ILE A 205 7.49 -24.88 -42.97
CA ILE A 205 6.22 -24.60 -42.30
C ILE A 205 5.45 -25.89 -42.03
N GLU A 206 5.54 -26.86 -42.95
CA GLU A 206 4.78 -28.10 -42.78
C GLU A 206 5.26 -28.88 -41.58
N GLY A 207 6.57 -28.94 -41.36
CA GLY A 207 7.08 -29.64 -40.20
C GLY A 207 6.62 -29.04 -38.89
N LEU A 208 6.53 -27.71 -38.84
CA LEU A 208 6.00 -27.05 -37.65
C LEU A 208 4.50 -27.32 -37.51
N MET A 209 3.75 -27.28 -38.61
CA MET A 209 2.30 -27.49 -38.51
C MET A 209 1.93 -28.94 -38.25
N GLU A 210 2.87 -29.88 -38.40
CA GLU A 210 2.58 -31.24 -37.93
C GLU A 210 2.38 -31.28 -36.43
N HIS A 211 3.04 -30.39 -35.69
CA HIS A 211 2.91 -30.31 -34.24
C HIS A 211 1.91 -29.27 -33.78
N ILE A 212 1.58 -28.28 -34.61
CA ILE A 212 0.71 -27.17 -34.24
C ILE A 212 -0.43 -27.08 -35.25
N PRO A 213 -1.50 -27.87 -35.11
CA PRO A 213 -2.59 -27.80 -36.11
C PRO A 213 -3.26 -26.44 -36.21
N GLY A 214 -3.43 -25.72 -35.10
CA GLY A 214 -4.13 -24.47 -35.13
C GLY A 214 -4.38 -23.87 -33.76
N PRO A 215 -5.14 -22.78 -33.69
CA PRO A 215 -5.40 -22.13 -32.40
C PRO A 215 -6.17 -23.04 -31.45
N ASP A 216 -6.32 -22.55 -30.22
CA ASP A 216 -7.02 -23.29 -29.17
C ASP A 216 -7.62 -22.27 -28.21
N PHE A 217 -8.90 -21.96 -28.40
CA PHE A 217 -9.54 -20.91 -27.64
C PHE A 217 -9.95 -21.41 -26.25
N PRO A 218 -10.08 -20.52 -25.26
CA PRO A 218 -10.51 -20.98 -23.93
C PRO A 218 -11.90 -21.58 -23.90
N THR A 219 -12.82 -21.11 -24.74
CA THR A 219 -14.23 -21.47 -24.63
C THR A 219 -14.59 -22.75 -25.40
N ALA A 220 -13.66 -23.35 -26.12
CA ALA A 220 -13.86 -24.67 -26.74
C ALA A 220 -15.00 -24.64 -27.77
N ALA A 221 -14.83 -23.81 -28.79
CA ALA A 221 -15.75 -23.75 -29.91
C ALA A 221 -15.31 -24.75 -30.98
N ILE A 222 -15.89 -24.66 -32.17
CA ILE A 222 -15.51 -25.47 -33.32
C ILE A 222 -14.99 -24.53 -34.41
N ILE A 223 -13.82 -24.84 -34.95
CA ILE A 223 -13.25 -24.08 -36.06
C ILE A 223 -13.71 -24.72 -37.35
N ASN A 224 -14.37 -23.92 -38.20
CA ASN A 224 -14.97 -24.40 -39.44
C ASN A 224 -14.10 -23.97 -40.61
N GLY A 225 -13.13 -24.80 -40.96
CA GLY A 225 -12.23 -24.54 -42.07
C GLY A 225 -10.81 -24.95 -41.72
N ARG A 226 -9.97 -25.07 -42.76
CA ARG A 226 -8.57 -25.42 -42.58
C ARG A 226 -7.64 -24.64 -43.51
N ARG A 227 -8.14 -23.69 -44.30
CA ARG A 227 -7.31 -22.93 -45.22
C ARG A 227 -6.82 -21.62 -44.62
N GLY A 228 -7.65 -20.94 -43.84
CA GLY A 228 -7.23 -19.69 -43.23
C GLY A 228 -6.08 -19.86 -42.27
N ILE A 229 -6.04 -20.97 -41.54
CA ILE A 229 -4.94 -21.22 -40.61
C ILE A 229 -3.63 -21.33 -41.37
N GLU A 230 -3.62 -22.10 -42.46
CA GLU A 230 -2.41 -22.24 -43.26
C GLU A 230 -1.99 -20.92 -43.88
N GLU A 231 -2.95 -20.15 -44.40
CA GLU A 231 -2.62 -18.86 -44.99
C GLU A 231 -2.02 -17.91 -43.97
N ALA A 232 -2.61 -17.86 -42.76
CA ALA A 232 -2.11 -16.97 -41.73
C ALA A 232 -0.72 -17.39 -41.26
N TYR A 233 -0.50 -18.69 -41.07
CA TYR A 233 0.81 -19.15 -40.62
C TYR A 233 1.87 -19.03 -41.71
N ARG A 234 1.48 -18.94 -42.98
CA ARG A 234 2.45 -18.79 -44.06
C ARG A 234 2.78 -17.34 -44.36
N THR A 235 1.79 -16.43 -44.33
CA THR A 235 1.99 -15.03 -44.68
C THR A 235 1.75 -14.05 -43.55
N GLY A 236 1.14 -14.48 -42.44
CA GLY A 236 0.85 -13.60 -41.32
C GLY A 236 -0.50 -12.91 -41.36
N ARG A 237 -1.30 -13.12 -42.40
CA ARG A 237 -2.64 -12.55 -42.52
C ARG A 237 -3.60 -13.64 -42.98
N GLY A 238 -4.77 -13.71 -42.34
CA GLY A 238 -5.73 -14.73 -42.71
C GLY A 238 -7.06 -14.50 -42.03
N LYS A 239 -7.99 -15.42 -42.29
CA LYS A 239 -9.35 -15.31 -41.77
C LYS A 239 -9.90 -16.70 -41.51
N VAL A 240 -10.55 -16.88 -40.36
CA VAL A 240 -11.12 -18.16 -39.96
C VAL A 240 -12.53 -17.92 -39.44
N TYR A 241 -13.31 -19.00 -39.36
CA TYR A 241 -14.69 -18.97 -38.89
C TYR A 241 -14.83 -19.86 -37.67
N ILE A 242 -15.37 -19.29 -36.59
CA ILE A 242 -15.60 -20.01 -35.34
C ILE A 242 -17.10 -20.27 -35.23
N ARG A 243 -17.45 -21.53 -34.98
CA ARG A 243 -18.83 -21.99 -34.94
C ARG A 243 -19.14 -22.58 -33.57
N ALA A 244 -20.38 -22.38 -33.12
CA ALA A 244 -20.80 -22.89 -31.83
C ALA A 244 -20.97 -24.41 -31.89
N ARG A 245 -21.35 -25.00 -30.76
CA ARG A 245 -21.66 -26.41 -30.66
C ARG A 245 -23.14 -26.56 -30.33
N ALA A 246 -23.87 -27.29 -31.16
CA ALA A 246 -25.30 -27.50 -30.97
C ALA A 246 -25.69 -28.82 -31.59
N GLU A 247 -26.84 -29.33 -31.17
CA GLU A 247 -27.33 -30.62 -31.65
C GLU A 247 -28.85 -30.64 -31.54
N VAL A 248 -29.47 -31.57 -32.26
CA VAL A 248 -30.91 -31.75 -32.29
C VAL A 248 -31.23 -33.14 -31.77
N GLU A 249 -32.15 -33.21 -30.81
CA GLU A 249 -32.51 -34.46 -30.15
C GLU A 249 -34.02 -34.68 -30.26
N VAL A 250 -34.40 -35.95 -30.35
CA VAL A 250 -35.79 -36.37 -30.49
C VAL A 250 -36.13 -37.31 -29.34
N ASP A 251 -37.21 -37.00 -28.62
CA ASP A 251 -37.64 -37.79 -27.47
C ASP A 251 -38.81 -38.71 -27.82
N ALA A 252 -39.12 -38.89 -29.09
CA ALA A 252 -40.20 -39.78 -29.54
C ALA A 252 -41.51 -39.21 -29.01
N LYS A 253 -42.41 -40.03 -28.44
CA LYS A 253 -43.70 -39.57 -27.94
C LYS A 253 -44.51 -38.89 -29.05
N THR A 254 -44.45 -37.56 -29.14
CA THR A 254 -45.19 -36.80 -30.14
C THR A 254 -44.29 -36.24 -31.23
N GLY A 255 -43.11 -36.82 -31.42
CA GLY A 255 -42.19 -36.33 -32.44
C GLY A 255 -41.69 -34.94 -32.18
N ARG A 256 -41.36 -34.62 -30.92
CA ARG A 256 -40.86 -33.30 -30.58
C ARG A 256 -39.39 -33.17 -30.95
N GLU A 257 -38.99 -31.94 -31.29
CA GLU A 257 -37.61 -31.60 -31.57
C GLU A 257 -37.22 -30.38 -30.75
N THR A 258 -36.04 -30.45 -30.13
CA THR A 258 -35.50 -29.35 -29.35
C THR A 258 -34.02 -29.21 -29.67
N ILE A 259 -33.52 -27.97 -29.61
CA ILE A 259 -32.14 -27.64 -29.90
C ILE A 259 -31.47 -27.25 -28.58
N ILE A 260 -30.39 -27.93 -28.26
CA ILE A 260 -29.62 -27.70 -27.03
C ILE A 260 -28.27 -27.13 -27.43
N VAL A 261 -27.99 -25.91 -26.98
CA VAL A 261 -26.72 -25.23 -27.26
C VAL A 261 -25.84 -25.36 -26.02
N HIS A 262 -24.62 -25.87 -26.23
CA HIS A 262 -23.66 -26.12 -25.16
C HIS A 262 -22.55 -25.09 -25.13
N GLU A 263 -21.82 -24.91 -26.24
CA GLU A 263 -20.63 -24.07 -26.29
C GLU A 263 -20.81 -22.99 -27.34
N ILE A 264 -20.36 -21.78 -27.01
CA ILE A 264 -20.53 -20.60 -27.87
C ILE A 264 -19.16 -20.18 -28.40
N PRO A 265 -19.09 -19.28 -29.39
CA PRO A 265 -17.77 -18.84 -29.88
C PRO A 265 -17.00 -18.01 -28.87
N TYR A 266 -15.83 -17.52 -29.29
CA TYR A 266 -14.96 -16.73 -28.45
C TYR A 266 -15.32 -15.26 -28.55
N GLN A 267 -15.34 -14.58 -27.40
CA GLN A 267 -15.72 -13.17 -27.29
C GLN A 267 -17.16 -12.94 -27.76
N VAL A 268 -18.09 -13.59 -27.06
CA VAL A 268 -19.52 -13.42 -27.30
C VAL A 268 -20.22 -13.35 -25.94
N ASN A 269 -21.10 -12.37 -25.78
CA ASN A 269 -21.89 -12.23 -24.57
C ASN A 269 -23.18 -13.02 -24.71
N LYS A 270 -23.44 -13.90 -23.73
CA LYS A 270 -24.56 -14.82 -23.84
C LYS A 270 -25.90 -14.09 -23.77
N ALA A 271 -26.02 -13.10 -22.88
CA ALA A 271 -27.28 -12.39 -22.73
C ALA A 271 -27.64 -11.64 -24.01
N ARG A 272 -26.67 -11.02 -24.66
CA ARG A 272 -26.94 -10.32 -25.91
C ARG A 272 -27.42 -11.30 -26.98
N LEU A 273 -26.81 -12.48 -27.04
CA LEU A 273 -27.24 -13.49 -28.01
C LEU A 273 -28.68 -13.91 -27.75
N ILE A 274 -29.02 -14.16 -26.48
CA ILE A 274 -30.38 -14.61 -26.15
C ILE A 274 -31.39 -13.53 -26.51
N GLU A 275 -31.10 -12.28 -26.14
CA GLU A 275 -32.06 -11.21 -26.41
C GLU A 275 -32.15 -10.92 -27.90
N LYS A 276 -31.06 -11.07 -28.65
CA LYS A 276 -31.12 -10.90 -30.09
C LYS A 276 -31.98 -11.97 -30.73
N ILE A 277 -31.86 -13.23 -30.28
CA ILE A 277 -32.72 -14.28 -30.81
C ILE A 277 -34.18 -14.00 -30.48
N ALA A 278 -34.44 -13.52 -29.26
CA ALA A 278 -35.81 -13.17 -28.87
C ALA A 278 -36.36 -12.06 -29.75
N GLU A 279 -35.56 -11.03 -30.03
CA GLU A 279 -35.99 -9.95 -30.90
C GLU A 279 -36.27 -10.45 -32.31
N LEU A 280 -35.41 -11.33 -32.82
CA LEU A 280 -35.60 -11.84 -34.18
C LEU A 280 -36.89 -12.65 -34.28
N VAL A 281 -37.14 -13.54 -33.31
CA VAL A 281 -38.37 -14.33 -33.39
C VAL A 281 -39.59 -13.45 -33.16
N LYS A 282 -39.45 -12.36 -32.39
CA LYS A 282 -40.58 -11.46 -32.19
C LYS A 282 -40.98 -10.78 -33.50
N GLU A 283 -40.01 -10.39 -34.31
CA GLU A 283 -40.26 -9.72 -35.59
C GLU A 283 -40.60 -10.69 -36.72
N LYS A 284 -40.73 -11.99 -36.44
CA LYS A 284 -41.08 -13.00 -37.43
C LYS A 284 -40.02 -13.14 -38.52
N ARG A 285 -38.78 -12.74 -38.24
CA ARG A 285 -37.70 -12.90 -39.20
C ARG A 285 -37.18 -14.33 -39.26
N VAL A 286 -37.44 -15.14 -38.23
CA VAL A 286 -37.06 -16.55 -38.19
C VAL A 286 -38.31 -17.36 -37.89
N GLU A 287 -38.60 -18.34 -38.74
CA GLU A 287 -39.79 -19.17 -38.61
C GLU A 287 -39.44 -20.51 -37.99
N GLY A 288 -40.38 -21.03 -37.20
CA GLY A 288 -40.26 -22.35 -36.62
C GLY A 288 -39.76 -22.39 -35.19
N ILE A 289 -39.61 -21.26 -34.53
CA ILE A 289 -39.14 -21.19 -33.15
C ILE A 289 -40.33 -20.90 -32.25
N SER A 290 -40.58 -21.79 -31.30
CA SER A 290 -41.72 -21.67 -30.38
C SER A 290 -41.32 -21.05 -29.06
N ALA A 291 -40.27 -21.57 -28.42
CA ALA A 291 -39.89 -21.13 -27.08
C ALA A 291 -38.37 -21.16 -26.93
N LEU A 292 -37.88 -20.32 -26.01
CA LEU A 292 -36.45 -20.18 -25.73
C LEU A 292 -36.26 -20.07 -24.22
N ARG A 293 -35.24 -20.77 -23.71
CA ARG A 293 -34.95 -20.74 -22.28
C ARG A 293 -33.45 -20.92 -22.06
N ASP A 294 -32.98 -20.41 -20.92
CA ASP A 294 -31.62 -20.60 -20.46
C ASP A 294 -31.65 -21.37 -19.15
N GLU A 295 -30.81 -22.41 -19.04
CA GLU A 295 -30.82 -23.30 -17.89
C GLU A 295 -29.41 -23.63 -17.42
N SER A 296 -28.47 -22.69 -17.57
CA SER A 296 -27.09 -22.91 -17.14
C SER A 296 -26.98 -22.64 -15.65
N ASP A 297 -26.60 -23.66 -14.87
CA ASP A 297 -26.59 -23.54 -13.41
C ASP A 297 -25.48 -24.43 -12.84
N LYS A 298 -24.30 -23.84 -12.63
CA LYS A 298 -23.23 -24.35 -11.78
C LYS A 298 -22.54 -25.60 -12.31
N ASP A 299 -22.98 -26.16 -13.44
CA ASP A 299 -22.41 -27.39 -14.01
C ASP A 299 -21.98 -27.20 -15.46
N GLY A 300 -22.70 -26.40 -16.23
CA GLY A 300 -22.36 -26.19 -17.62
C GLY A 300 -23.33 -25.22 -18.25
N MET A 301 -23.10 -24.94 -19.52
CA MET A 301 -23.91 -24.02 -20.29
C MET A 301 -24.93 -24.81 -21.09
N ARG A 302 -26.20 -24.40 -21.01
CA ARG A 302 -27.27 -25.03 -21.76
C ARG A 302 -28.28 -23.97 -22.14
N ILE A 303 -28.60 -23.89 -23.44
CA ILE A 303 -29.69 -23.05 -23.94
C ILE A 303 -30.64 -23.94 -24.70
N VAL A 304 -31.92 -23.90 -24.36
CA VAL A 304 -32.94 -24.78 -24.91
C VAL A 304 -33.83 -23.97 -25.84
N ILE A 305 -34.05 -24.48 -27.05
CA ILE A 305 -34.94 -23.88 -28.03
C ILE A 305 -35.93 -24.95 -28.48
N GLU A 306 -37.22 -24.68 -28.26
CA GLU A 306 -38.30 -25.57 -28.68
C GLU A 306 -38.91 -25.02 -29.96
N VAL A 307 -39.02 -25.88 -30.97
CA VAL A 307 -39.46 -25.50 -32.31
C VAL A 307 -40.87 -26.02 -32.54
N LYS A 308 -41.56 -25.42 -33.50
CA LYS A 308 -42.92 -25.80 -33.82
C LYS A 308 -42.96 -27.19 -34.45
N ARG A 309 -44.16 -27.77 -34.50
CA ARG A 309 -44.35 -29.09 -35.09
C ARG A 309 -44.40 -29.07 -36.61
N ASP A 310 -44.54 -27.89 -37.23
CA ASP A 310 -44.63 -27.74 -38.67
C ASP A 310 -43.33 -27.20 -39.26
N ALA A 311 -42.20 -27.61 -38.68
CA ALA A 311 -40.89 -27.17 -39.15
C ALA A 311 -39.86 -28.23 -38.82
N VAL A 312 -38.71 -28.15 -39.48
CA VAL A 312 -37.61 -29.10 -39.32
C VAL A 312 -36.45 -28.39 -38.64
N GLY A 313 -35.80 -29.10 -37.72
CA GLY A 313 -34.77 -28.46 -36.91
C GLY A 313 -33.55 -28.02 -37.70
N GLU A 314 -33.19 -28.79 -38.73
CA GLU A 314 -31.96 -28.49 -39.47
C GLU A 314 -32.04 -27.15 -40.18
N VAL A 315 -33.19 -26.85 -40.80
CA VAL A 315 -33.33 -25.61 -41.54
C VAL A 315 -33.21 -24.41 -40.60
N VAL A 316 -33.91 -24.46 -39.46
CA VAL A 316 -33.83 -23.34 -38.52
C VAL A 316 -32.44 -23.23 -37.92
N LEU A 317 -31.76 -24.37 -37.70
CA LEU A 317 -30.41 -24.31 -37.18
C LEU A 317 -29.47 -23.64 -38.17
N ASN A 318 -29.58 -23.98 -39.45
CA ASN A 318 -28.74 -23.34 -40.46
C ASN A 318 -29.07 -21.86 -40.60
N ASN A 319 -30.36 -21.50 -40.50
CA ASN A 319 -30.74 -20.09 -40.53
C ASN A 319 -30.13 -19.34 -39.35
N LEU A 320 -30.14 -19.95 -38.17
CA LEU A 320 -29.52 -19.32 -37.02
C LEU A 320 -28.02 -19.14 -37.22
N TYR A 321 -27.35 -20.16 -37.77
CA TYR A 321 -25.92 -20.04 -38.04
C TYR A 321 -25.65 -18.91 -39.02
N SER A 322 -26.50 -18.75 -40.03
CA SER A 322 -26.28 -17.71 -41.03
C SER A 322 -26.62 -16.32 -40.51
N GLN A 323 -27.59 -16.20 -39.59
CA GLN A 323 -28.14 -14.92 -39.19
C GLN A 323 -27.54 -14.39 -37.89
N THR A 324 -27.67 -15.12 -36.79
CA THR A 324 -27.33 -14.60 -35.47
C THR A 324 -25.82 -14.71 -35.25
N GLN A 325 -25.38 -14.45 -34.01
CA GLN A 325 -23.97 -14.43 -33.67
C GLN A 325 -23.46 -15.80 -33.21
N LEU A 326 -24.11 -16.89 -33.63
CA LEU A 326 -23.62 -18.22 -33.31
C LEU A 326 -22.41 -18.63 -34.15
N GLN A 327 -22.18 -17.97 -35.28
CA GLN A 327 -20.97 -18.16 -36.08
C GLN A 327 -20.33 -16.79 -36.29
N VAL A 328 -19.03 -16.71 -36.02
CA VAL A 328 -18.29 -15.45 -36.08
C VAL A 328 -17.06 -15.62 -36.95
N SER A 329 -16.55 -14.50 -37.43
CA SER A 329 -15.36 -14.45 -38.28
C SER A 329 -14.23 -13.76 -37.52
N PHE A 330 -13.07 -14.42 -37.49
CA PHE A 330 -11.89 -13.95 -36.78
C PHE A 330 -10.79 -13.68 -37.79
N GLY A 331 -10.28 -12.45 -37.79
CA GLY A 331 -9.23 -12.05 -38.72
C GLY A 331 -7.86 -12.04 -38.09
N ILE A 332 -7.02 -12.99 -38.48
CA ILE A 332 -5.67 -13.11 -37.93
C ILE A 332 -4.76 -12.12 -38.64
N ASN A 333 -4.06 -11.29 -37.86
CA ASN A 333 -3.18 -10.26 -38.39
C ASN A 333 -2.07 -10.04 -37.37
N MET A 334 -0.89 -10.62 -37.64
CA MET A 334 0.21 -10.66 -36.68
C MET A 334 1.14 -9.48 -36.93
N VAL A 335 1.12 -8.52 -36.02
CA VAL A 335 2.03 -7.38 -36.04
C VAL A 335 2.67 -7.27 -34.66
N ALA A 336 3.99 -7.07 -34.61
CA ALA A 336 4.70 -7.01 -33.35
C ALA A 336 5.96 -6.19 -33.51
N LEU A 337 6.51 -5.76 -32.37
CA LEU A 337 7.76 -5.00 -32.35
C LEU A 337 8.94 -5.95 -32.37
N HIS A 338 9.83 -5.77 -33.34
CA HIS A 338 11.02 -6.62 -33.45
C HIS A 338 12.21 -6.01 -32.71
N HIS A 339 12.61 -4.79 -33.10
CA HIS A 339 13.67 -4.03 -32.45
C HIS A 339 13.20 -2.61 -32.18
N GLY A 340 11.97 -2.49 -31.68
CA GLY A 340 11.36 -1.18 -31.53
C GLY A 340 10.74 -0.64 -32.79
N GLN A 341 10.38 -1.50 -33.75
CA GLN A 341 9.78 -1.12 -35.01
C GLN A 341 8.68 -2.13 -35.31
N PRO A 342 7.48 -1.69 -35.73
CA PRO A 342 6.45 -2.68 -36.08
C PRO A 342 6.87 -3.54 -37.26
N LYS A 343 6.40 -4.78 -37.26
CA LYS A 343 6.72 -5.70 -38.35
C LYS A 343 5.69 -6.82 -38.37
N ILE A 344 5.43 -7.34 -39.57
CA ILE A 344 4.53 -8.47 -39.78
C ILE A 344 5.36 -9.74 -39.85
N MET A 345 5.00 -10.73 -39.05
CA MET A 345 5.81 -11.92 -38.85
C MET A 345 4.97 -13.18 -39.09
N ASN A 346 5.65 -14.33 -39.05
CA ASN A 346 5.02 -15.63 -39.12
C ASN A 346 5.56 -16.52 -38.00
N LEU A 347 5.21 -17.81 -38.00
CA LEU A 347 5.50 -18.67 -36.86
C LEU A 347 7.01 -18.83 -36.64
N LYS A 348 7.75 -19.03 -37.73
CA LYS A 348 9.18 -19.33 -37.61
C LYS A 348 9.95 -18.16 -37.01
N ASP A 349 9.58 -16.94 -37.37
CA ASP A 349 10.25 -15.77 -36.82
C ASP A 349 10.06 -15.67 -35.32
N ILE A 350 8.84 -15.93 -34.85
CA ILE A 350 8.56 -15.87 -33.41
C ILE A 350 9.36 -16.94 -32.68
N ILE A 351 9.40 -18.15 -33.24
CA ILE A 351 10.15 -19.23 -32.59
C ILE A 351 11.64 -18.88 -32.51
N ALA A 352 12.20 -18.35 -33.60
CA ALA A 352 13.61 -17.98 -33.60
C ALA A 352 13.90 -16.88 -32.58
N ALA A 353 13.00 -15.90 -32.48
CA ALA A 353 13.19 -14.82 -31.51
C ALA A 353 13.21 -15.36 -30.09
N PHE A 354 12.28 -16.27 -29.78
CA PHE A 354 12.25 -16.86 -28.44
C PHE A 354 13.54 -17.63 -28.14
N VAL A 355 14.02 -18.40 -29.12
CA VAL A 355 15.23 -19.20 -28.90
C VAL A 355 16.44 -18.28 -28.65
N ARG A 356 16.57 -17.21 -29.43
CA ARG A 356 17.69 -16.29 -29.23
C ARG A 356 17.61 -15.62 -27.85
N HIS A 357 16.40 -15.24 -27.43
CA HIS A 357 16.23 -14.67 -26.10
C HIS A 357 16.70 -15.63 -25.02
N ARG A 358 16.32 -16.91 -25.15
CA ARG A 358 16.75 -17.89 -24.15
C ARG A 358 18.26 -18.04 -24.12
N ARG A 359 18.90 -18.06 -25.30
CA ARG A 359 20.36 -18.17 -25.33
C ARG A 359 21.01 -17.01 -24.59
N GLU A 360 20.56 -15.78 -24.86
CA GLU A 360 21.14 -14.62 -24.19
C GLU A 360 20.96 -14.69 -22.68
N VAL A 361 19.76 -15.05 -22.23
CA VAL A 361 19.49 -15.08 -20.79
C VAL A 361 20.37 -16.10 -20.10
N VAL A 362 20.50 -17.30 -20.69
CA VAL A 362 21.31 -18.34 -20.06
C VAL A 362 22.77 -17.93 -19.99
N THR A 363 23.28 -17.28 -21.04
CA THR A 363 24.68 -16.84 -21.02
C THR A 363 24.94 -15.84 -19.90
N ARG A 364 24.06 -14.85 -19.76
CA ARG A 364 24.27 -13.85 -18.71
C ARG A 364 24.19 -14.47 -17.33
N ARG A 365 23.23 -15.38 -17.13
CA ARG A 365 23.11 -16.06 -15.83
C ARG A 365 24.38 -16.84 -15.51
N THR A 366 24.93 -17.54 -16.49
CA THR A 366 26.15 -18.31 -16.25
C THR A 366 27.31 -17.41 -15.84
N ILE A 367 27.45 -16.25 -16.51
CA ILE A 367 28.55 -15.35 -16.15
C ILE A 367 28.40 -14.86 -14.70
N PHE A 368 27.19 -14.49 -14.31
CA PHE A 368 26.98 -14.02 -12.94
C PHE A 368 27.31 -15.10 -11.92
N GLU A 369 26.87 -16.33 -12.17
CA GLU A 369 27.13 -17.42 -11.23
C GLU A 369 28.63 -17.69 -11.12
N LEU A 370 29.35 -17.64 -12.25
CA LEU A 370 30.79 -17.87 -12.21
C LEU A 370 31.48 -16.82 -11.35
N ARG A 371 31.09 -15.56 -11.49
CA ARG A 371 31.71 -14.50 -10.70
C ARG A 371 31.48 -14.74 -9.20
N LYS A 372 30.24 -15.07 -8.82
CA LYS A 372 29.95 -15.31 -7.41
C LYS A 372 30.78 -16.47 -6.85
N ALA A 373 30.86 -17.57 -7.61
CA ALA A 373 31.60 -18.73 -7.14
C ALA A 373 33.08 -18.38 -6.94
N ARG A 374 33.67 -17.63 -7.88
CA ARG A 374 35.07 -17.25 -7.74
C ARG A 374 35.30 -16.41 -6.49
N ASP A 375 34.41 -15.44 -6.22
CA ASP A 375 34.58 -14.61 -5.02
C ASP A 375 34.52 -15.45 -3.75
N ARG A 376 33.55 -16.37 -3.67
CA ARG A 376 33.42 -17.16 -2.46
C ARG A 376 34.62 -18.07 -2.26
N ALA A 377 35.12 -18.68 -3.34
CA ALA A 377 36.32 -19.51 -3.24
C ALA A 377 37.52 -18.69 -2.78
N HIS A 378 37.64 -17.46 -3.26
CA HIS A 378 38.74 -16.60 -2.84
C HIS A 378 38.69 -16.35 -1.34
N ILE A 379 37.50 -16.08 -0.79
CA ILE A 379 37.41 -15.87 0.66
C ILE A 379 37.76 -17.14 1.42
N LEU A 380 37.24 -18.29 0.96
CA LEU A 380 37.47 -19.52 1.70
C LEU A 380 38.94 -19.94 1.70
N GLU A 381 39.69 -19.57 0.65
CA GLU A 381 41.12 -19.86 0.66
C GLU A 381 41.81 -19.18 1.84
N ALA A 382 41.53 -17.90 2.05
CA ALA A 382 42.13 -17.17 3.15
C ALA A 382 41.69 -17.74 4.49
N LEU A 383 40.41 -18.09 4.63
CA LEU A 383 39.95 -18.67 5.89
C LEU A 383 40.68 -19.98 6.19
N ALA A 384 40.81 -20.84 5.19
CA ALA A 384 41.49 -22.11 5.40
C ALA A 384 42.96 -21.90 5.75
N VAL A 385 43.62 -20.94 5.10
CA VAL A 385 45.02 -20.67 5.41
C VAL A 385 45.16 -20.18 6.84
N ALA A 386 44.25 -19.30 7.27
CA ALA A 386 44.34 -18.75 8.62
C ALA A 386 44.11 -19.82 9.68
N LEU A 387 43.18 -20.75 9.42
CA LEU A 387 42.87 -21.77 10.43
C LEU A 387 44.04 -22.70 10.73
N ALA A 388 45.05 -22.76 9.87
CA ALA A 388 46.17 -23.68 10.05
C ALA A 388 47.35 -23.07 10.81
N ASN A 389 47.26 -21.80 11.21
CA ASN A 389 48.33 -21.10 11.93
C ASN A 389 47.76 -20.35 13.11
N ILE A 390 46.97 -21.05 13.94
CA ILE A 390 46.20 -20.40 14.99
C ILE A 390 47.12 -19.74 16.01
N ASP A 391 48.16 -20.44 16.46
CA ASP A 391 48.97 -19.95 17.57
C ASP A 391 49.70 -18.64 17.24
N PRO A 392 50.45 -18.53 16.14
CA PRO A 392 51.06 -17.23 15.83
C PRO A 392 50.04 -16.13 15.63
N ILE A 393 48.87 -16.45 15.05
CA ILE A 393 47.87 -15.42 14.79
C ILE A 393 47.32 -14.88 16.10
N ILE A 394 46.99 -15.75 17.04
CA ILE A 394 46.44 -15.28 18.31
C ILE A 394 47.52 -14.54 19.10
N GLU A 395 48.77 -14.99 19.03
CA GLU A 395 49.84 -14.26 19.70
C GLU A 395 49.98 -12.84 19.13
N LEU A 396 49.97 -12.72 17.80
CA LEU A 396 50.08 -11.42 17.17
C LEU A 396 48.89 -10.53 17.53
N ILE A 397 47.67 -11.10 17.55
CA ILE A 397 46.50 -10.32 17.89
C ILE A 397 46.58 -9.84 19.34
N ARG A 398 47.00 -10.72 20.26
CA ARG A 398 47.10 -10.33 21.66
C ARG A 398 48.12 -9.22 21.86
N HIS A 399 49.27 -9.33 21.19
CA HIS A 399 50.30 -8.29 21.39
C HIS A 399 49.88 -6.95 20.79
N ALA A 400 49.02 -6.95 19.78
CA ALA A 400 48.62 -5.70 19.16
C ALA A 400 47.71 -4.90 20.10
N PRO A 401 47.80 -3.56 20.11
CA PRO A 401 46.92 -2.78 20.99
C PRO A 401 45.57 -2.44 20.37
N THR A 402 45.52 -2.37 19.04
CA THR A 402 44.35 -1.94 18.29
C THR A 402 44.09 -2.92 17.16
N PRO A 403 42.82 -3.12 16.75
CA PRO A 403 42.58 -4.00 15.61
C PRO A 403 43.25 -3.54 14.32
N ALA A 404 43.36 -2.23 14.09
CA ALA A 404 44.00 -1.75 12.85
C ALA A 404 45.48 -2.14 12.80
N GLU A 405 46.18 -1.98 13.94
CA GLU A 405 47.57 -2.39 13.98
C GLU A 405 47.72 -3.89 13.79
N ALA A 406 46.79 -4.67 14.34
CA ALA A 406 46.81 -6.12 14.14
C ALA A 406 46.62 -6.46 12.67
N LYS A 407 45.70 -5.77 11.98
CA LYS A 407 45.48 -6.03 10.57
C LYS A 407 46.73 -5.68 9.76
N THR A 408 47.36 -4.55 10.07
CA THR A 408 48.58 -4.19 9.35
C THR A 408 49.68 -5.20 9.58
N ALA A 409 49.82 -5.68 10.82
CA ALA A 409 50.84 -6.68 11.11
C ALA A 409 50.55 -7.99 10.39
N LEU A 410 49.28 -8.40 10.32
CA LEU A 410 48.93 -9.61 9.58
C LEU A 410 49.26 -9.46 8.10
N VAL A 411 48.93 -8.32 7.51
CA VAL A 411 49.18 -8.12 6.08
C VAL A 411 50.66 -7.92 5.78
N ALA A 412 51.47 -7.53 6.78
CA ALA A 412 52.84 -7.12 6.52
C ALA A 412 53.69 -8.25 5.96
N ASN A 413 53.70 -9.40 6.62
CA ASN A 413 54.58 -10.51 6.29
C ASN A 413 53.83 -11.65 5.61
N PRO A 414 54.53 -12.51 4.86
CA PRO A 414 53.86 -13.69 4.29
C PRO A 414 53.59 -14.74 5.35
N TRP A 415 52.75 -15.72 4.98
CA TRP A 415 52.41 -16.85 5.82
C TRP A 415 52.69 -18.14 5.07
N GLN A 416 53.38 -19.07 5.73
CA GLN A 416 53.66 -20.36 5.12
C GLN A 416 52.38 -21.16 4.97
N LEU A 417 52.33 -21.96 3.90
CA LEU A 417 51.10 -22.69 3.57
C LEU A 417 50.76 -23.71 4.64
N GLY A 418 51.76 -24.43 5.15
CA GLY A 418 51.52 -25.46 6.13
C GLY A 418 51.07 -26.76 5.50
N ASN A 419 50.15 -27.48 6.16
CA ASN A 419 49.70 -28.77 5.68
C ASN A 419 48.55 -28.68 4.67
N VAL A 420 48.04 -27.49 4.40
CA VAL A 420 46.93 -27.31 3.47
C VAL A 420 47.42 -26.98 2.06
N ALA A 421 48.70 -27.20 1.76
CA ALA A 421 49.21 -26.93 0.43
C ALA A 421 48.77 -27.97 -0.60
N ALA A 422 48.22 -29.10 -0.16
CA ALA A 422 47.84 -30.14 -1.10
C ALA A 422 46.70 -29.68 -2.00
N MET A 423 45.62 -29.17 -1.41
CA MET A 423 44.46 -28.76 -2.18
C MET A 423 44.66 -27.42 -2.87
N LEU A 424 45.42 -26.50 -2.27
CA LEU A 424 45.62 -25.19 -2.89
C LEU A 424 46.35 -25.31 -4.21
N GLU A 425 47.39 -26.14 -4.26
CA GLU A 425 48.13 -26.36 -5.49
C GLU A 425 47.50 -27.39 -6.42
N ARG A 426 46.47 -28.11 -5.95
CA ARG A 426 45.75 -29.04 -6.81
C ARG A 426 44.79 -28.33 -7.76
N ALA A 427 44.46 -27.06 -7.50
CA ALA A 427 43.60 -26.32 -8.40
C ALA A 427 44.29 -26.11 -9.75
N GLY A 428 43.47 -25.96 -10.79
CA GLY A 428 43.99 -25.79 -12.14
C GLY A 428 44.54 -24.41 -12.39
N ASP A 429 45.65 -24.08 -11.72
CA ASP A 429 46.32 -22.79 -11.88
C ASP A 429 45.39 -21.64 -11.54
N ASP A 430 44.72 -21.05 -12.55
CA ASP A 430 43.88 -19.87 -12.38
C ASP A 430 42.40 -20.20 -12.55
N ALA A 431 42.01 -21.44 -12.23
CA ALA A 431 40.61 -21.83 -12.37
C ALA A 431 39.71 -21.04 -11.41
N ALA A 432 40.16 -20.85 -10.17
CA ALA A 432 39.39 -20.18 -9.12
C ALA A 432 40.10 -18.94 -8.61
N ARG A 433 40.66 -18.15 -9.54
CA ARG A 433 41.37 -16.92 -9.22
C ARG A 433 40.55 -15.73 -9.72
N PRO A 434 40.10 -14.80 -8.86
CA PRO A 434 39.34 -13.65 -9.38
C PRO A 434 40.19 -12.81 -10.33
N GLU A 435 39.53 -12.27 -11.36
CA GLU A 435 40.24 -11.50 -12.38
C GLU A 435 40.77 -10.19 -11.83
N TRP A 436 39.92 -9.46 -11.09
CA TRP A 436 40.31 -8.15 -10.57
C TRP A 436 41.50 -8.21 -9.61
N LEU A 437 41.80 -9.37 -9.02
CA LEU A 437 42.92 -9.47 -8.10
C LEU A 437 44.23 -9.29 -8.84
N GLU A 438 45.15 -8.54 -8.25
CA GLU A 438 46.45 -8.31 -8.87
C GLU A 438 47.31 -9.57 -8.78
N PRO A 439 48.31 -9.71 -9.65
CA PRO A 439 49.20 -10.88 -9.55
C PRO A 439 50.09 -10.88 -8.32
N GLU A 440 50.24 -9.75 -7.62
CA GLU A 440 51.11 -9.69 -6.46
C GLU A 440 50.61 -10.59 -5.35
N PHE A 441 49.31 -10.59 -5.09
CA PHE A 441 48.73 -11.39 -4.01
C PHE A 441 48.57 -12.83 -4.49
N GLY A 442 47.83 -13.63 -3.72
CA GLY A 442 47.59 -15.01 -4.08
C GLY A 442 48.73 -15.92 -3.66
N VAL A 443 48.65 -17.16 -4.13
CA VAL A 443 49.63 -18.19 -3.78
C VAL A 443 50.89 -17.92 -4.60
N ARG A 444 51.92 -17.39 -3.94
CA ARG A 444 53.21 -17.15 -4.56
C ARG A 444 54.04 -18.43 -4.45
N ASP A 445 55.34 -18.34 -4.74
CA ASP A 445 56.20 -19.52 -4.72
C ASP A 445 56.48 -19.98 -3.30
N GLY A 446 55.60 -20.84 -2.77
CA GLY A 446 55.79 -21.43 -1.46
C GLY A 446 55.30 -20.61 -0.29
N LEU A 447 54.71 -19.43 -0.52
CA LEU A 447 54.20 -18.58 0.54
C LEU A 447 52.93 -17.90 0.07
N TYR A 448 52.10 -17.52 1.03
CA TYR A 448 50.82 -16.86 0.78
C TYR A 448 50.88 -15.41 1.21
N TYR A 449 50.24 -14.54 0.42
CA TYR A 449 50.15 -13.12 0.70
C TYR A 449 48.69 -12.74 0.84
N LEU A 450 48.34 -12.13 1.97
CA LEU A 450 46.96 -11.80 2.29
C LEU A 450 46.62 -10.39 1.84
N THR A 451 45.35 -10.19 1.50
CA THR A 451 44.82 -8.87 1.16
C THR A 451 44.19 -8.24 2.40
N GLU A 452 43.67 -7.02 2.24
CA GLU A 452 43.05 -6.33 3.37
C GLU A 452 41.74 -6.99 3.76
N GLN A 453 40.88 -7.28 2.78
CA GLN A 453 39.60 -7.90 3.08
C GLN A 453 39.76 -9.30 3.63
N GLN A 454 40.77 -10.04 3.16
CA GLN A 454 41.04 -11.36 3.74
C GLN A 454 41.42 -11.25 5.21
N ALA A 455 42.26 -10.27 5.55
CA ALA A 455 42.61 -10.06 6.95
C ALA A 455 41.40 -9.68 7.78
N GLN A 456 40.53 -8.83 7.23
CA GLN A 456 39.31 -8.47 7.95
C GLN A 456 38.42 -9.69 8.17
N ALA A 457 38.32 -10.56 7.17
CA ALA A 457 37.54 -11.78 7.33
C ALA A 457 38.16 -12.69 8.39
N ILE A 458 39.49 -12.73 8.46
CA ILE A 458 40.15 -13.53 9.49
C ILE A 458 39.83 -12.97 10.87
N LEU A 459 39.84 -11.64 11.03
CA LEU A 459 39.57 -11.05 12.32
C LEU A 459 38.13 -11.27 12.78
N ASP A 460 37.20 -11.53 11.86
CA ASP A 460 35.81 -11.79 12.21
C ASP A 460 35.53 -13.25 12.57
N LEU A 461 36.53 -14.12 12.50
CA LEU A 461 36.31 -15.52 12.79
C LEU A 461 35.97 -15.71 14.26
N ARG A 462 35.05 -16.63 14.54
CA ARG A 462 34.60 -16.93 15.90
C ARG A 462 35.37 -18.13 16.45
N LEU A 463 35.37 -18.23 17.78
CA LEU A 463 36.03 -19.35 18.44
C LEU A 463 35.34 -20.68 18.16
N GLN A 464 34.07 -20.65 17.74
CA GLN A 464 33.33 -21.88 17.48
C GLN A 464 33.91 -22.68 16.31
N LYS A 465 34.64 -22.04 15.40
CA LYS A 465 35.12 -22.70 14.19
C LYS A 465 36.31 -23.61 14.43
N LEU A 466 36.90 -23.61 15.62
CA LEU A 466 38.05 -24.47 15.89
C LEU A 466 37.68 -25.94 16.03
N THR A 467 36.41 -26.28 16.07
CA THR A 467 36.00 -27.68 16.16
C THR A 467 36.28 -28.40 14.85
N GLY A 468 36.33 -29.73 14.93
CA GLY A 468 36.71 -30.53 13.77
C GLY A 468 35.69 -30.45 12.64
N LEU A 469 34.40 -30.54 12.97
CA LEU A 469 33.37 -30.54 11.93
C LEU A 469 33.35 -29.22 11.18
N GLU A 470 33.47 -28.10 11.89
CA GLU A 470 33.54 -26.81 11.23
C GLU A 470 34.81 -26.68 10.40
N HIS A 471 35.90 -27.31 10.84
CA HIS A 471 37.13 -27.31 10.05
C HIS A 471 36.93 -28.07 8.74
N GLU A 472 36.20 -29.19 8.77
CA GLU A 472 36.02 -30.00 7.57
C GLU A 472 35.01 -29.40 6.60
N LYS A 473 33.98 -28.72 7.13
CA LYS A 473 32.95 -28.19 6.24
C LYS A 473 33.51 -27.17 5.26
N LEU A 474 34.48 -26.36 5.70
CA LEU A 474 35.07 -25.38 4.80
C LEU A 474 35.78 -26.06 3.63
N LEU A 475 36.54 -27.13 3.91
CA LEU A 475 37.22 -27.86 2.84
C LEU A 475 36.22 -28.48 1.88
N ASP A 476 35.13 -29.06 2.42
CA ASP A 476 34.11 -29.64 1.56
C ASP A 476 33.48 -28.60 0.65
N GLU A 477 33.17 -27.42 1.21
CA GLU A 477 32.58 -26.36 0.40
C GLU A 477 33.57 -25.86 -0.64
N TYR A 478 34.86 -25.80 -0.30
CA TYR A 478 35.87 -25.38 -1.26
C TYR A 478 35.93 -26.32 -2.45
N LYS A 479 35.93 -27.63 -2.19
CA LYS A 479 35.95 -28.60 -3.29
C LYS A 479 34.69 -28.52 -4.12
N GLU A 480 33.53 -28.33 -3.47
CA GLU A 480 32.27 -28.19 -4.20
C GLU A 480 32.32 -26.97 -5.12
N LEU A 481 32.85 -25.85 -4.62
CA LEU A 481 32.95 -24.65 -5.45
C LEU A 481 33.90 -24.86 -6.62
N LEU A 482 35.00 -25.59 -6.42
CA LEU A 482 35.89 -25.89 -7.54
C LEU A 482 35.16 -26.68 -8.61
N ASP A 483 34.38 -27.69 -8.20
CA ASP A 483 33.62 -28.46 -9.18
C ASP A 483 32.60 -27.58 -9.92
N GLN A 484 31.91 -26.70 -9.19
CA GLN A 484 30.94 -25.83 -9.83
C GLN A 484 31.60 -24.90 -10.84
N ILE A 485 32.77 -24.35 -10.49
CA ILE A 485 33.47 -23.46 -11.41
C ILE A 485 33.88 -24.22 -12.67
N ALA A 486 34.35 -25.46 -12.50
CA ALA A 486 34.71 -26.26 -13.68
C ALA A 486 33.51 -26.50 -14.58
N GLU A 487 32.35 -26.82 -13.98
CA GLU A 487 31.16 -27.05 -14.77
C GLU A 487 30.73 -25.79 -15.52
N LEU A 488 30.76 -24.63 -14.86
CA LEU A 488 30.35 -23.39 -15.52
C LEU A 488 31.30 -23.03 -16.65
N LEU A 489 32.60 -23.23 -16.44
CA LEU A 489 33.55 -22.98 -17.53
C LEU A 489 33.31 -23.91 -18.70
N ARG A 490 33.01 -25.18 -18.43
CA ARG A 490 32.71 -26.11 -19.52
C ARG A 490 31.46 -25.68 -20.28
N ILE A 491 30.44 -25.20 -19.56
CA ILE A 491 29.24 -24.72 -20.22
C ILE A 491 29.55 -23.54 -21.12
N LEU A 492 30.35 -22.59 -20.62
CA LEU A 492 30.70 -21.43 -21.44
C LEU A 492 31.59 -21.82 -22.62
N GLY A 493 32.30 -22.94 -22.53
CA GLY A 493 33.23 -23.34 -23.57
C GLY A 493 32.59 -23.60 -24.92
N SER A 494 31.81 -24.67 -25.02
CA SER A 494 31.24 -25.11 -26.28
C SER A 494 29.87 -24.49 -26.51
N ALA A 495 29.39 -24.60 -27.75
CA ALA A 495 28.08 -24.12 -28.14
C ALA A 495 27.00 -25.19 -28.16
N ASP A 496 27.33 -26.43 -27.76
CA ASP A 496 26.37 -27.52 -27.75
C ASP A 496 25.72 -27.72 -26.39
N ARG A 497 26.46 -27.50 -25.30
CA ARG A 497 25.90 -27.67 -23.96
C ARG A 497 24.76 -26.70 -23.71
N LEU A 498 24.82 -25.50 -24.30
CA LEU A 498 23.76 -24.51 -24.12
C LEU A 498 22.42 -25.04 -24.62
N MET A 499 22.43 -25.69 -25.79
CA MET A 499 21.19 -26.26 -26.31
C MET A 499 20.68 -27.39 -25.43
N GLU A 500 21.59 -28.16 -24.83
CA GLU A 500 21.15 -29.21 -23.89
C GLU A 500 20.45 -28.59 -22.69
N VAL A 501 21.00 -27.51 -22.14
CA VAL A 501 20.37 -26.85 -21.00
C VAL A 501 18.99 -26.33 -21.40
N ILE A 502 18.91 -25.70 -22.57
CA ILE A 502 17.63 -25.13 -23.01
C ILE A 502 16.59 -26.23 -23.20
N ARG A 503 16.99 -27.35 -23.80
CA ARG A 503 16.06 -28.46 -24.02
C ARG A 503 15.59 -29.04 -22.70
N GLU A 504 16.49 -29.19 -21.73
CA GLU A 504 16.07 -29.70 -20.43
C GLU A 504 15.06 -28.78 -19.76
N GLU A 505 15.31 -27.46 -19.81
CA GLU A 505 14.38 -26.52 -19.21
C GLU A 505 13.02 -26.57 -19.90
N LEU A 506 13.01 -26.65 -21.24
CA LEU A 506 11.74 -26.72 -21.96
C LEU A 506 10.97 -27.98 -21.63
N GLU A 507 11.67 -29.12 -21.54
CA GLU A 507 10.99 -30.36 -21.19
C GLU A 507 10.41 -30.30 -19.78
N LEU A 508 11.15 -29.71 -18.84
CA LEU A 508 10.62 -29.57 -17.48
C LEU A 508 9.37 -28.70 -17.47
N VAL A 509 9.38 -27.59 -18.22
CA VAL A 509 8.21 -26.73 -18.26
C VAL A 509 7.02 -27.46 -18.86
N ARG A 510 7.26 -28.22 -19.94
CA ARG A 510 6.17 -28.98 -20.55
C ARG A 510 5.59 -30.00 -19.59
N GLU A 511 6.45 -30.71 -18.85
CA GLU A 511 5.96 -31.69 -17.90
C GLU A 511 5.19 -31.03 -16.76
N GLN A 512 5.58 -29.82 -16.36
CA GLN A 512 4.91 -29.18 -15.24
C GLN A 512 3.56 -28.60 -15.63
N PHE A 513 3.51 -27.77 -16.69
CA PHE A 513 2.34 -26.94 -16.98
C PHE A 513 1.58 -27.38 -18.23
N GLY A 514 1.72 -28.63 -18.64
CA GLY A 514 0.97 -29.11 -19.79
C GLY A 514 -0.51 -29.28 -19.48
N ASP A 515 -1.30 -29.39 -20.54
CA ASP A 515 -2.74 -29.56 -20.40
C ASP A 515 -3.29 -30.17 -21.70
N LYS A 516 -4.60 -30.38 -21.73
CA LYS A 516 -5.29 -31.01 -22.85
C LYS A 516 -5.88 -29.96 -23.79
N ARG A 517 -6.30 -30.43 -24.96
CA ARG A 517 -6.86 -29.57 -25.99
C ARG A 517 -8.36 -29.37 -25.78
N ARG A 518 -8.87 -28.22 -26.22
CA ARG A 518 -10.27 -27.86 -26.08
C ARG A 518 -10.96 -27.74 -27.43
N THR A 519 -10.45 -26.91 -28.33
CA THR A 519 -11.12 -26.64 -29.60
C THR A 519 -10.88 -27.76 -30.60
N GLU A 520 -11.93 -28.10 -31.36
CA GLU A 520 -11.87 -29.12 -32.40
C GLU A 520 -11.80 -28.45 -33.76
N ILE A 521 -10.85 -28.90 -34.59
CA ILE A 521 -10.67 -28.41 -35.95
C ILE A 521 -11.27 -29.45 -36.90
N THR A 522 -12.14 -29.00 -37.80
CA THR A 522 -12.79 -29.89 -38.76
C THR A 522 -12.89 -29.19 -40.11
N ALA A 523 -13.06 -30.00 -41.15
CA ALA A 523 -13.25 -29.47 -42.49
C ALA A 523 -14.65 -28.86 -42.61
N ASN A 524 -14.93 -28.32 -43.79
CA ASN A 524 -16.22 -27.67 -44.04
C ASN A 524 -17.37 -28.68 -43.97
N GLY B 406 -22.81 26.71 -18.35
CA GLY B 406 -22.03 25.62 -19.00
C GLY B 406 -20.54 25.72 -18.73
N LYS B 407 -20.19 25.84 -17.45
CA LYS B 407 -18.80 25.91 -17.01
C LYS B 407 -18.09 27.15 -17.54
N LEU B 408 -18.83 28.17 -17.99
CA LEU B 408 -18.26 29.37 -18.56
C LEU B 408 -18.38 30.50 -17.55
N ALA B 409 -17.24 31.06 -17.14
CA ALA B 409 -17.18 32.19 -16.22
C ALA B 409 -16.95 33.45 -17.06
N ASP B 410 -18.03 34.03 -17.55
CA ASP B 410 -17.94 35.14 -18.48
C ASP B 410 -17.32 36.37 -17.81
N CYS B 411 -16.65 37.18 -18.62
CA CYS B 411 -16.02 38.40 -18.14
C CYS B 411 -17.03 39.54 -18.11
N GLN B 412 -16.60 40.65 -17.50
CA GLN B 412 -17.47 41.82 -17.35
C GLN B 412 -17.34 42.80 -18.50
N GLU B 413 -16.17 42.90 -19.12
CA GLU B 413 -15.95 43.82 -20.23
C GLU B 413 -16.85 43.44 -21.41
N ARG B 414 -17.85 44.28 -21.69
CA ARG B 414 -18.79 44.00 -22.77
C ARG B 414 -18.30 44.47 -24.14
N ASP B 415 -17.23 45.26 -24.19
CA ASP B 415 -16.70 45.71 -25.47
C ASP B 415 -15.85 44.58 -26.08
N PRO B 416 -16.20 44.03 -27.26
CA PRO B 416 -15.43 42.88 -27.79
C PRO B 416 -14.20 43.33 -28.57
N ALA B 417 -13.32 44.08 -27.90
CA ALA B 417 -12.02 44.45 -28.45
C ALA B 417 -10.90 44.38 -27.44
N LEU B 418 -11.17 43.94 -26.20
CA LEU B 418 -10.15 43.82 -25.17
C LEU B 418 -10.33 42.56 -24.32
N SER B 419 -11.18 41.62 -24.75
CA SER B 419 -11.50 40.44 -23.97
C SER B 419 -10.56 39.29 -24.36
N GLU B 420 -10.62 38.22 -23.56
CA GLU B 420 -9.82 37.04 -23.77
C GLU B 420 -10.64 35.80 -23.44
N LEU B 421 -10.28 34.67 -24.03
CA LEU B 421 -10.94 33.40 -23.78
C LEU B 421 -9.88 32.31 -23.70
N TYR B 422 -10.07 31.38 -22.75
CA TYR B 422 -9.16 30.27 -22.52
C TYR B 422 -9.93 28.95 -22.61
N LEU B 423 -9.26 27.93 -23.13
CA LEU B 423 -9.83 26.59 -23.30
C LEU B 423 -8.96 25.62 -22.50
N VAL B 424 -9.24 25.51 -21.21
CA VAL B 424 -8.37 24.74 -20.31
C VAL B 424 -8.70 23.26 -20.43
N GLU B 425 -7.68 22.43 -20.23
CA GLU B 425 -7.80 20.97 -20.28
C GLU B 425 -8.01 20.43 -18.87
N GLY B 426 -9.07 19.65 -18.69
CA GLY B 426 -9.37 19.06 -17.41
C GLY B 426 -10.20 19.96 -16.52
N ASP B 427 -10.55 19.43 -15.35
CA ASP B 427 -11.36 20.12 -14.36
C ASP B 427 -10.54 20.79 -13.27
N SER B 428 -9.49 20.14 -12.78
CA SER B 428 -8.64 20.75 -11.77
C SER B 428 -7.95 21.99 -12.31
N ALA B 429 -7.43 21.90 -13.54
CA ALA B 429 -6.80 23.07 -14.16
C ALA B 429 -7.80 24.17 -14.40
N GLY B 430 -9.03 23.81 -14.80
CA GLY B 430 -10.07 24.82 -14.96
C GLY B 430 -10.40 25.53 -13.66
N GLY B 431 -10.49 24.77 -12.57
CA GLY B 431 -10.74 25.40 -11.28
C GLY B 431 -9.61 26.31 -10.84
N SER B 432 -8.36 25.87 -11.05
CA SER B 432 -7.22 26.72 -10.70
C SER B 432 -7.20 27.99 -11.54
N ALA B 433 -7.51 27.88 -12.82
CA ALA B 433 -7.57 29.07 -13.67
C ALA B 433 -8.67 30.01 -13.22
N LYS B 434 -9.84 29.47 -12.86
CA LYS B 434 -10.93 30.31 -12.37
C LYS B 434 -10.52 31.02 -11.07
N GLN B 435 -9.75 30.34 -10.22
CA GLN B 435 -9.29 30.97 -8.99
C GLN B 435 -8.29 32.08 -9.29
N GLY B 436 -7.35 31.85 -10.21
CA GLY B 436 -6.25 32.74 -10.45
C GLY B 436 -6.36 33.67 -11.64
N ARG B 437 -7.55 33.83 -12.23
CA ARG B 437 -7.70 34.65 -13.41
C ARG B 437 -7.79 36.14 -13.05
N ASN B 438 -7.73 36.98 -14.06
CA ASN B 438 -8.05 38.41 -13.94
C ASN B 438 -9.54 38.56 -14.21
N ARG B 439 -10.29 38.94 -13.18
CA ARG B 439 -11.75 38.92 -13.26
C ARG B 439 -12.30 39.96 -14.23
N LYS B 440 -11.50 40.93 -14.65
CA LYS B 440 -12.04 42.04 -15.44
C LYS B 440 -12.42 41.57 -16.84
N ASN B 441 -11.45 41.08 -17.61
CA ASN B 441 -11.61 40.83 -19.05
C ASN B 441 -11.02 39.48 -19.44
N GLN B 442 -11.36 38.44 -18.69
CA GLN B 442 -10.93 37.08 -19.02
C GLN B 442 -12.05 36.10 -18.68
N ALA B 443 -12.13 35.01 -19.46
CA ALA B 443 -13.13 33.97 -19.29
C ALA B 443 -12.48 32.60 -19.38
N ILE B 444 -13.09 31.62 -18.71
CA ILE B 444 -12.57 30.27 -18.61
C ILE B 444 -13.63 29.29 -19.08
N LEU B 445 -13.24 28.37 -19.97
CA LEU B 445 -14.14 27.36 -20.52
C LEU B 445 -13.46 26.00 -20.45
N PRO B 446 -13.54 25.32 -19.30
CA PRO B 446 -12.87 24.01 -19.18
C PRO B 446 -13.45 22.97 -20.14
N LEU B 447 -12.60 22.07 -20.57
CA LEU B 447 -12.96 20.93 -21.41
C LEU B 447 -12.64 19.65 -20.67
N LYS B 448 -13.63 18.77 -20.54
CA LYS B 448 -13.48 17.60 -19.67
C LYS B 448 -12.59 16.54 -20.33
N GLY B 449 -12.75 16.32 -21.63
CA GLY B 449 -12.02 15.28 -22.31
C GLY B 449 -11.91 15.56 -23.79
N LYS B 450 -11.49 14.54 -24.53
CA LYS B 450 -11.29 14.69 -25.97
C LYS B 450 -12.62 14.95 -26.66
N ILE B 451 -12.56 15.74 -27.74
CA ILE B 451 -13.74 16.23 -28.42
C ILE B 451 -13.86 15.56 -29.79
N LEU B 452 -14.99 15.79 -30.45
CA LEU B 452 -15.27 15.15 -31.72
C LEU B 452 -14.32 15.63 -32.80
N ASN B 453 -14.03 14.73 -33.75
CA ASN B 453 -13.22 15.05 -34.93
C ASN B 453 -14.18 15.40 -36.06
N VAL B 454 -14.31 16.70 -36.35
CA VAL B 454 -15.28 17.14 -37.33
C VAL B 454 -14.87 16.77 -38.76
N GLU B 455 -13.62 16.39 -38.99
CA GLU B 455 -13.21 16.01 -40.33
C GLU B 455 -13.89 14.73 -40.78
N LYS B 456 -14.04 13.76 -39.87
CA LYS B 456 -14.66 12.47 -40.19
C LYS B 456 -16.16 12.47 -39.95
N ALA B 457 -16.62 13.09 -38.86
CA ALA B 457 -18.02 13.01 -38.49
C ALA B 457 -18.89 13.75 -39.51
N ARG B 458 -20.13 13.28 -39.63
CA ARG B 458 -21.10 13.93 -40.51
C ARG B 458 -21.57 15.24 -39.90
N PHE B 459 -22.19 16.07 -40.75
CA PHE B 459 -22.63 17.39 -40.30
C PHE B 459 -23.75 17.29 -39.28
N ASP B 460 -24.56 16.24 -39.34
CA ASP B 460 -25.67 16.09 -38.40
C ASP B 460 -25.16 15.91 -36.97
N LYS B 461 -24.14 15.07 -36.79
CA LYS B 461 -23.67 14.76 -35.44
C LYS B 461 -22.93 15.93 -34.81
N MET B 462 -22.45 16.89 -35.59
CA MET B 462 -21.76 18.04 -35.02
C MET B 462 -22.70 18.84 -34.13
N LEU B 463 -23.94 19.06 -34.58
CA LEU B 463 -24.91 19.77 -33.76
C LEU B 463 -25.32 18.97 -32.54
N SER B 464 -25.38 17.65 -32.66
CA SER B 464 -25.81 16.82 -31.54
C SER B 464 -24.77 16.80 -30.43
N SER B 465 -23.48 16.90 -30.77
CA SER B 465 -22.43 16.83 -29.77
C SER B 465 -22.50 18.01 -28.81
N GLN B 466 -22.33 17.72 -27.53
CA GLN B 466 -22.50 18.74 -26.50
C GLN B 466 -21.33 19.72 -26.46
N GLU B 467 -20.11 19.22 -26.56
CA GLU B 467 -18.93 20.06 -26.37
C GLU B 467 -18.82 21.12 -27.46
N VAL B 468 -18.91 20.70 -28.73
CA VAL B 468 -18.82 21.66 -29.82
C VAL B 468 -20.02 22.60 -29.82
N ALA B 469 -21.20 22.12 -29.41
CA ALA B 469 -22.35 23.00 -29.31
C ALA B 469 -22.12 24.10 -28.29
N THR B 470 -21.59 23.73 -27.11
CA THR B 470 -21.27 24.73 -26.10
C THR B 470 -20.21 25.71 -26.60
N LEU B 471 -19.19 25.20 -27.29
CA LEU B 471 -18.16 26.07 -27.82
C LEU B 471 -18.73 27.06 -28.84
N ILE B 472 -19.60 26.58 -29.73
CA ILE B 472 -20.18 27.46 -30.74
C ILE B 472 -21.07 28.51 -30.07
N THR B 473 -21.84 28.12 -29.06
CA THR B 473 -22.66 29.09 -28.34
C THR B 473 -21.79 30.13 -27.64
N ALA B 474 -20.68 29.69 -27.04
CA ALA B 474 -19.82 30.62 -26.31
C ALA B 474 -19.15 31.61 -27.25
N LEU B 475 -18.69 31.15 -28.42
CA LEU B 475 -18.01 32.05 -29.35
C LEU B 475 -18.95 33.14 -29.84
N GLY B 476 -20.22 32.80 -30.09
CA GLY B 476 -21.22 33.75 -30.53
C GLY B 476 -21.43 33.81 -32.02
N CYS B 477 -20.48 33.33 -32.81
CA CYS B 477 -20.67 33.28 -34.25
C CYS B 477 -21.62 32.15 -34.63
N GLY B 478 -22.16 32.25 -35.84
CA GLY B 478 -23.02 31.21 -36.36
C GLY B 478 -22.23 30.01 -36.87
N ILE B 479 -22.97 29.01 -37.32
CA ILE B 479 -22.39 27.78 -37.85
C ILE B 479 -23.19 27.37 -39.08
N GLY B 480 -22.49 26.89 -40.10
CA GLY B 480 -23.11 26.44 -41.33
C GLY B 480 -23.25 27.56 -42.35
N ARG B 481 -23.35 27.16 -43.61
CA ARG B 481 -23.45 28.11 -44.70
C ARG B 481 -24.77 28.87 -44.62
N ASP B 482 -24.75 30.12 -45.10
CA ASP B 482 -25.88 31.04 -45.08
C ASP B 482 -26.27 31.50 -43.68
N GLU B 483 -25.46 31.19 -42.66
CA GLU B 483 -25.66 31.66 -41.30
C GLU B 483 -24.39 32.17 -40.64
N TYR B 484 -23.22 31.75 -41.09
CA TYR B 484 -21.97 32.23 -40.50
C TYR B 484 -21.80 33.72 -40.77
N ASN B 485 -21.28 34.43 -39.76
CA ASN B 485 -21.13 35.89 -39.84
C ASN B 485 -19.97 36.29 -38.94
N PRO B 486 -18.73 36.32 -39.47
CA PRO B 486 -17.58 36.57 -38.59
C PRO B 486 -17.54 37.96 -37.98
N ASP B 487 -18.32 38.91 -38.49
CA ASP B 487 -18.29 40.26 -37.92
C ASP B 487 -18.79 40.26 -36.48
N LYS B 488 -19.85 39.51 -36.20
CA LYS B 488 -20.42 39.43 -34.85
C LYS B 488 -19.58 38.44 -34.03
N LEU B 489 -18.47 38.94 -33.52
CA LEU B 489 -17.51 38.15 -32.77
C LEU B 489 -17.39 38.66 -31.34
N ARG B 490 -17.11 37.73 -30.43
CA ARG B 490 -16.81 38.02 -29.04
C ARG B 490 -15.52 37.32 -28.68
N TYR B 491 -14.79 37.87 -27.70
CA TYR B 491 -13.50 37.31 -27.28
C TYR B 491 -12.51 37.28 -28.44
N HIS B 492 -12.10 38.49 -28.85
CA HIS B 492 -11.20 38.63 -29.99
C HIS B 492 -9.90 37.85 -29.84
N SER B 493 -9.45 37.60 -28.62
CA SER B 493 -8.26 36.79 -28.35
C SER B 493 -8.68 35.42 -27.83
N ILE B 494 -8.13 34.37 -28.43
CA ILE B 494 -8.42 32.98 -28.06
C ILE B 494 -7.09 32.28 -27.81
N ILE B 495 -7.00 31.57 -26.68
CA ILE B 495 -5.78 30.88 -26.26
C ILE B 495 -6.14 29.44 -25.92
N ILE B 496 -5.25 28.52 -26.27
CA ILE B 496 -5.51 27.09 -26.12
C ILE B 496 -5.10 26.63 -24.72
N MET B 497 -3.81 26.71 -24.41
CA MET B 497 -3.27 26.40 -23.07
C MET B 497 -3.62 24.97 -22.65
N THR B 498 -3.09 24.01 -23.41
CA THR B 498 -3.19 22.59 -23.07
C THR B 498 -1.90 22.12 -22.42
N ASP B 499 -1.91 20.86 -21.96
CA ASP B 499 -0.78 20.29 -21.26
C ASP B 499 0.42 20.15 -22.20
N ALA B 500 1.55 19.71 -21.63
CA ALA B 500 2.82 19.60 -22.33
C ALA B 500 3.23 18.14 -22.55
N ASP B 501 2.26 17.28 -22.85
CA ASP B 501 2.50 15.87 -23.17
C ASP B 501 1.79 15.54 -24.48
N VAL B 502 1.87 14.28 -24.88
CA VAL B 502 1.38 13.88 -26.21
C VAL B 502 -0.13 14.04 -26.31
N ASP B 503 -0.85 13.74 -25.24
CA ASP B 503 -2.31 13.88 -25.26
C ASP B 503 -2.71 15.35 -25.43
N GLY B 504 -1.97 16.26 -24.79
CA GLY B 504 -2.22 17.67 -25.00
C GLY B 504 -2.02 18.09 -26.45
N SER B 505 -0.97 17.56 -27.09
CA SER B 505 -0.74 17.83 -28.50
C SER B 505 -1.87 17.29 -29.37
N HIS B 506 -2.37 16.10 -29.04
CA HIS B 506 -3.49 15.54 -29.79
C HIS B 506 -4.73 16.42 -29.68
N ILE B 507 -5.05 16.86 -28.46
CA ILE B 507 -6.21 17.73 -28.28
C ILE B 507 -6.02 19.04 -29.01
N ARG B 508 -4.80 19.56 -29.01
CA ARG B 508 -4.50 20.78 -29.75
C ARG B 508 -4.75 20.59 -31.24
N THR B 509 -4.33 19.45 -31.78
CA THR B 509 -4.56 19.19 -33.20
C THR B 509 -6.05 19.10 -33.51
N LEU B 510 -6.82 18.46 -32.63
CA LEU B 510 -8.27 18.39 -32.84
C LEU B 510 -8.89 19.78 -32.86
N LEU B 511 -8.51 20.63 -31.90
CA LEU B 511 -9.06 21.98 -31.86
C LEU B 511 -8.66 22.79 -33.09
N LEU B 512 -7.40 22.65 -33.52
CA LEU B 512 -6.96 23.36 -34.72
C LEU B 512 -7.73 22.91 -35.95
N THR B 513 -7.97 21.60 -36.07
CA THR B 513 -8.76 21.10 -37.19
C THR B 513 -10.17 21.70 -37.17
N PHE B 514 -10.79 21.74 -35.99
CA PHE B 514 -12.12 22.33 -35.89
C PHE B 514 -12.13 23.78 -36.32
N PHE B 515 -11.19 24.58 -35.79
CA PHE B 515 -11.16 26.00 -36.10
C PHE B 515 -10.88 26.25 -37.58
N TYR B 516 -9.96 25.48 -38.17
CA TYR B 516 -9.60 25.75 -39.56
C TYR B 516 -10.68 25.28 -40.52
N ARG B 517 -11.35 24.17 -40.22
CA ARG B 517 -12.38 23.69 -41.12
C ARG B 517 -13.67 24.48 -41.02
N GLN B 518 -14.05 24.91 -39.80
CA GLN B 518 -15.33 25.56 -39.60
C GLN B 518 -15.28 27.07 -39.71
N MET B 519 -14.17 27.70 -39.32
CA MET B 519 -14.05 29.16 -39.28
C MET B 519 -12.72 29.58 -39.91
N PRO B 520 -12.62 29.53 -41.24
CA PRO B 520 -11.36 29.95 -41.88
C PRO B 520 -10.99 31.40 -41.62
N GLU B 521 -11.97 32.30 -41.54
CA GLU B 521 -11.67 33.71 -41.41
C GLU B 521 -11.01 34.02 -40.06
N ILE B 522 -11.44 33.33 -39.00
CA ILE B 522 -10.87 33.57 -37.68
C ILE B 522 -9.39 33.21 -37.68
N VAL B 523 -9.03 32.08 -38.28
CA VAL B 523 -7.64 31.69 -38.34
C VAL B 523 -6.84 32.62 -39.25
N GLU B 524 -7.44 33.03 -40.37
CA GLU B 524 -6.72 33.89 -41.31
C GLU B 524 -6.41 35.25 -40.70
N ARG B 525 -7.38 35.84 -39.99
CA ARG B 525 -7.16 37.16 -39.41
C ARG B 525 -6.22 37.14 -38.22
N GLY B 526 -5.93 35.97 -37.65
CA GLY B 526 -4.94 35.88 -36.58
C GLY B 526 -5.49 36.19 -35.20
N HIS B 527 -6.59 35.52 -34.83
CA HIS B 527 -7.19 35.66 -33.51
C HIS B 527 -6.93 34.47 -32.61
N VAL B 528 -6.26 33.42 -33.08
CA VAL B 528 -6.03 32.19 -32.33
C VAL B 528 -4.57 32.18 -31.89
N TYR B 529 -4.36 31.98 -30.60
CA TYR B 529 -3.03 31.95 -30.00
C TYR B 529 -2.83 30.65 -29.25
N ILE B 530 -1.57 30.33 -28.95
CA ILE B 530 -1.19 29.13 -28.23
C ILE B 530 -0.30 29.55 -27.06
N ALA B 531 -0.59 29.01 -25.87
CA ALA B 531 0.18 29.32 -24.67
C ALA B 531 1.33 28.32 -24.53
N GLN B 532 2.15 28.52 -23.49
CA GLN B 532 3.37 27.74 -23.31
C GLN B 532 3.74 27.72 -21.83
N PRO B 533 3.16 26.82 -21.04
CA PRO B 533 3.56 26.71 -19.64
C PRO B 533 4.92 26.04 -19.51
N PRO B 534 5.59 26.18 -18.37
CA PRO B 534 6.90 25.54 -18.19
C PRO B 534 6.75 24.08 -17.77
N LEU B 535 7.90 23.40 -17.72
CA LEU B 535 7.97 21.99 -17.35
C LEU B 535 8.73 21.77 -16.06
N TYR B 536 9.96 22.27 -15.95
CA TYR B 536 10.81 22.08 -14.78
C TYR B 536 10.82 23.34 -13.93
N LYS B 537 11.00 23.14 -12.62
CA LYS B 537 11.22 24.23 -11.68
C LYS B 537 12.48 23.92 -10.89
N VAL B 538 13.45 24.83 -10.94
CA VAL B 538 14.74 24.67 -10.28
C VAL B 538 14.80 25.62 -9.10
N LYS B 539 15.33 25.12 -7.98
CA LYS B 539 15.55 25.93 -6.78
C LYS B 539 16.96 25.69 -6.27
N LYS B 540 17.65 26.77 -5.92
CA LYS B 540 19.03 26.73 -5.46
C LYS B 540 19.20 27.59 -4.22
N GLY B 541 18.28 27.44 -3.26
CA GLY B 541 18.31 28.23 -2.05
C GLY B 541 17.70 29.61 -2.24
N LYS B 542 18.44 30.49 -2.91
CA LYS B 542 17.98 31.83 -3.26
C LYS B 542 17.54 31.92 -4.72
N GLN B 543 18.38 31.45 -5.64
CA GLN B 543 18.07 31.50 -7.07
C GLN B 543 17.12 30.36 -7.40
N GLU B 544 15.86 30.68 -7.68
CA GLU B 544 14.85 29.73 -8.13
C GLU B 544 14.14 30.30 -9.35
N GLN B 545 13.76 29.42 -10.27
CA GLN B 545 13.10 29.85 -11.49
C GLN B 545 12.47 28.63 -12.17
N TYR B 546 11.85 28.89 -13.31
CA TYR B 546 11.24 27.86 -14.15
C TYR B 546 12.04 27.71 -15.44
N ILE B 547 12.09 26.48 -15.94
CA ILE B 547 12.78 26.14 -17.17
C ILE B 547 11.85 25.31 -18.04
N LYS B 548 11.73 25.69 -19.31
CA LYS B 548 10.89 25.00 -20.29
C LYS B 548 11.75 24.07 -21.13
N ASP B 549 11.22 22.88 -21.42
CA ASP B 549 11.85 21.94 -22.34
C ASP B 549 13.14 21.36 -21.75
N ASP B 550 13.59 20.23 -22.29
CA ASP B 550 14.80 19.58 -21.79
C ASP B 550 16.07 20.27 -22.27
N GLU B 551 16.06 20.84 -23.47
CA GLU B 551 17.26 21.48 -24.00
C GLU B 551 17.69 22.67 -23.13
N ALA B 552 16.71 23.49 -22.72
CA ALA B 552 17.05 24.62 -21.85
C ALA B 552 17.55 24.13 -20.50
N MET B 553 16.98 23.03 -20.00
CA MET B 553 17.47 22.46 -18.73
C MET B 553 18.92 22.01 -18.87
N ASP B 554 19.25 21.36 -19.99
CA ASP B 554 20.63 20.93 -20.21
C ASP B 554 21.57 22.13 -20.31
N GLN B 555 21.13 23.18 -21.02
CA GLN B 555 21.95 24.38 -21.12
C GLN B 555 22.17 25.02 -19.76
N TYR B 556 21.12 25.09 -18.94
CA TYR B 556 21.24 25.65 -17.60
C TYR B 556 22.19 24.81 -16.74
N GLN B 557 22.09 23.49 -16.85
CA GLN B 557 22.98 22.62 -16.08
C GLN B 557 24.43 22.81 -16.49
N ILE B 558 24.68 22.91 -17.80
CA ILE B 558 26.05 23.12 -18.27
C ILE B 558 26.58 24.47 -17.81
N SER B 559 25.73 25.51 -17.88
CA SER B 559 26.16 26.83 -17.44
C SER B 559 26.48 26.86 -15.95
N ILE B 560 25.64 26.20 -15.14
CA ILE B 560 25.90 26.16 -13.71
C ILE B 560 27.15 25.35 -13.41
N ALA B 561 27.41 24.30 -14.21
CA ALA B 561 28.61 23.50 -14.00
C ALA B 561 29.88 24.33 -14.20
N LEU B 562 29.83 25.28 -15.14
CA LEU B 562 30.96 26.14 -15.47
C LEU B 562 30.71 27.59 -15.07
N ASP B 563 30.02 27.78 -13.95
CA ASP B 563 29.74 29.13 -13.44
C ASP B 563 30.91 29.57 -12.58
N GLY B 564 31.92 30.12 -13.24
CA GLY B 564 33.13 30.58 -12.58
C GLY B 564 34.04 29.42 -12.21
N ALA B 565 35.27 29.78 -11.85
CA ALA B 565 36.31 28.80 -11.48
C ALA B 565 36.53 27.89 -12.70
N THR B 566 36.77 26.59 -12.49
CA THR B 566 36.99 25.65 -13.59
C THR B 566 38.22 26.04 -14.42
N LEU B 567 39.35 26.19 -13.71
CA LEU B 567 40.65 26.43 -14.33
C LEU B 567 41.36 25.10 -14.46
N HIS B 568 41.51 24.62 -15.70
CA HIS B 568 42.08 23.30 -15.96
C HIS B 568 43.60 23.39 -15.95
N THR B 569 44.22 22.85 -14.90
CA THR B 569 45.68 22.83 -14.79
C THR B 569 46.19 21.58 -15.49
N ASN B 570 46.76 21.75 -16.68
CA ASN B 570 47.19 20.61 -17.48
C ASN B 570 48.56 20.10 -17.04
N ALA B 571 49.59 20.93 -17.17
CA ALA B 571 50.96 20.53 -16.89
C ALA B 571 51.57 21.27 -15.71
N SER B 572 51.73 22.59 -15.81
CA SER B 572 52.25 23.41 -14.71
C SER B 572 51.25 24.46 -14.25
N ALA B 573 50.85 25.38 -15.13
CA ALA B 573 49.81 26.34 -14.81
C ALA B 573 49.22 27.01 -16.05
N PRO B 574 48.53 26.28 -16.93
CA PRO B 574 47.75 26.94 -17.98
C PRO B 574 46.37 27.34 -17.46
N ALA B 575 45.63 28.05 -18.31
CA ALA B 575 44.29 28.51 -17.94
C ALA B 575 43.49 28.77 -19.21
N LEU B 576 42.53 27.90 -19.51
CA LEU B 576 41.62 28.16 -20.61
C LEU B 576 40.80 29.41 -20.34
N ALA B 577 40.34 29.57 -19.10
CA ALA B 577 39.70 30.80 -18.63
C ALA B 577 38.43 31.12 -19.43
N GLY B 578 37.45 30.24 -19.30
CA GLY B 578 36.11 30.55 -19.79
C GLY B 578 35.80 30.10 -21.20
N GLU B 579 35.97 31.02 -22.16
CA GLU B 579 35.41 30.84 -23.50
C GLU B 579 35.97 29.59 -24.19
N ALA B 580 37.27 29.36 -24.07
CA ALA B 580 37.87 28.19 -24.71
C ALA B 580 37.30 26.89 -24.15
N LEU B 581 37.21 26.80 -22.83
CA LEU B 581 36.66 25.60 -22.20
C LEU B 581 35.21 25.40 -22.58
N GLU B 582 34.42 26.47 -22.57
CA GLU B 582 33.00 26.36 -22.93
C GLU B 582 32.83 25.94 -24.38
N LYS B 583 33.64 26.49 -25.28
CA LYS B 583 33.57 26.08 -26.68
C LYS B 583 33.94 24.61 -26.85
N LEU B 584 34.99 24.16 -26.16
CA LEU B 584 35.38 22.76 -26.25
C LEU B 584 34.28 21.84 -25.73
N VAL B 585 33.67 22.22 -24.60
CA VAL B 585 32.60 21.39 -24.03
C VAL B 585 31.40 21.36 -24.97
N SER B 586 31.05 22.50 -25.57
CA SER B 586 29.92 22.53 -26.49
C SER B 586 30.20 21.65 -27.71
N GLU B 587 31.41 21.72 -28.26
CA GLU B 587 31.75 20.87 -29.40
C GLU B 587 31.70 19.40 -29.01
N TYR B 588 32.19 19.06 -27.83
CA TYR B 588 32.15 17.68 -27.38
C TYR B 588 30.71 17.19 -27.23
N ASN B 589 29.83 18.04 -26.69
CA ASN B 589 28.43 17.66 -26.56
C ASN B 589 27.77 17.49 -27.93
N ALA B 590 28.09 18.37 -28.88
CA ALA B 590 27.54 18.25 -30.22
C ALA B 590 27.99 16.94 -30.87
N THR B 591 29.27 16.59 -30.73
CA THR B 591 29.76 15.33 -31.26
C THR B 591 29.12 14.14 -30.55
N GLN B 592 28.88 14.26 -29.25
CA GLN B 592 28.19 13.19 -28.52
C GLN B 592 26.78 13.00 -29.04
N LYS B 593 26.06 14.09 -29.32
CA LYS B 593 24.72 13.97 -29.89
C LYS B 593 24.77 13.36 -31.28
N MET B 594 25.74 13.77 -32.09
CA MET B 594 25.91 13.18 -33.41
C MET B 594 26.18 11.68 -33.34
N ILE B 595 26.94 11.26 -32.32
CA ILE B 595 27.21 9.84 -32.13
C ILE B 595 25.95 9.12 -31.67
N ASN B 596 25.17 9.73 -30.78
CA ASN B 596 23.99 9.09 -30.25
C ASN B 596 22.92 8.89 -31.32
N ARG B 597 22.73 9.88 -32.19
CA ARG B 597 21.71 9.73 -33.24
C ARG B 597 22.05 8.62 -34.21
N MET B 598 23.34 8.35 -34.43
CA MET B 598 23.79 7.25 -35.27
C MET B 598 24.17 6.01 -34.45
N GLU B 599 23.61 5.88 -33.24
CA GLU B 599 24.02 4.80 -32.35
C GLU B 599 23.56 3.44 -32.87
N ARG B 600 22.51 3.39 -33.69
CA ARG B 600 21.95 2.10 -34.10
C ARG B 600 22.92 1.33 -34.99
N ARG B 601 23.64 2.02 -35.87
CA ARG B 601 24.41 1.35 -36.91
C ARG B 601 25.80 0.90 -36.46
N TYR B 602 26.30 1.38 -35.32
CA TYR B 602 27.63 1.02 -34.83
C TYR B 602 27.59 0.91 -33.31
N PRO B 603 28.55 0.20 -32.71
CA PRO B 603 28.63 0.20 -31.25
C PRO B 603 29.06 1.55 -30.70
N LYS B 604 28.69 1.79 -29.45
CA LYS B 604 29.08 3.03 -28.77
C LYS B 604 30.58 3.05 -28.49
N ALA B 605 31.14 1.92 -28.08
CA ALA B 605 32.54 1.88 -27.67
C ALA B 605 33.46 2.20 -28.84
N MET B 606 33.17 1.67 -30.02
CA MET B 606 34.02 1.92 -31.18
C MET B 606 34.04 3.40 -31.53
N LEU B 607 32.87 4.04 -31.54
CA LEU B 607 32.81 5.46 -31.86
C LEU B 607 33.48 6.30 -30.78
N LYS B 608 33.32 5.91 -29.51
CA LYS B 608 33.95 6.67 -28.43
C LYS B 608 35.46 6.53 -28.44
N GLU B 609 35.98 5.39 -28.91
CA GLU B 609 37.42 5.16 -28.92
C GLU B 609 38.10 5.68 -30.18
N LEU B 610 37.41 5.68 -31.32
CA LEU B 610 38.03 6.12 -32.57
C LEU B 610 38.42 7.59 -32.54
N ILE B 611 37.75 8.40 -31.71
CA ILE B 611 38.07 9.83 -31.66
C ILE B 611 39.47 10.04 -31.10
N TYR B 612 39.89 9.22 -30.15
CA TYR B 612 41.25 9.34 -29.60
C TYR B 612 42.29 8.84 -30.59
N GLN B 613 41.94 7.86 -31.41
CA GLN B 613 42.89 7.33 -32.38
C GLN B 613 43.18 8.37 -33.46
N PRO B 614 44.34 8.30 -34.12
CA PRO B 614 44.63 9.28 -35.18
C PRO B 614 43.83 9.01 -36.44
N THR B 615 44.07 9.78 -37.49
CA THR B 615 43.39 9.56 -38.76
C THR B 615 43.77 8.21 -39.33
N LEU B 616 42.98 7.75 -40.31
CA LEU B 616 43.25 6.46 -40.93
C LEU B 616 44.60 6.44 -41.65
N THR B 617 45.04 7.58 -42.18
CA THR B 617 46.28 7.67 -42.95
C THR B 617 46.23 6.75 -44.16
N GLU B 618 45.28 7.04 -45.06
CA GLU B 618 45.15 6.25 -46.28
C GLU B 618 46.27 6.53 -47.28
N ALA B 619 47.00 7.64 -47.11
CA ALA B 619 48.05 7.98 -48.07
C ALA B 619 49.16 6.94 -48.08
N ASP B 620 49.61 6.50 -46.91
CA ASP B 620 50.64 5.48 -46.79
C ASP B 620 50.07 4.07 -46.64
N LEU B 621 48.77 3.89 -46.90
CA LEU B 621 48.16 2.57 -46.79
C LEU B 621 48.76 1.63 -47.84
N SER B 622 48.84 0.35 -47.49
CA SER B 622 49.38 -0.66 -48.38
C SER B 622 48.73 -2.00 -48.06
N ASP B 623 48.88 -2.95 -48.99
CA ASP B 623 48.27 -4.25 -48.81
C ASP B 623 48.86 -5.02 -47.64
N GLU B 624 50.11 -4.72 -47.27
CA GLU B 624 50.80 -5.44 -46.21
C GLU B 624 51.63 -4.48 -45.38
N GLN B 625 51.75 -4.80 -44.09
CA GLN B 625 52.65 -4.17 -43.12
C GLN B 625 52.21 -2.78 -42.67
N THR B 626 51.14 -2.22 -43.22
CA THR B 626 50.61 -0.92 -42.81
C THR B 626 49.12 -0.94 -42.51
N VAL B 627 48.33 -1.70 -43.29
CA VAL B 627 46.90 -1.79 -43.03
C VAL B 627 46.66 -2.51 -41.72
N THR B 628 47.46 -3.52 -41.41
CA THR B 628 47.21 -4.33 -40.22
C THR B 628 47.51 -3.57 -38.94
N ARG B 629 48.50 -2.66 -38.97
CA ARG B 629 48.94 -1.99 -37.75
C ARG B 629 47.83 -1.14 -37.15
N TRP B 630 47.11 -0.38 -37.98
CA TRP B 630 46.06 0.50 -37.48
C TRP B 630 44.95 -0.29 -36.80
N VAL B 631 44.45 -1.33 -37.47
CA VAL B 631 43.37 -2.13 -36.92
C VAL B 631 43.84 -2.87 -35.67
N ASN B 632 45.09 -3.35 -35.67
CA ASN B 632 45.60 -4.04 -34.49
C ASN B 632 45.70 -3.09 -33.30
N ALA B 633 46.15 -1.85 -33.53
CA ALA B 633 46.20 -0.88 -32.46
C ALA B 633 44.81 -0.56 -31.93
N LEU B 634 43.84 -0.41 -32.83
CA LEU B 634 42.47 -0.14 -32.40
C LEU B 634 41.92 -1.30 -31.57
N VAL B 635 42.14 -2.53 -32.01
CA VAL B 635 41.63 -3.68 -31.28
C VAL B 635 42.33 -3.83 -29.94
N SER B 636 43.62 -3.52 -29.88
CA SER B 636 44.33 -3.55 -28.60
C SER B 636 43.78 -2.51 -27.64
N GLU B 637 43.54 -1.29 -28.13
CA GLU B 637 42.99 -0.24 -27.27
C GLU B 637 41.54 -0.49 -26.88
N LEU B 638 40.82 -1.31 -27.64
CA LEU B 638 39.45 -1.65 -27.26
C LEU B 638 39.40 -2.83 -26.29
N ASN B 639 40.28 -3.82 -26.48
CA ASN B 639 40.22 -5.02 -25.64
C ASN B 639 40.56 -4.72 -24.19
N ASP B 640 41.53 -3.84 -23.96
CA ASP B 640 41.98 -3.54 -22.60
C ASP B 640 41.03 -2.65 -21.82
N LYS B 641 39.86 -2.29 -22.39
CA LYS B 641 38.80 -1.57 -21.69
C LYS B 641 37.51 -2.37 -21.91
N GLU B 642 37.30 -3.36 -21.05
CA GLU B 642 36.14 -4.24 -21.14
C GLU B 642 35.62 -4.53 -19.74
N GLN B 643 34.30 -4.58 -19.61
CA GLN B 643 33.65 -4.90 -18.34
C GLN B 643 32.44 -5.81 -18.48
N HIS B 644 32.12 -6.30 -19.69
CA HIS B 644 30.95 -7.13 -19.93
C HIS B 644 31.30 -8.36 -20.75
N GLY B 645 32.54 -8.84 -20.63
CA GLY B 645 32.95 -10.05 -21.33
C GLY B 645 32.91 -9.93 -22.84
N SER B 646 33.29 -8.77 -23.38
CA SER B 646 33.34 -8.59 -24.82
C SER B 646 34.68 -9.08 -25.37
N GLN B 647 34.71 -9.32 -26.68
CA GLN B 647 35.93 -9.71 -27.36
C GLN B 647 35.93 -9.13 -28.77
N TRP B 648 37.03 -8.49 -29.14
CA TRP B 648 37.20 -7.83 -30.43
C TRP B 648 38.21 -8.61 -31.26
N LYS B 649 37.84 -8.93 -32.51
CA LYS B 649 38.74 -9.57 -33.47
C LYS B 649 38.65 -8.79 -34.77
N PHE B 650 39.61 -9.01 -35.66
CA PHE B 650 39.71 -8.22 -36.87
C PHE B 650 40.26 -9.05 -38.03
N ASP B 651 39.97 -8.58 -39.24
CA ASP B 651 40.52 -9.11 -40.47
C ASP B 651 40.42 -8.02 -41.52
N VAL B 652 41.21 -8.17 -42.58
CA VAL B 652 41.26 -7.19 -43.67
C VAL B 652 41.14 -7.92 -44.99
N HIS B 653 40.75 -7.17 -46.03
CA HIS B 653 40.65 -7.74 -47.37
C HIS B 653 40.96 -6.65 -48.39
N THR B 654 41.15 -7.09 -49.64
CA THR B 654 41.56 -6.19 -50.71
C THR B 654 40.72 -6.50 -51.95
N ASN B 655 40.48 -5.45 -52.75
CA ASN B 655 39.69 -5.54 -53.97
C ASN B 655 40.35 -4.81 -55.13
N ALA B 656 41.68 -4.80 -55.16
CA ALA B 656 42.53 -4.23 -56.20
C ALA B 656 42.52 -2.69 -56.23
N GLU B 657 41.76 -2.03 -55.35
CA GLU B 657 41.74 -0.58 -55.24
C GLU B 657 42.17 -0.08 -53.87
N GLN B 658 41.59 -0.65 -52.81
CA GLN B 658 41.90 -0.23 -51.45
C GLN B 658 41.80 -1.44 -50.53
N ASN B 659 42.44 -1.33 -49.37
CA ASN B 659 42.43 -2.38 -48.35
C ASN B 659 41.38 -2.02 -47.32
N LEU B 660 40.32 -2.81 -47.27
CA LEU B 660 39.16 -2.55 -46.42
C LEU B 660 39.22 -3.41 -45.16
N PHE B 661 38.66 -2.86 -44.08
CA PHE B 661 38.67 -3.51 -42.78
C PHE B 661 37.32 -4.17 -42.52
N GLU B 662 37.34 -5.34 -41.87
CA GLU B 662 36.13 -6.06 -41.47
C GLU B 662 36.25 -6.46 -40.00
N PRO B 663 36.24 -5.49 -39.08
CA PRO B 663 36.29 -5.83 -37.66
C PRO B 663 35.02 -6.52 -37.21
N ILE B 664 35.16 -7.32 -36.16
CA ILE B 664 34.04 -8.05 -35.55
C ILE B 664 34.19 -8.01 -34.04
N VAL B 665 33.05 -8.09 -33.34
CA VAL B 665 33.00 -8.08 -31.89
C VAL B 665 31.93 -9.05 -31.45
N ARG B 666 32.15 -9.67 -30.28
CA ARG B 666 31.21 -10.62 -29.70
C ARG B 666 31.05 -10.34 -28.21
N VAL B 667 29.79 -10.38 -27.75
CA VAL B 667 29.49 -10.20 -26.33
C VAL B 667 28.14 -10.83 -26.01
N ARG B 668 28.12 -11.63 -24.94
CA ARG B 668 26.92 -12.34 -24.44
C ARG B 668 26.09 -12.95 -25.55
N THR B 669 26.76 -13.68 -26.44
CA THR B 669 26.10 -14.37 -27.53
C THR B 669 27.08 -15.30 -28.21
N HIS B 670 26.58 -16.47 -28.61
CA HIS B 670 27.39 -17.40 -29.41
C HIS B 670 27.40 -17.07 -30.89
N GLY B 671 26.50 -16.19 -31.34
CA GLY B 671 26.51 -15.73 -32.71
C GLY B 671 27.52 -14.62 -32.94
N VAL B 672 27.59 -14.17 -34.19
CA VAL B 672 28.52 -13.12 -34.57
C VAL B 672 27.94 -12.39 -35.78
N ASP B 673 28.09 -11.06 -35.80
CA ASP B 673 27.61 -10.28 -36.93
C ASP B 673 28.37 -10.61 -38.20
N THR B 674 29.64 -10.99 -38.08
CA THR B 674 30.55 -11.41 -39.13
C THR B 674 31.14 -10.21 -39.89
N ASP B 675 30.67 -8.99 -39.66
CA ASP B 675 31.23 -7.85 -40.36
C ASP B 675 30.78 -6.55 -39.71
N TYR B 676 31.73 -5.64 -39.55
CA TYR B 676 31.44 -4.21 -39.31
C TYR B 676 32.30 -3.44 -40.29
N PRO B 677 31.99 -3.52 -41.59
CA PRO B 677 32.96 -3.11 -42.61
C PRO B 677 33.28 -1.63 -42.58
N LEU B 678 34.53 -1.32 -42.89
CA LEU B 678 35.01 0.05 -43.08
C LEU B 678 35.80 0.09 -44.37
N ASP B 679 35.47 1.06 -45.23
CA ASP B 679 36.05 1.15 -46.56
C ASP B 679 36.15 2.63 -46.93
N HIS B 680 36.37 2.91 -48.21
CA HIS B 680 36.54 4.30 -48.65
C HIS B 680 35.31 5.14 -48.39
N GLU B 681 34.12 4.53 -48.37
CA GLU B 681 32.89 5.29 -48.19
C GLU B 681 32.85 5.96 -46.82
N PHE B 682 33.25 5.25 -45.76
CA PHE B 682 33.17 5.81 -44.42
C PHE B 682 34.21 6.91 -44.23
N ILE B 683 35.45 6.65 -44.62
CA ILE B 683 36.50 7.66 -44.44
C ILE B 683 36.22 8.89 -45.29
N THR B 684 35.56 8.72 -46.45
CA THR B 684 35.20 9.87 -47.26
C THR B 684 34.09 10.71 -46.63
N GLY B 685 33.36 10.17 -45.66
CA GLY B 685 32.29 10.91 -45.04
C GLY B 685 32.77 12.04 -44.15
N GLY B 686 31.90 13.02 -43.94
CA GLY B 686 32.22 14.15 -43.09
C GLY B 686 32.14 13.87 -41.60
N GLU B 687 31.42 12.83 -41.21
CA GLU B 687 31.30 12.48 -39.80
C GLU B 687 32.66 12.12 -39.23
N TYR B 688 33.40 11.24 -39.91
CA TYR B 688 34.74 10.90 -39.46
C TYR B 688 35.67 12.10 -39.53
N ARG B 689 35.44 13.00 -40.49
CA ARG B 689 36.26 14.21 -40.56
C ARG B 689 36.10 15.07 -39.32
N ARG B 690 34.86 15.32 -38.90
CA ARG B 690 34.65 16.12 -37.69
C ARG B 690 35.10 15.36 -36.44
N ILE B 691 34.95 14.03 -36.43
CA ILE B 691 35.43 13.24 -35.30
C ILE B 691 36.94 13.41 -35.15
N CYS B 692 37.68 13.31 -36.26
CA CYS B 692 39.12 13.51 -36.21
C CYS B 692 39.47 14.95 -35.87
N THR B 693 38.67 15.92 -36.34
CA THR B 693 38.92 17.31 -36.01
C THR B 693 38.83 17.55 -34.51
N LEU B 694 37.80 17.00 -33.87
CA LEU B 694 37.70 17.11 -32.42
C LEU B 694 38.81 16.32 -31.73
N GLY B 695 39.14 15.14 -32.25
CA GLY B 695 40.18 14.34 -31.63
C GLY B 695 41.55 14.96 -31.70
N GLU B 696 41.77 15.85 -32.69
CA GLU B 696 43.04 16.56 -32.76
C GLU B 696 43.28 17.38 -31.50
N LYS B 697 42.24 18.05 -31.00
CA LYS B 697 42.35 18.76 -29.74
C LYS B 697 42.31 17.80 -28.55
N LEU B 698 41.50 16.75 -28.65
CA LEU B 698 41.33 15.79 -27.56
C LEU B 698 42.40 14.73 -27.67
N ARG B 699 43.52 14.95 -26.98
CA ARG B 699 44.64 14.00 -26.94
C ARG B 699 45.12 13.90 -25.50
N GLY B 700 46.18 13.13 -25.30
CA GLY B 700 46.76 12.97 -23.98
C GLY B 700 47.56 14.18 -23.54
N LEU B 701 46.86 15.31 -23.37
CA LEU B 701 47.53 16.55 -22.99
C LEU B 701 47.93 16.56 -21.52
N LEU B 702 47.31 15.72 -20.68
CA LEU B 702 47.61 15.73 -19.26
C LEU B 702 48.98 15.13 -19.00
N GLU B 703 49.79 15.82 -18.20
CA GLU B 703 51.08 15.31 -17.77
C GLU B 703 50.89 14.45 -16.53
N GLU B 704 51.99 14.12 -15.85
CA GLU B 704 51.88 13.34 -14.62
C GLU B 704 51.08 14.09 -13.56
N ASP B 705 51.29 15.40 -13.46
CA ASP B 705 50.55 16.25 -12.53
C ASP B 705 49.49 17.03 -13.29
N ALA B 706 48.27 17.00 -12.77
CA ALA B 706 47.16 17.72 -13.39
C ALA B 706 46.00 17.75 -12.41
N PHE B 707 45.22 18.82 -12.47
CA PHE B 707 44.06 18.97 -11.61
C PHE B 707 43.20 20.12 -12.13
N ILE B 708 42.01 20.24 -11.56
CA ILE B 708 41.07 21.32 -11.87
C ILE B 708 40.87 22.14 -10.61
N GLU B 709 41.07 23.45 -10.72
CA GLU B 709 40.99 24.34 -9.57
C GLU B 709 39.52 24.70 -9.33
N ARG B 710 38.76 23.69 -8.91
CA ARG B 710 37.37 23.90 -8.54
C ARG B 710 37.29 24.71 -7.25
N GLY B 711 36.14 25.37 -7.06
CA GLY B 711 35.91 26.17 -5.87
C GLY B 711 36.16 25.43 -4.58
N GLU B 712 37.20 25.85 -3.85
CA GLU B 712 37.72 25.20 -2.64
C GLU B 712 37.78 23.67 -2.77
N ARG B 713 38.13 23.18 -3.96
CA ARG B 713 38.24 21.75 -4.20
C ARG B 713 39.31 21.50 -5.26
N ARG B 714 39.90 20.32 -5.23
CA ARG B 714 40.93 19.92 -6.19
C ARG B 714 40.92 18.40 -6.27
N GLN B 715 40.80 17.87 -7.49
CA GLN B 715 40.70 16.43 -7.74
C GLN B 715 41.71 16.04 -8.80
N PRO B 716 42.99 15.82 -8.42
CA PRO B 716 43.98 15.40 -9.42
C PRO B 716 43.78 13.97 -9.86
N VAL B 717 43.25 13.77 -11.07
CA VAL B 717 43.00 12.45 -11.63
C VAL B 717 43.10 12.54 -13.15
N ALA B 718 43.17 11.39 -13.80
CA ALA B 718 43.09 11.27 -15.25
C ALA B 718 41.64 10.97 -15.63
N SER B 719 41.42 10.62 -16.90
CA SER B 719 40.09 10.26 -17.40
C SER B 719 39.11 11.42 -17.22
N PHE B 720 39.35 12.46 -18.01
CA PHE B 720 38.61 13.73 -17.91
C PHE B 720 37.10 13.57 -17.94
N GLU B 721 36.59 12.46 -18.47
CA GLU B 721 35.15 12.20 -18.40
C GLU B 721 34.68 12.14 -16.96
N GLN B 722 35.41 11.41 -16.11
CA GLN B 722 35.05 11.35 -14.70
C GLN B 722 35.28 12.69 -14.02
N ALA B 723 36.23 13.49 -14.51
CA ALA B 723 36.39 14.84 -13.99
C ALA B 723 35.16 15.69 -14.28
N LEU B 724 34.61 15.57 -15.50
CA LEU B 724 33.36 16.28 -15.81
C LEU B 724 32.22 15.77 -14.95
N ASP B 725 32.17 14.46 -14.72
CA ASP B 725 31.14 13.92 -13.84
C ASP B 725 31.26 14.48 -12.43
N TRP B 726 32.48 14.59 -11.92
CA TRP B 726 32.69 15.17 -10.60
C TRP B 726 32.30 16.64 -10.57
N LEU B 727 32.59 17.38 -11.64
CA LEU B 727 32.15 18.77 -11.73
C LEU B 727 30.63 18.86 -11.69
N VAL B 728 29.95 17.97 -12.42
CA VAL B 728 28.49 17.97 -12.41
C VAL B 728 27.97 17.65 -11.02
N LYS B 729 28.59 16.68 -10.33
CA LYS B 729 28.19 16.34 -8.98
C LYS B 729 28.35 17.53 -8.04
N GLU B 730 29.46 18.27 -8.18
CA GLU B 730 29.66 19.47 -7.38
C GLU B 730 28.59 20.50 -7.68
N SER B 731 28.23 20.66 -8.96
CA SER B 731 27.20 21.63 -9.33
C SER B 731 25.85 21.27 -8.74
N ARG B 732 25.51 19.98 -8.75
CA ARG B 732 24.21 19.51 -8.27
C ARG B 732 24.18 19.28 -6.76
N ARG B 733 25.22 19.71 -6.03
CA ARG B 733 25.24 19.50 -4.59
C ARG B 733 24.10 20.25 -3.90
N GLY B 734 23.86 21.49 -4.30
CA GLY B 734 22.87 22.35 -3.68
C GLY B 734 21.77 22.77 -4.63
N LEU B 735 21.36 21.86 -5.51
CA LEU B 735 20.33 22.12 -6.51
C LEU B 735 19.17 21.14 -6.32
N SER B 736 17.95 21.66 -6.38
CA SER B 736 16.74 20.87 -6.25
C SER B 736 15.87 21.11 -7.48
N ILE B 737 15.29 20.03 -8.02
CA ILE B 737 14.53 20.05 -9.26
C ILE B 737 13.15 19.48 -8.99
N GLN B 738 12.14 20.07 -9.62
CA GLN B 738 10.78 19.55 -9.61
C GLN B 738 10.30 19.47 -11.05
N ARG B 739 9.62 18.37 -11.39
CA ARG B 739 9.12 18.12 -12.73
C ARG B 739 7.60 18.06 -12.66
N TYR B 740 6.93 19.08 -13.18
CA TYR B 740 5.48 19.12 -13.15
C TYR B 740 4.89 18.00 -14.00
N LYS B 741 3.90 17.32 -13.44
CA LYS B 741 3.19 16.27 -14.16
C LYS B 741 2.10 16.82 -15.06
N GLY B 742 1.57 18.00 -14.75
CA GLY B 742 0.55 18.62 -15.57
C GLY B 742 0.10 19.92 -14.96
N LEU B 743 -0.92 20.51 -15.58
CA LEU B 743 -1.45 21.78 -15.10
C LEU B 743 -2.13 21.66 -13.75
N GLY B 744 -2.62 20.47 -13.39
CA GLY B 744 -3.27 20.30 -12.10
C GLY B 744 -2.34 20.50 -10.93
N GLU B 745 -1.05 20.22 -11.12
CA GLU B 745 -0.09 20.39 -10.03
C GLU B 745 0.05 21.85 -9.63
N MET B 746 -0.01 22.76 -10.61
CA MET B 746 0.30 24.16 -10.36
C MET B 746 -0.85 24.84 -9.64
N ASN B 747 -0.53 25.58 -8.57
CA ASN B 747 -1.51 26.34 -7.82
C ASN B 747 -1.88 27.61 -8.59
N PRO B 748 -2.98 28.29 -8.21
CA PRO B 748 -3.44 29.45 -9.01
C PRO B 748 -2.43 30.57 -9.16
N GLU B 749 -1.62 30.83 -8.12
CA GLU B 749 -0.63 31.90 -8.23
C GLU B 749 0.42 31.58 -9.30
N GLN B 750 0.87 30.32 -9.34
CA GLN B 750 1.85 29.93 -10.35
C GLN B 750 1.29 30.08 -11.75
N LEU B 751 0.05 29.62 -11.96
CA LEU B 751 -0.58 29.75 -13.27
C LEU B 751 -0.76 31.21 -13.65
N TRP B 752 -1.12 32.06 -12.67
CA TRP B 752 -1.27 33.48 -12.96
C TRP B 752 0.05 34.10 -13.40
N GLU B 753 1.13 33.83 -12.66
CA GLU B 753 2.39 34.51 -12.93
C GLU B 753 3.16 33.91 -14.10
N THR B 754 2.85 32.68 -14.53
CA THR B 754 3.67 32.00 -15.53
C THR B 754 3.08 32.05 -16.94
N THR B 755 1.75 32.04 -17.08
CA THR B 755 1.10 31.98 -18.40
C THR B 755 0.03 33.05 -18.59
N MET B 756 -0.71 33.40 -17.55
CA MET B 756 -1.84 34.31 -17.67
C MET B 756 -1.49 35.77 -17.37
N ASP B 757 -0.24 36.07 -17.02
CA ASP B 757 0.15 37.43 -16.72
C ASP B 757 0.35 38.20 -18.02
N PRO B 758 -0.34 39.32 -18.26
CA PRO B 758 -0.15 40.03 -19.54
C PRO B 758 1.26 40.55 -19.77
N GLU B 759 2.04 40.76 -18.72
CA GLU B 759 3.35 41.42 -18.83
C GLU B 759 4.52 40.45 -18.71
N SER B 760 4.28 39.16 -18.45
CA SER B 760 5.36 38.18 -18.32
C SER B 760 5.03 36.84 -18.95
N ARG B 761 3.94 36.72 -19.71
CA ARG B 761 3.60 35.47 -20.37
C ARG B 761 4.35 35.36 -21.71
N ARG B 762 4.22 34.20 -22.33
CA ARG B 762 4.75 33.94 -23.66
C ARG B 762 3.74 33.12 -24.45
N MET B 763 3.55 33.47 -25.72
CA MET B 763 2.55 32.83 -26.55
C MET B 763 3.08 32.72 -27.97
N LEU B 764 2.28 32.09 -28.83
CA LEU B 764 2.56 31.96 -30.26
C LEU B 764 1.31 32.28 -31.05
N ARG B 765 1.49 32.97 -32.17
CA ARG B 765 0.40 33.34 -33.07
C ARG B 765 0.32 32.32 -34.20
N VAL B 766 -0.90 31.94 -34.57
CA VAL B 766 -1.15 30.97 -35.62
C VAL B 766 -1.51 31.73 -36.90
N THR B 767 -0.81 31.40 -37.99
CA THR B 767 -1.06 32.00 -39.30
C THR B 767 -0.91 30.92 -40.36
N VAL B 768 -1.49 31.19 -41.53
CA VAL B 768 -1.47 30.27 -42.66
C VAL B 768 -0.55 30.84 -43.73
N LYS B 769 0.41 30.03 -44.17
CA LYS B 769 1.34 30.43 -45.23
C LYS B 769 0.77 30.13 -46.61
N ASP B 770 0.28 28.91 -46.82
CA ASP B 770 -0.33 28.49 -48.08
C ASP B 770 -1.64 27.77 -47.78
N ALA B 771 -2.60 27.91 -48.69
CA ALA B 771 -3.92 27.33 -48.50
C ALA B 771 -4.00 25.91 -49.03
N ILE B 772 -3.56 25.68 -50.26
CA ILE B 772 -3.69 24.34 -50.86
C ILE B 772 -2.83 23.33 -50.11
N ALA B 773 -1.62 23.72 -49.70
CA ALA B 773 -0.77 22.80 -48.96
C ALA B 773 -1.39 22.43 -47.63
N ALA B 774 -1.94 23.42 -46.91
CA ALA B 774 -2.58 23.14 -45.64
C ALA B 774 -3.80 22.24 -45.82
N ASP B 775 -4.59 22.49 -46.87
CA ASP B 775 -5.76 21.65 -47.11
C ASP B 775 -5.36 20.22 -47.41
N GLN B 776 -4.33 20.03 -48.23
CA GLN B 776 -3.86 18.67 -48.53
C GLN B 776 -3.33 17.99 -47.28
N LEU B 777 -2.60 18.71 -46.44
CA LEU B 777 -2.08 18.12 -45.21
C LEU B 777 -3.22 17.70 -44.29
N PHE B 778 -4.24 18.55 -44.13
CA PHE B 778 -5.37 18.20 -43.28
C PHE B 778 -6.11 16.98 -43.82
N THR B 779 -6.33 16.94 -45.14
CA THR B 779 -7.02 15.78 -45.71
C THR B 779 -6.20 14.52 -45.55
N THR B 780 -4.88 14.61 -45.67
CA THR B 780 -4.03 13.43 -45.55
C THR B 780 -4.01 12.91 -44.12
N LEU B 781 -3.81 13.79 -43.14
CA LEU B 781 -3.62 13.33 -41.77
C LEU B 781 -4.96 13.04 -41.08
N MET B 782 -5.88 14.01 -41.10
CA MET B 782 -7.11 13.92 -40.34
C MET B 782 -8.27 13.30 -41.13
N GLY B 783 -8.04 12.84 -42.35
CA GLY B 783 -9.07 12.19 -43.12
C GLY B 783 -9.32 10.76 -42.65
N ASP B 784 -10.19 10.07 -43.39
CA ASP B 784 -10.59 8.70 -43.09
C ASP B 784 -10.09 7.73 -44.16
N ALA B 785 -8.89 7.98 -44.68
CA ALA B 785 -8.20 7.08 -45.61
C ALA B 785 -6.93 6.61 -44.92
N VAL B 786 -6.90 5.34 -44.53
CA VAL B 786 -5.83 4.85 -43.66
C VAL B 786 -4.51 4.76 -44.40
N GLU B 787 -4.53 4.32 -45.66
CA GLU B 787 -3.29 4.02 -46.36
C GLU B 787 -2.42 5.25 -46.58
N PRO B 788 -2.94 6.42 -47.02
CA PRO B 788 -2.08 7.61 -47.08
C PRO B 788 -1.47 7.98 -45.74
N ARG B 789 -2.24 7.86 -44.65
CA ARG B 789 -1.70 8.18 -43.34
C ARG B 789 -0.58 7.23 -42.95
N ARG B 790 -0.76 5.94 -43.21
CA ARG B 790 0.29 4.97 -42.92
C ARG B 790 1.55 5.26 -43.73
N ALA B 791 1.38 5.57 -45.02
CA ALA B 791 2.53 5.88 -45.85
C ALA B 791 3.25 7.14 -45.37
N PHE B 792 2.49 8.16 -44.97
CA PHE B 792 3.10 9.39 -44.48
C PHE B 792 3.86 9.15 -43.17
N ILE B 793 3.30 8.35 -42.28
CA ILE B 793 4.00 8.06 -41.02
C ILE B 793 5.25 7.23 -41.28
N GLU B 794 5.18 6.29 -42.23
CA GLU B 794 6.34 5.48 -42.54
C GLU B 794 7.46 6.32 -43.18
N GLU B 795 7.09 7.24 -44.07
CA GLU B 795 8.09 8.03 -44.78
C GLU B 795 8.88 8.91 -43.83
N ASN B 796 8.20 9.56 -42.89
CA ASN B 796 8.83 10.40 -41.88
C ASN B 796 9.23 9.62 -40.63
N ALA B 797 9.41 8.30 -40.75
CA ALA B 797 9.80 7.47 -39.63
C ALA B 797 11.30 7.62 -39.40
N LEU B 798 11.89 6.74 -38.59
CA LEU B 798 13.30 6.86 -38.23
C LEU B 798 14.21 6.73 -39.44
N LYS B 799 13.77 6.10 -40.52
CA LYS B 799 14.61 5.96 -41.71
C LYS B 799 14.92 7.33 -42.31
N ALA B 800 13.93 8.21 -42.40
CA ALA B 800 14.18 9.56 -42.88
C ALA B 800 14.90 10.41 -41.84
N ALA B 801 14.76 10.07 -40.56
CA ALA B 801 15.46 10.79 -39.52
C ALA B 801 16.96 10.52 -39.51
N ASN B 802 17.40 9.41 -40.12
CA ASN B 802 18.82 9.08 -40.20
C ASN B 802 19.47 9.92 -41.30
N ILE B 803 19.67 11.19 -40.99
CA ILE B 803 20.20 12.15 -41.96
C ILE B 803 21.71 11.95 -42.04
N ASP B 804 22.20 11.67 -43.25
CA ASP B 804 23.63 11.44 -43.49
C ASP B 804 24.34 12.71 -43.95
N ILE B 805 23.83 13.89 -43.59
CA ILE B 805 24.54 15.13 -43.88
C ILE B 805 25.84 15.19 -43.11
N GLU B 806 25.86 14.65 -41.88
CA GLU B 806 27.07 14.58 -41.05
C GLU B 806 27.57 15.99 -40.74
N ASN B 807 26.65 16.93 -40.54
CA ASN B 807 27.01 18.30 -40.21
C ASN B 807 25.80 19.04 -39.67
N ILE C 8 -37.69 -23.32 9.73
CA ILE C 8 -38.14 -21.92 9.96
C ILE C 8 -38.44 -21.72 11.43
N THR C 9 -37.41 -21.37 12.19
CA THR C 9 -37.58 -21.19 13.63
C THR C 9 -38.23 -19.82 13.88
N PRO C 10 -39.39 -19.75 14.56
CA PRO C 10 -39.97 -18.44 14.87
C PRO C 10 -39.18 -17.74 15.96
N VAL C 11 -39.34 -16.41 15.99
CA VAL C 11 -38.65 -15.56 16.96
C VAL C 11 -39.56 -14.41 17.34
N ASN C 12 -39.51 -14.01 18.61
CA ASN C 12 -40.30 -12.89 19.09
C ASN C 12 -39.68 -11.57 18.66
N ILE C 13 -40.53 -10.60 18.34
CA ILE C 13 -40.05 -9.29 17.90
C ILE C 13 -39.40 -8.55 19.07
N GLU C 14 -39.94 -8.72 20.29
CA GLU C 14 -39.46 -7.95 21.43
C GLU C 14 -38.01 -8.27 21.76
N GLU C 15 -37.67 -9.56 21.80
CA GLU C 15 -36.30 -9.93 22.14
C GLU C 15 -35.32 -9.48 21.08
N GLU C 16 -35.70 -9.60 19.80
CA GLU C 16 -34.84 -9.13 18.72
C GLU C 16 -34.57 -7.64 18.86
N LEU C 17 -35.63 -6.84 19.05
CA LEU C 17 -35.46 -5.40 19.19
C LEU C 17 -34.58 -5.06 20.38
N LYS C 18 -34.85 -5.70 21.52
CA LYS C 18 -34.10 -5.39 22.73
C LYS C 18 -32.62 -5.71 22.57
N SER C 19 -32.31 -6.93 22.13
CA SER C 19 -30.90 -7.32 21.99
C SER C 19 -30.18 -6.46 20.97
N SER C 20 -30.80 -6.22 19.81
CA SER C 20 -30.16 -5.44 18.77
C SER C 20 -29.87 -4.01 19.24
N TYR C 21 -30.87 -3.35 19.81
CA TYR C 21 -30.67 -1.96 20.21
C TYR C 21 -29.69 -1.85 21.37
N LEU C 22 -29.74 -2.78 22.32
CA LEU C 22 -28.79 -2.73 23.43
C LEU C 22 -27.36 -2.92 22.94
N ASP C 23 -27.15 -3.88 22.02
CA ASP C 23 -25.81 -4.09 21.48
C ASP C 23 -25.31 -2.84 20.78
N TYR C 24 -26.15 -2.24 19.93
CA TYR C 24 -25.74 -1.04 19.20
C TYR C 24 -25.43 0.11 20.15
N ALA C 25 -26.29 0.32 21.15
CA ALA C 25 -26.09 1.43 22.08
C ALA C 25 -24.81 1.26 22.88
N MET C 26 -24.56 0.06 23.40
CA MET C 26 -23.34 -0.15 24.17
C MET C 26 -22.10 0.03 23.31
N SER C 27 -22.12 -0.49 22.08
CA SER C 27 -20.96 -0.33 21.20
C SER C 27 -20.70 1.13 20.90
N VAL C 28 -21.75 1.90 20.62
CA VAL C 28 -21.55 3.31 20.32
C VAL C 28 -21.07 4.07 21.54
N ILE C 29 -21.57 3.72 22.73
CA ILE C 29 -21.18 4.44 23.94
C ILE C 29 -19.71 4.20 24.25
N VAL C 30 -19.26 2.94 24.22
CA VAL C 30 -17.91 2.61 24.70
C VAL C 30 -16.90 2.44 23.58
N GLY C 31 -17.26 2.69 22.31
CA GLY C 31 -16.36 2.47 21.19
C GLY C 31 -16.29 3.54 20.14
N ARG C 32 -17.20 4.52 20.14
CA ARG C 32 -17.32 5.49 19.07
C ARG C 32 -17.16 6.94 19.51
N ALA C 33 -17.91 7.37 20.53
CA ALA C 33 -18.11 8.79 20.79
C ALA C 33 -17.32 9.32 21.97
N LEU C 34 -17.48 8.73 23.15
CA LEU C 34 -16.89 9.34 24.33
C LEU C 34 -15.38 9.08 24.39
N PRO C 35 -14.60 10.00 24.97
CA PRO C 35 -13.16 9.79 25.09
C PRO C 35 -12.79 9.12 26.42
N ASP C 36 -11.51 8.77 26.52
CA ASP C 36 -10.95 8.20 27.74
C ASP C 36 -10.34 9.32 28.58
N VAL C 37 -10.61 9.29 29.89
CA VAL C 37 -10.21 10.40 30.76
C VAL C 37 -8.69 10.51 30.85
N ARG C 38 -7.98 9.38 30.78
CA ARG C 38 -6.54 9.40 31.02
C ARG C 38 -5.79 10.12 29.91
N ASP C 39 -6.18 9.93 28.64
CA ASP C 39 -5.50 10.55 27.51
C ASP C 39 -6.42 11.35 26.59
N GLY C 40 -7.74 11.28 26.77
CA GLY C 40 -8.63 12.15 26.02
C GLY C 40 -8.69 11.89 24.54
N LEU C 41 -8.36 10.68 24.09
CA LEU C 41 -8.39 10.31 22.68
C LEU C 41 -9.46 9.27 22.45
N LYS C 42 -10.27 9.47 21.41
CA LYS C 42 -11.21 8.45 20.98
C LYS C 42 -10.44 7.32 20.31
N PRO C 43 -11.07 6.15 20.13
CA PRO C 43 -10.33 5.02 19.53
C PRO C 43 -9.77 5.29 18.15
N VAL C 44 -10.48 6.06 17.32
CA VAL C 44 -9.99 6.33 15.97
C VAL C 44 -8.72 7.16 16.01
N HIS C 45 -8.66 8.15 16.91
CA HIS C 45 -7.44 8.95 17.04
C HIS C 45 -6.25 8.09 17.47
N ARG C 46 -6.47 7.22 18.45
CA ARG C 46 -5.39 6.35 18.92
C ARG C 46 -4.91 5.44 17.81
N ARG C 47 -5.84 4.84 17.07
CA ARG C 47 -5.45 3.94 15.99
C ARG C 47 -4.70 4.68 14.88
N VAL C 48 -5.14 5.89 14.53
CA VAL C 48 -4.46 6.67 13.50
C VAL C 48 -3.04 6.99 13.93
N LEU C 49 -2.88 7.45 15.18
CA LEU C 49 -1.55 7.81 15.65
C LEU C 49 -0.64 6.60 15.72
N TYR C 50 -1.15 5.46 16.18
CA TYR C 50 -0.33 4.25 16.25
C TYR C 50 0.09 3.79 14.85
N ALA C 51 -0.84 3.83 13.89
CA ALA C 51 -0.50 3.42 12.53
C ALA C 51 0.54 4.34 11.93
N MET C 52 0.41 5.66 12.15
CA MET C 52 1.41 6.59 11.63
C MET C 52 2.76 6.41 12.32
N ASN C 53 2.76 5.98 13.58
CA ASN C 53 4.04 5.78 14.28
C ASN C 53 4.74 4.53 13.82
N VAL C 54 3.99 3.45 13.56
CA VAL C 54 4.62 2.19 13.17
C VAL C 54 5.30 2.32 11.82
N LEU C 55 4.75 3.10 10.90
CA LEU C 55 5.34 3.28 9.59
C LEU C 55 6.63 4.08 9.62
N GLY C 56 6.98 4.70 10.75
CA GLY C 56 8.18 5.52 10.81
C GLY C 56 8.02 6.88 10.17
N ASN C 57 6.81 7.44 10.20
CA ASN C 57 6.54 8.75 9.61
C ASN C 57 6.80 9.84 10.67
N ASP C 58 8.08 10.01 10.98
CA ASP C 58 8.48 10.91 12.05
C ASP C 58 8.35 12.37 11.61
N TRP C 59 8.68 13.27 12.52
CA TRP C 59 8.53 14.71 12.30
C TRP C 59 9.70 15.36 11.59
N ASN C 60 10.79 14.63 11.34
CA ASN C 60 11.97 15.13 10.65
C ASN C 60 12.34 14.20 9.50
N LYS C 61 11.33 13.82 8.71
CA LYS C 61 11.51 12.97 7.55
C LYS C 61 10.59 13.47 6.44
N ALA C 62 10.68 12.82 5.28
CA ALA C 62 9.89 13.22 4.13
C ALA C 62 8.41 12.92 4.36
N TYR C 63 7.56 13.65 3.65
CA TYR C 63 6.12 13.47 3.76
C TYR C 63 5.68 12.17 3.09
N LYS C 64 4.44 11.78 3.37
CA LYS C 64 3.77 10.67 2.70
C LYS C 64 2.36 11.10 2.32
N LYS C 65 1.81 10.45 1.30
CA LYS C 65 0.48 10.78 0.85
C LYS C 65 -0.57 10.32 1.86
N SER C 66 -1.71 11.02 1.86
CA SER C 66 -2.78 10.67 2.78
C SER C 66 -3.38 9.31 2.46
N ALA C 67 -3.47 8.96 1.17
CA ALA C 67 -4.15 7.73 0.77
C ALA C 67 -3.45 6.50 1.33
N ARG C 68 -2.11 6.50 1.33
CA ARG C 68 -1.37 5.36 1.86
C ARG C 68 -1.67 5.15 3.34
N VAL C 69 -1.61 6.22 4.13
CA VAL C 69 -1.85 6.11 5.56
C VAL C 69 -3.29 5.67 5.83
N VAL C 70 -4.25 6.26 5.10
CA VAL C 70 -5.65 5.92 5.30
C VAL C 70 -5.89 4.45 4.95
N GLY C 71 -5.31 3.99 3.85
CA GLY C 71 -5.45 2.58 3.49
C GLY C 71 -4.85 1.66 4.52
N ASP C 72 -3.68 2.00 5.05
CA ASP C 72 -3.07 1.17 6.08
C ASP C 72 -3.93 1.11 7.33
N VAL C 73 -4.48 2.26 7.74
CA VAL C 73 -5.33 2.29 8.93
C VAL C 73 -6.58 1.45 8.71
N ILE C 74 -7.21 1.57 7.54
CA ILE C 74 -8.43 0.82 7.28
C ILE C 74 -8.14 -0.68 7.23
N GLY C 75 -7.06 -1.07 6.54
CA GLY C 75 -6.78 -2.48 6.38
C GLY C 75 -6.37 -3.16 7.68
N LYS C 76 -5.56 -2.48 8.49
CA LYS C 76 -4.93 -3.14 9.64
C LYS C 76 -5.79 -3.09 10.91
N TYR C 77 -6.26 -1.91 11.29
CA TYR C 77 -6.83 -1.68 12.62
C TYR C 77 -8.30 -1.28 12.61
N HIS C 78 -8.72 -0.42 11.69
CA HIS C 78 -10.04 0.23 11.75
C HIS C 78 -10.93 -0.29 10.64
N PRO C 79 -11.85 -1.25 10.90
CA PRO C 79 -12.69 -1.76 9.81
C PRO C 79 -13.91 -0.88 9.54
N HIS C 80 -13.67 0.27 8.93
CA HIS C 80 -14.74 1.23 8.63
C HIS C 80 -14.39 1.92 7.31
N GLY C 81 -15.20 2.92 6.94
CA GLY C 81 -15.05 3.57 5.66
C GLY C 81 -13.88 4.53 5.62
N ASP C 82 -13.69 5.13 4.44
CA ASP C 82 -12.56 6.01 4.18
C ASP C 82 -12.87 7.48 4.46
N SER C 83 -14.11 7.91 4.22
CA SER C 83 -14.44 9.32 4.41
C SER C 83 -14.30 9.72 5.87
N ALA C 84 -14.77 8.89 6.80
CA ALA C 84 -14.66 9.21 8.21
C ALA C 84 -13.21 9.31 8.65
N VAL C 85 -12.37 8.37 8.21
CA VAL C 85 -10.97 8.38 8.59
C VAL C 85 -10.28 9.61 8.02
N TYR C 86 -10.55 9.94 6.75
CA TYR C 86 -9.89 11.09 6.15
C TYR C 86 -10.34 12.39 6.81
N ASP C 87 -11.62 12.51 7.14
CA ASP C 87 -12.08 13.71 7.83
C ASP C 87 -11.45 13.83 9.22
N THR C 88 -11.31 12.69 9.92
CA THR C 88 -10.65 12.71 11.21
C THR C 88 -9.20 13.16 11.09
N ILE C 89 -8.50 12.69 10.06
CA ILE C 89 -7.11 13.12 9.87
C ILE C 89 -7.06 14.60 9.51
N VAL C 90 -7.98 15.06 8.66
CA VAL C 90 -7.95 16.45 8.22
C VAL C 90 -8.21 17.40 9.39
N ARG C 91 -9.16 17.06 10.27
CA ARG C 91 -9.50 17.96 11.36
C ARG C 91 -8.35 18.16 12.34
N MET C 92 -7.42 17.21 12.43
CA MET C 92 -6.29 17.34 13.34
C MET C 92 -5.18 18.22 12.81
N ALA C 93 -5.22 18.62 11.53
CA ALA C 93 -4.19 19.43 10.91
C ALA C 93 -4.59 20.89 10.74
N GLN C 94 -5.76 21.30 11.23
CA GLN C 94 -6.25 22.66 11.03
C GLN C 94 -5.82 23.54 12.20
N PRO C 95 -5.08 24.63 11.97
CA PRO C 95 -4.70 25.49 13.11
C PRO C 95 -5.88 26.14 13.83
N PHE C 96 -7.03 26.26 13.19
CA PHE C 96 -8.19 26.93 13.77
C PHE C 96 -9.21 25.96 14.37
N SER C 97 -8.84 24.68 14.53
CA SER C 97 -9.70 23.68 15.17
C SER C 97 -9.09 23.16 16.47
N LEU C 98 -7.84 22.71 16.45
CA LEU C 98 -7.14 22.24 17.64
C LEU C 98 -6.22 23.33 18.17
N ARG C 99 -6.19 23.47 19.50
CA ARG C 99 -5.28 24.43 20.11
C ARG C 99 -3.83 24.08 19.83
N TYR C 100 -3.48 22.79 19.93
CA TYR C 100 -2.14 22.29 19.62
C TYR C 100 -2.29 21.17 18.61
N MET C 101 -1.88 21.43 17.36
CA MET C 101 -2.08 20.46 16.30
C MET C 101 -1.22 19.22 16.52
N LEU C 102 -1.74 18.08 16.08
CA LEU C 102 -1.08 16.79 16.21
C LEU C 102 -0.56 16.23 14.89
N VAL C 103 -0.95 16.82 13.75
CA VAL C 103 -0.53 16.34 12.43
C VAL C 103 -0.07 17.55 11.63
N ASP C 104 1.08 17.41 10.97
CA ASP C 104 1.63 18.44 10.09
C ASP C 104 1.32 18.05 8.65
N GLY C 105 0.51 18.86 7.98
CA GLY C 105 -0.01 18.54 6.66
C GLY C 105 0.46 19.52 5.61
N GLN C 106 0.63 19.02 4.38
CA GLN C 106 1.02 19.80 3.23
C GLN C 106 -0.02 19.60 2.14
N GLY C 107 -0.54 20.71 1.62
CA GLY C 107 -1.58 20.69 0.61
C GLY C 107 -2.60 21.79 0.84
N ASN C 108 -3.88 21.45 0.69
CA ASN C 108 -4.99 22.39 0.91
C ASN C 108 -5.96 21.73 1.88
N PHE C 109 -5.85 22.07 3.16
CA PHE C 109 -6.71 21.53 4.21
C PHE C 109 -7.79 22.52 4.64
N GLY C 110 -8.32 23.28 3.69
CA GLY C 110 -9.39 24.22 3.98
C GLY C 110 -8.88 25.54 4.54
N SER C 111 -9.84 26.39 4.88
CA SER C 111 -9.53 27.71 5.43
C SER C 111 -10.70 28.17 6.28
N ILE C 112 -10.46 29.21 7.08
CA ILE C 112 -11.47 29.72 7.99
C ILE C 112 -12.65 30.33 7.25
N ASP C 113 -12.46 30.76 6.00
CA ASP C 113 -13.54 31.40 5.26
C ASP C 113 -14.71 30.45 5.03
N GLY C 114 -14.43 29.15 4.88
CA GLY C 114 -15.47 28.16 4.64
C GLY C 114 -15.13 27.14 3.56
N ASP C 115 -13.90 27.17 3.05
CA ASP C 115 -13.50 26.24 2.01
C ASP C 115 -13.42 24.82 2.58
N SER C 116 -13.16 23.86 1.69
CA SER C 116 -13.07 22.45 2.03
C SER C 116 -11.75 21.89 1.52
N ALA C 117 -11.25 20.88 2.22
CA ALA C 117 -9.95 20.30 1.87
C ALA C 117 -10.04 19.55 0.55
N ALA C 118 -8.88 19.29 -0.04
CA ALA C 118 -8.79 18.56 -1.29
C ALA C 118 -8.95 17.06 -1.03
N ALA C 119 -8.97 16.28 -2.10
CA ALA C 119 -9.16 14.84 -2.00
C ALA C 119 -7.94 14.18 -1.36
N MET C 120 -8.09 12.88 -1.08
CA MET C 120 -6.98 12.14 -0.47
C MET C 120 -5.77 12.05 -1.38
N ARG C 121 -6.01 12.01 -2.69
CA ARG C 121 -4.95 11.80 -3.66
C ARG C 121 -4.03 13.01 -3.85
N PTR C 122 -4.45 14.17 -3.35
CA PTR C 122 -3.72 15.46 -3.60
C PTR C 122 -3.10 16.12 -2.37
O PTR C 122 -2.45 17.15 -2.55
CB PTR C 122 -4.70 16.47 -4.22
CG PTR C 122 -5.22 16.11 -5.61
CD1 PTR C 122 -6.57 15.94 -5.83
CD2 PTR C 122 -4.36 15.97 -6.69
CE1 PTR C 122 -7.06 15.62 -7.09
CE2 PTR C 122 -4.83 15.66 -7.95
CZ PTR C 122 -6.18 15.47 -8.14
OH PTR C 122 -6.64 15.20 -9.32
P PTR C 122 -6.68 13.70 -9.93
O1P PTR C 122 -6.53 12.66 -8.81
O2P PTR C 122 -5.57 13.57 -10.90
O3P PTR C 122 -8.02 13.49 -10.66
H PTR C 122 -5.18 14.33 -2.86
HA PTR C 122 -3.01 15.31 -4.25
HB2 PTR C 122 -5.47 16.56 -3.64
HB3 PTR C 122 -4.24 17.32 -4.30
HD1 PTR C 122 -7.17 16.03 -5.12
HD2 PTR C 122 -3.44 16.09 -6.56
HE1 PTR C 122 -7.97 15.50 -7.22
HE2 PTR C 122 -4.24 15.56 -8.67
N THR C 123 -2.96 15.40 -1.26
CA THR C 123 -2.42 15.96 -0.02
C THR C 123 -1.46 15.01 0.68
N GLU C 124 -0.65 15.54 1.58
CA GLU C 124 0.37 14.75 2.29
C GLU C 124 0.37 15.12 3.76
N ILE C 125 0.84 14.21 4.60
CA ILE C 125 0.78 14.37 6.06
C ILE C 125 2.02 13.75 6.70
N ARG C 126 2.28 14.17 7.93
CA ARG C 126 3.24 13.50 8.80
C ARG C 126 2.94 13.89 10.24
N LEU C 127 3.64 13.24 11.18
CA LEU C 127 3.42 13.53 12.59
C LEU C 127 3.99 14.87 12.98
N ALA C 128 3.41 15.46 14.03
CA ALA C 128 3.89 16.71 14.59
C ALA C 128 4.86 16.43 15.73
N LYS C 129 5.58 17.48 16.14
CA LYS C 129 6.59 17.31 17.19
C LYS C 129 5.95 16.96 18.53
N ILE C 130 4.81 17.59 18.85
CA ILE C 130 4.17 17.34 20.13
C ILE C 130 3.62 15.91 20.20
N ALA C 131 3.24 15.33 19.06
CA ALA C 131 2.65 14.00 19.07
C ALA C 131 3.61 12.96 19.62
N HIS C 132 4.92 13.14 19.40
CA HIS C 132 5.90 12.20 19.93
C HIS C 132 5.94 12.20 21.45
N GLU C 133 5.41 13.25 22.11
CA GLU C 133 5.29 13.21 23.55
C GLU C 133 4.19 12.26 24.00
N LEU C 134 3.13 12.11 23.20
CA LEU C 134 2.04 11.23 23.59
C LEU C 134 2.48 9.77 23.60
N MET C 135 3.36 9.39 22.67
CA MET C 135 3.82 8.02 22.52
C MET C 135 5.22 7.82 23.07
N ALA C 136 5.55 8.49 24.17
CA ALA C 136 6.87 8.38 24.78
C ALA C 136 6.96 7.12 25.62
N ASP C 137 8.09 6.42 25.50
CA ASP C 137 8.35 5.20 26.26
C ASP C 137 7.29 4.13 26.00
N LEU C 138 6.85 4.04 24.74
CA LEU C 138 5.87 3.03 24.36
C LEU C 138 6.48 1.64 24.21
N GLU C 139 7.81 1.54 24.01
CA GLU C 139 8.47 0.28 23.71
C GLU C 139 9.01 -0.43 24.95
N LYS C 140 8.80 0.13 26.16
CA LYS C 140 9.35 -0.41 27.39
C LYS C 140 8.31 -1.10 28.26
N GLU C 141 7.23 -1.62 27.65
CA GLU C 141 6.20 -2.37 28.36
C GLU C 141 5.57 -1.54 29.47
N THR C 142 4.92 -0.44 29.06
CA THR C 142 4.26 0.48 29.97
C THR C 142 2.74 0.40 29.95
N VAL C 143 2.15 -0.11 28.86
CA VAL C 143 0.70 -0.20 28.71
C VAL C 143 0.34 -1.56 28.14
N ASP C 144 -0.93 -1.92 28.29
CA ASP C 144 -1.44 -3.21 27.85
C ASP C 144 -1.88 -3.16 26.39
N PHE C 145 -1.70 -4.29 25.71
CA PHE C 145 -2.07 -4.45 24.31
C PHE C 145 -3.26 -5.38 24.20
N VAL C 146 -4.13 -5.10 23.23
CA VAL C 146 -5.35 -5.87 23.01
C VAL C 146 -5.44 -6.26 21.54
N ASP C 147 -6.17 -7.34 21.28
CA ASP C 147 -6.32 -7.85 19.93
C ASP C 147 -7.24 -6.94 19.11
N ASN C 148 -7.02 -6.94 17.80
CA ASN C 148 -7.83 -6.15 16.88
C ASN C 148 -9.04 -6.98 16.45
N TYR C 149 -9.78 -6.51 15.43
CA TYR C 149 -11.06 -7.11 15.09
C TYR C 149 -10.89 -8.56 14.60
N ASP C 150 -9.87 -8.83 13.79
CA ASP C 150 -9.68 -10.15 13.21
C ASP C 150 -8.76 -11.04 14.06
N GLY C 151 -8.28 -10.57 15.21
CA GLY C 151 -7.43 -11.38 16.05
C GLY C 151 -6.10 -11.74 15.40
N THR C 152 -5.45 -10.75 14.79
CA THR C 152 -4.17 -10.96 14.11
C THR C 152 -3.11 -9.99 14.61
N GLU C 153 -3.51 -8.77 14.93
CA GLU C 153 -2.60 -7.70 15.34
C GLU C 153 -2.90 -7.27 16.77
N LYS C 154 -2.03 -6.40 17.29
CA LYS C 154 -2.15 -5.85 18.64
C LYS C 154 -2.23 -4.34 18.56
N ILE C 155 -3.05 -3.75 19.43
CA ILE C 155 -3.26 -2.29 19.48
C ILE C 155 -3.08 -1.89 20.94
N PRO C 156 -2.53 -0.70 21.24
CA PRO C 156 -2.45 -0.29 22.65
C PRO C 156 -3.81 -0.07 23.25
N ASP C 157 -3.93 -0.37 24.55
CA ASP C 157 -5.16 -0.08 25.27
C ASP C 157 -5.27 1.41 25.59
N VAL C 158 -4.14 2.08 25.83
CA VAL C 158 -4.10 3.51 26.08
C VAL C 158 -2.67 3.97 25.88
N MET C 159 -2.51 5.18 25.36
CA MET C 159 -1.18 5.71 25.11
C MET C 159 -0.52 6.12 26.43
N PRO C 160 0.81 5.94 26.57
CA PRO C 160 1.47 6.45 27.79
C PRO C 160 1.76 7.94 27.68
N THR C 161 0.70 8.73 27.69
CA THR C 161 0.81 10.15 27.37
C THR C 161 1.61 10.90 28.41
N LYS C 162 2.21 12.01 27.97
CA LYS C 162 2.93 12.94 28.83
C LYS C 162 2.35 14.34 28.81
N ILE C 163 1.37 14.62 27.95
CA ILE C 163 0.72 15.92 27.86
C ILE C 163 -0.70 15.76 28.40
N PRO C 164 -1.23 16.71 29.21
CA PRO C 164 -2.65 16.62 29.56
C PRO C 164 -3.56 16.94 28.38
N ASN C 165 -3.77 15.96 27.51
CA ASN C 165 -4.41 16.22 26.22
C ASN C 165 -5.89 16.59 26.39
N LEU C 166 -6.59 16.01 27.36
CA LEU C 166 -8.03 16.22 27.47
C LEU C 166 -8.35 17.68 27.76
N LEU C 167 -7.73 18.25 28.78
CA LEU C 167 -7.97 19.66 29.10
C LEU C 167 -7.41 20.57 28.02
N VAL C 168 -6.26 20.21 27.46
CA VAL C 168 -5.57 21.11 26.53
C VAL C 168 -6.37 21.27 25.24
N ASN C 169 -6.81 20.16 24.65
CA ASN C 169 -7.49 20.18 23.36
C ASN C 169 -9.01 20.07 23.46
N GLY C 170 -9.56 19.78 24.63
CA GLY C 170 -10.99 19.67 24.75
C GLY C 170 -11.52 18.45 24.02
N SER C 171 -12.84 18.43 23.84
CA SER C 171 -13.48 17.30 23.17
C SER C 171 -14.92 17.67 22.84
N SER C 172 -15.51 16.88 21.94
CA SER C 172 -16.91 17.06 21.57
C SER C 172 -17.41 15.75 20.97
N GLY C 173 -18.55 15.27 21.44
CA GLY C 173 -19.06 13.99 20.98
C GLY C 173 -20.51 13.80 21.32
N ILE C 174 -21.20 13.01 20.50
CA ILE C 174 -22.62 12.70 20.65
C ILE C 174 -22.76 11.18 20.69
N ALA C 175 -23.33 10.67 21.78
CA ALA C 175 -23.57 9.25 21.97
C ALA C 175 -25.07 9.01 22.14
N VAL C 176 -25.42 7.76 22.43
CA VAL C 176 -26.81 7.36 22.61
C VAL C 176 -27.16 7.56 24.08
N GLY C 177 -28.04 8.52 24.36
CA GLY C 177 -28.45 8.84 25.71
C GLY C 177 -27.62 9.90 26.43
N MET C 178 -26.55 10.40 25.81
CA MET C 178 -25.68 11.35 26.47
C MET C 178 -24.81 12.04 25.42
N ALA C 179 -24.07 13.05 25.87
CA ALA C 179 -23.19 13.81 24.99
C ALA C 179 -22.09 14.44 25.84
N THR C 180 -21.02 14.86 25.18
CA THR C 180 -19.86 15.44 25.85
C THR C 180 -19.38 16.67 25.10
N ASN C 181 -18.93 17.69 25.84
CA ASN C 181 -18.47 18.93 25.26
C ASN C 181 -17.55 19.62 26.27
N ILE C 182 -16.27 19.75 25.93
CA ILE C 182 -15.25 20.30 26.81
C ILE C 182 -14.40 21.28 25.99
N PRO C 183 -14.15 22.52 26.46
CA PRO C 183 -13.42 23.47 25.62
C PRO C 183 -11.92 23.34 25.79
N PRO C 184 -11.12 24.05 24.99
CA PRO C 184 -9.65 23.99 25.15
C PRO C 184 -9.18 24.78 26.37
N HIS C 185 -7.90 24.61 26.67
CA HIS C 185 -7.24 25.33 27.76
C HIS C 185 -5.80 25.62 27.35
N ASN C 186 -5.10 26.38 28.19
CA ASN C 186 -3.71 26.74 27.96
C ASN C 186 -2.79 25.75 28.67
N LEU C 187 -1.64 25.47 28.05
CA LEU C 187 -0.78 24.41 28.57
C LEU C 187 -0.09 24.81 29.88
N THR C 188 0.45 26.04 29.93
CA THR C 188 1.21 26.45 31.11
C THR C 188 0.33 26.48 32.36
N GLU C 189 -0.90 26.97 32.22
CA GLU C 189 -1.81 27.00 33.37
C GLU C 189 -2.12 25.61 33.87
N VAL C 190 -2.35 24.66 32.96
CA VAL C 190 -2.66 23.29 33.37
C VAL C 190 -1.45 22.66 34.06
N ILE C 191 -0.25 22.91 33.54
CA ILE C 191 0.94 22.34 34.18
C ILE C 191 1.13 22.93 35.56
N ASN C 192 0.90 24.24 35.71
CA ASN C 192 1.01 24.86 37.03
C ASN C 192 -0.01 24.27 38.00
N GLY C 193 -1.24 24.03 37.52
CA GLY C 193 -2.24 23.40 38.38
C GLY C 193 -1.84 22.00 38.80
N CYS C 194 -1.28 21.22 37.87
CA CYS C 194 -0.83 19.87 38.20
C CYS C 194 0.29 19.91 39.24
N LEU C 195 1.24 20.83 39.08
CA LEU C 195 2.31 20.95 40.06
C LEU C 195 1.78 21.35 41.43
N ALA C 196 0.81 22.28 41.45
CA ALA C 196 0.21 22.67 42.72
C ALA C 196 -0.50 21.50 43.38
N TYR C 197 -1.20 20.69 42.60
CA TYR C 197 -1.85 19.51 43.17
C TYR C 197 -0.83 18.52 43.73
N ILE C 198 0.29 18.34 43.02
CA ILE C 198 1.33 17.43 43.49
C ILE C 198 1.91 17.94 44.81
N ASP C 199 2.11 19.26 44.92
CA ASP C 199 2.64 19.81 46.17
C ASP C 199 1.67 19.59 47.32
N ASP C 200 0.38 19.77 47.08
CA ASP C 200 -0.65 19.61 48.12
C ASP C 200 -1.84 18.90 47.51
N GLU C 201 -2.21 17.75 48.06
CA GLU C 201 -3.31 16.94 47.55
C GLU C 201 -4.66 17.30 48.16
N ASP C 202 -4.71 18.27 49.08
CA ASP C 202 -5.95 18.73 49.69
C ASP C 202 -6.38 20.10 49.17
N ILE C 203 -5.87 20.51 48.00
CA ILE C 203 -6.21 21.82 47.46
C ILE C 203 -7.68 21.82 47.01
N SER C 204 -8.36 22.92 47.29
CA SER C 204 -9.76 23.08 46.91
C SER C 204 -9.85 23.71 45.53
N ILE C 205 -11.08 23.88 45.04
CA ILE C 205 -11.28 24.46 43.71
C ILE C 205 -10.82 25.91 43.68
N GLU C 206 -10.97 26.63 44.79
CA GLU C 206 -10.53 28.02 44.83
C GLU C 206 -9.03 28.13 44.61
N GLY C 207 -8.26 27.22 45.20
CA GLY C 207 -6.83 27.23 44.97
C GLY C 207 -6.47 26.92 43.54
N LEU C 208 -7.16 25.96 42.93
CA LEU C 208 -6.86 25.59 41.54
C LEU C 208 -7.20 26.73 40.59
N MET C 209 -8.33 27.41 40.80
CA MET C 209 -8.77 28.43 39.86
C MET C 209 -7.86 29.65 39.83
N GLU C 210 -6.99 29.83 40.83
CA GLU C 210 -6.03 30.92 40.75
C GLU C 210 -4.99 30.68 39.68
N HIS C 211 -4.65 29.42 39.40
CA HIS C 211 -3.70 29.06 38.35
C HIS C 211 -4.37 28.82 37.00
N ILE C 212 -5.67 28.56 36.97
CA ILE C 212 -6.40 28.26 35.74
C ILE C 212 -7.61 29.21 35.68
N PRO C 213 -7.43 30.45 35.21
CA PRO C 213 -8.58 31.39 35.21
C PRO C 213 -9.76 30.93 34.38
N GLY C 214 -9.54 30.28 33.23
CA GLY C 214 -10.63 29.90 32.36
C GLY C 214 -10.17 29.31 31.05
N PRO C 215 -11.12 29.06 30.13
CA PRO C 215 -10.76 28.48 28.83
C PRO C 215 -9.85 29.38 28.00
N ASP C 216 -9.42 28.86 26.84
CA ASP C 216 -8.53 29.61 25.95
C ASP C 216 -8.74 29.04 24.54
N PHE C 217 -9.51 29.75 23.72
CA PHE C 217 -9.84 29.26 22.40
C PHE C 217 -8.73 29.58 21.40
N PRO C 218 -8.64 28.82 20.30
CA PRO C 218 -7.60 29.14 19.30
C PRO C 218 -7.77 30.49 18.64
N THR C 219 -9.01 30.96 18.46
CA THR C 219 -9.30 32.14 17.65
C THR C 219 -9.20 33.45 18.41
N ALA C 220 -8.95 33.41 19.73
CA ALA C 220 -8.69 34.62 20.51
C ALA C 220 -9.91 35.56 20.53
N ALA C 221 -11.04 35.02 20.98
CA ALA C 221 -12.25 35.81 21.16
C ALA C 221 -12.19 36.47 22.54
N ILE C 222 -13.32 37.03 22.99
CA ILE C 222 -13.48 37.55 24.34
C ILE C 222 -14.50 36.68 25.06
N ILE C 223 -14.23 36.38 26.33
CA ILE C 223 -15.16 35.64 27.18
C ILE C 223 -15.81 36.63 28.12
N ASN C 224 -17.14 36.61 28.18
CA ASN C 224 -17.94 37.56 28.95
C ASN C 224 -18.54 36.86 30.14
N GLY C 225 -18.42 37.49 31.31
CA GLY C 225 -18.91 36.91 32.55
C GLY C 225 -17.91 35.96 33.18
N ARG C 226 -18.15 35.65 34.46
CA ARG C 226 -17.26 34.80 35.25
C ARG C 226 -17.99 33.77 36.10
N ARG C 227 -19.30 33.90 36.31
CA ARG C 227 -20.01 32.94 37.17
C ARG C 227 -20.12 31.58 36.50
N GLY C 228 -20.36 31.56 35.19
CA GLY C 228 -20.54 30.30 34.49
C GLY C 228 -19.30 29.42 34.53
N ILE C 229 -18.12 30.03 34.43
CA ILE C 229 -16.88 29.26 34.46
C ILE C 229 -16.72 28.57 35.81
N GLU C 230 -16.95 29.31 36.90
CA GLU C 230 -16.84 28.73 38.23
C GLU C 230 -17.87 27.63 38.43
N GLU C 231 -19.10 27.84 37.97
CA GLU C 231 -20.13 26.82 38.12
C GLU C 231 -19.76 25.56 37.34
N ALA C 232 -19.23 25.72 36.12
CA ALA C 232 -18.84 24.57 35.32
C ALA C 232 -17.70 23.80 35.97
N TYR C 233 -16.71 24.51 36.50
CA TYR C 233 -15.57 23.83 37.13
C TYR C 233 -15.92 23.23 38.49
N ARG C 234 -16.98 23.71 39.14
CA ARG C 234 -17.38 23.16 40.43
C ARG C 234 -18.31 21.96 40.28
N THR C 235 -19.33 22.07 39.43
CA THR C 235 -20.34 21.03 39.28
C THR C 235 -20.16 20.17 38.03
N GLY C 236 -19.52 20.70 36.99
CA GLY C 236 -19.31 19.99 35.74
C GLY C 236 -20.26 20.36 34.63
N ARG C 237 -21.19 21.29 34.86
CA ARG C 237 -22.11 21.77 33.84
C ARG C 237 -22.29 23.27 33.97
N GLY C 238 -22.25 23.98 32.85
CA GLY C 238 -22.38 25.42 32.90
C GLY C 238 -22.53 26.00 31.51
N LYS C 239 -22.51 27.34 31.46
CA LYS C 239 -22.68 28.08 30.22
C LYS C 239 -21.82 29.34 30.25
N VAL C 240 -21.24 29.68 29.10
CA VAL C 240 -20.43 30.88 28.96
C VAL C 240 -20.81 31.58 27.65
N TYR C 241 -20.45 32.87 27.57
CA TYR C 241 -20.74 33.71 26.42
C TYR C 241 -19.43 34.16 25.78
N ILE C 242 -19.31 33.94 24.47
CA ILE C 242 -18.14 34.31 23.69
C ILE C 242 -18.55 35.48 22.80
N ARG C 243 -17.90 36.63 23.00
CA ARG C 243 -18.16 37.85 22.26
C ARG C 243 -16.97 38.16 21.36
N ALA C 244 -17.28 38.73 20.18
CA ALA C 244 -16.26 39.10 19.22
C ALA C 244 -15.58 40.40 19.62
N ARG C 245 -14.44 40.66 18.99
CA ARG C 245 -13.67 41.87 19.21
C ARG C 245 -13.98 42.87 18.10
N ALA C 246 -14.44 44.06 18.48
CA ALA C 246 -14.79 45.09 17.53
C ALA C 246 -14.53 46.45 18.17
N GLU C 247 -14.40 47.47 17.31
CA GLU C 247 -14.18 48.82 17.79
C GLU C 247 -14.71 49.82 16.78
N VAL C 248 -14.83 51.07 17.22
CA VAL C 248 -15.36 52.17 16.42
C VAL C 248 -14.23 53.16 16.19
N GLU C 249 -14.02 53.54 14.92
CA GLU C 249 -12.93 54.42 14.52
C GLU C 249 -13.50 55.59 13.73
N VAL C 250 -12.98 56.78 14.02
CA VAL C 250 -13.33 58.00 13.28
C VAL C 250 -12.05 58.77 13.02
N ASP C 251 -11.89 59.25 11.79
CA ASP C 251 -10.68 59.95 11.34
C ASP C 251 -10.88 61.46 11.28
N ALA C 252 -11.80 61.99 12.07
CA ALA C 252 -12.11 63.43 12.10
C ALA C 252 -12.54 63.84 10.69
N LYS C 253 -12.17 65.03 10.21
CA LYS C 253 -12.52 65.50 8.87
C LYS C 253 -14.03 65.49 8.68
N THR C 254 -14.60 64.42 8.10
CA THR C 254 -16.04 64.33 7.91
C THR C 254 -16.77 63.97 9.21
N GLY C 255 -16.07 63.43 10.19
CA GLY C 255 -16.71 63.09 11.46
C GLY C 255 -17.60 61.87 11.41
N ARG C 256 -17.40 60.99 10.44
CA ARG C 256 -18.21 59.80 10.26
C ARG C 256 -17.42 58.58 10.72
N GLU C 257 -18.06 57.75 11.54
CA GLU C 257 -17.39 56.61 12.17
C GLU C 257 -17.62 55.34 11.37
N THR C 258 -16.75 54.35 11.62
CA THR C 258 -16.86 53.03 11.02
C THR C 258 -16.53 51.99 12.07
N ILE C 259 -17.16 50.82 11.95
CA ILE C 259 -16.97 49.71 12.88
C ILE C 259 -16.01 48.72 12.25
N ILE C 260 -14.92 48.44 12.94
CA ILE C 260 -13.89 47.51 12.50
C ILE C 260 -13.97 46.27 13.40
N VAL C 261 -14.12 45.10 12.77
CA VAL C 261 -14.16 43.82 13.47
C VAL C 261 -12.89 43.06 13.10
N HIS C 262 -12.15 42.64 14.11
CA HIS C 262 -10.89 41.93 13.96
C HIS C 262 -11.00 40.43 14.15
N GLU C 263 -11.80 39.99 15.13
CA GLU C 263 -11.87 38.59 15.54
C GLU C 263 -13.32 38.17 15.68
N ILE C 264 -13.54 36.86 15.62
CA ILE C 264 -14.89 36.29 15.66
C ILE C 264 -14.88 35.13 16.66
N PRO C 265 -16.07 34.70 17.12
CA PRO C 265 -16.11 33.60 18.10
C PRO C 265 -15.59 32.28 17.55
N TYR C 266 -15.59 31.26 18.41
CA TYR C 266 -15.11 29.94 18.03
C TYR C 266 -16.17 29.20 17.22
N GLN C 267 -15.74 28.54 16.15
CA GLN C 267 -16.63 27.78 15.25
C GLN C 267 -17.72 28.66 14.66
N VAL C 268 -17.29 29.67 13.89
CA VAL C 268 -18.20 30.56 13.17
C VAL C 268 -17.64 30.78 11.78
N ASN C 269 -18.49 30.62 10.77
CA ASN C 269 -18.09 30.83 9.38
C ASN C 269 -18.16 32.31 9.03
N LYS C 270 -17.14 32.79 8.33
CA LYS C 270 -17.09 34.19 7.94
C LYS C 270 -18.09 34.49 6.82
N ALA C 271 -18.15 33.63 5.81
CA ALA C 271 -19.02 33.88 4.67
C ALA C 271 -20.48 33.85 5.07
N ARG C 272 -20.88 32.87 5.88
CA ARG C 272 -22.26 32.79 6.33
C ARG C 272 -22.61 33.99 7.21
N LEU C 273 -21.68 34.42 8.07
CA LEU C 273 -21.93 35.60 8.88
C LEU C 273 -22.13 36.83 8.00
N ILE C 274 -21.29 37.01 6.99
CA ILE C 274 -21.39 38.19 6.13
C ILE C 274 -22.71 38.17 5.36
N GLU C 275 -23.09 37.02 4.80
CA GLU C 275 -24.32 36.97 4.02
C GLU C 275 -25.56 37.12 4.91
N LYS C 276 -25.50 36.59 6.14
CA LYS C 276 -26.61 36.80 7.07
C LYS C 276 -26.74 38.28 7.43
N ILE C 277 -25.61 38.96 7.64
CA ILE C 277 -25.66 40.38 7.94
C ILE C 277 -26.24 41.16 6.76
N ALA C 278 -25.84 40.78 5.54
CA ALA C 278 -26.36 41.43 4.35
C ALA C 278 -27.86 41.23 4.22
N GLU C 279 -28.34 40.01 4.48
CA GLU C 279 -29.78 39.75 4.42
C GLU C 279 -30.52 40.52 5.49
N LEU C 280 -29.95 40.62 6.69
CA LEU C 280 -30.62 41.35 7.78
C LEU C 280 -30.72 42.84 7.46
N VAL C 281 -29.63 43.44 6.99
CA VAL C 281 -29.66 44.87 6.69
C VAL C 281 -30.44 45.18 5.41
N LYS C 282 -30.60 44.20 4.52
CA LYS C 282 -31.40 44.44 3.32
C LYS C 282 -32.86 44.71 3.65
N GLU C 283 -33.41 43.95 4.60
CA GLU C 283 -34.84 44.00 4.91
C GLU C 283 -35.20 45.05 5.95
N LYS C 284 -34.33 46.06 6.15
CA LYS C 284 -34.59 47.15 7.08
C LYS C 284 -34.82 46.66 8.52
N ARG C 285 -34.18 45.55 8.87
CA ARG C 285 -34.25 45.03 10.23
C ARG C 285 -33.24 45.68 11.16
N VAL C 286 -32.11 46.15 10.62
CA VAL C 286 -31.11 46.89 11.37
C VAL C 286 -30.93 48.24 10.68
N GLU C 287 -31.09 49.32 11.44
CA GLU C 287 -31.07 50.67 10.91
C GLU C 287 -29.71 51.32 11.16
N GLY C 288 -29.28 52.14 10.21
CA GLY C 288 -28.05 52.88 10.33
C GLY C 288 -26.83 52.22 9.74
N ILE C 289 -27.00 51.19 8.91
CA ILE C 289 -25.90 50.48 8.27
C ILE C 289 -25.93 50.84 6.78
N SER C 290 -24.85 51.46 6.30
CA SER C 290 -24.76 51.92 4.91
C SER C 290 -24.01 50.94 4.02
N ALA C 291 -22.82 50.50 4.43
CA ALA C 291 -21.99 49.65 3.57
C ALA C 291 -21.26 48.60 4.40
N LEU C 292 -20.92 47.50 3.74
CA LEU C 292 -20.20 46.37 4.34
C LEU C 292 -19.09 45.95 3.41
N ARG C 293 -17.90 45.68 3.97
CA ARG C 293 -16.77 45.25 3.16
C ARG C 293 -15.88 44.31 3.98
N ASP C 294 -15.16 43.46 3.25
CA ASP C 294 -14.18 42.54 3.82
C ASP C 294 -12.84 42.79 3.14
N GLU C 295 -11.78 42.90 3.96
CA GLU C 295 -10.42 43.13 3.47
C GLU C 295 -9.43 42.20 4.15
N SER C 296 -9.87 41.01 4.55
CA SER C 296 -9.02 40.06 5.23
C SER C 296 -8.15 39.33 4.21
N ASP C 297 -6.83 39.51 4.32
CA ASP C 297 -5.91 38.83 3.41
C ASP C 297 -4.50 38.92 3.98
N LYS C 298 -3.83 37.77 4.08
CA LYS C 298 -2.40 37.71 4.41
C LYS C 298 -2.10 38.28 5.78
N ASP C 299 -2.19 39.59 5.94
CA ASP C 299 -1.78 40.23 7.18
C ASP C 299 -2.67 39.83 8.34
N GLY C 300 -3.98 39.82 8.13
CA GLY C 300 -4.90 39.51 9.21
C GLY C 300 -6.33 39.63 8.76
N MET C 301 -7.22 39.63 9.75
CA MET C 301 -8.66 39.70 9.52
C MET C 301 -9.15 41.11 9.77
N ARG C 302 -9.98 41.61 8.85
CA ARG C 302 -10.59 42.93 8.98
C ARG C 302 -11.94 42.90 8.29
N ILE C 303 -12.99 43.28 9.00
CA ILE C 303 -14.32 43.48 8.43
C ILE C 303 -14.76 44.90 8.77
N VAL C 304 -15.15 45.67 7.74
CA VAL C 304 -15.45 47.09 7.87
C VAL C 304 -16.94 47.29 7.63
N ILE C 305 -17.60 47.99 8.54
CA ILE C 305 -19.01 48.37 8.41
C ILE C 305 -19.08 49.89 8.50
N GLU C 306 -19.56 50.51 7.43
CA GLU C 306 -19.75 51.96 7.38
C GLU C 306 -21.20 52.27 7.69
N VAL C 307 -21.43 53.01 8.78
CA VAL C 307 -22.75 53.36 9.28
C VAL C 307 -23.22 54.66 8.61
N LYS C 308 -24.51 54.95 8.74
CA LYS C 308 -25.05 56.18 8.18
C LYS C 308 -24.49 57.39 8.91
N ARG C 309 -24.66 58.55 8.28
CA ARG C 309 -24.07 59.78 8.80
C ARG C 309 -24.69 60.20 10.12
N ASP C 310 -26.02 60.09 10.23
CA ASP C 310 -26.75 60.57 11.39
C ASP C 310 -26.95 59.50 12.47
N ALA C 311 -26.41 58.31 12.29
CA ALA C 311 -26.58 57.23 13.27
C ALA C 311 -25.53 57.34 14.37
N VAL C 312 -25.66 56.46 15.36
CA VAL C 312 -24.72 56.34 16.47
C VAL C 312 -24.12 54.95 16.42
N GLY C 313 -22.79 54.86 16.47
CA GLY C 313 -22.12 53.59 16.32
C GLY C 313 -22.41 52.63 17.46
N GLU C 314 -22.53 53.15 18.68
CA GLU C 314 -22.72 52.30 19.84
C GLU C 314 -24.03 51.53 19.77
N VAL C 315 -25.11 52.19 19.36
CA VAL C 315 -26.42 51.54 19.32
C VAL C 315 -26.42 50.40 18.32
N VAL C 316 -25.91 50.65 17.11
CA VAL C 316 -25.88 49.60 16.10
C VAL C 316 -24.94 48.48 16.52
N LEU C 317 -23.83 48.83 17.19
CA LEU C 317 -22.91 47.80 17.67
C LEU C 317 -23.58 46.90 18.69
N ASN C 318 -24.34 47.49 19.62
CA ASN C 318 -25.05 46.68 20.60
C ASN C 318 -26.13 45.83 19.94
N ASN C 319 -26.83 46.38 18.93
CA ASN C 319 -27.83 45.60 18.23
C ASN C 319 -27.21 44.43 17.48
N LEU C 320 -25.99 44.60 16.98
CA LEU C 320 -25.32 43.52 16.26
C LEU C 320 -25.08 42.32 17.15
N TYR C 321 -24.66 42.54 18.39
CA TYR C 321 -24.49 41.44 19.32
C TYR C 321 -25.81 40.73 19.60
N SER C 322 -26.89 41.50 19.78
CA SER C 322 -28.18 40.89 20.08
C SER C 322 -28.70 40.06 18.91
N GLN C 323 -28.52 40.57 17.68
CA GLN C 323 -29.12 39.95 16.49
C GLN C 323 -28.15 39.06 15.73
N THR C 324 -26.98 39.57 15.37
CA THR C 324 -26.04 38.82 14.55
C THR C 324 -25.36 37.74 15.38
N GLN C 325 -24.43 37.02 14.76
CA GLN C 325 -23.71 35.91 15.40
C GLN C 325 -22.37 36.34 15.96
N LEU C 326 -22.17 37.64 16.20
CA LEU C 326 -20.94 38.10 16.81
C LEU C 326 -20.83 37.72 18.28
N GLN C 327 -21.93 37.30 18.91
CA GLN C 327 -21.92 36.77 20.27
C GLN C 327 -22.62 35.41 20.25
N VAL C 328 -21.98 34.41 20.85
CA VAL C 328 -22.49 33.05 20.88
C VAL C 328 -22.44 32.51 22.30
N SER C 329 -23.19 31.44 22.52
CA SER C 329 -23.31 30.78 23.82
C SER C 329 -22.72 29.38 23.72
N PHE C 330 -21.83 29.05 24.65
CA PHE C 330 -21.14 27.76 24.70
C PHE C 330 -21.57 27.05 25.98
N GLY C 331 -22.11 25.84 25.82
CA GLY C 331 -22.55 25.05 26.95
C GLY C 331 -21.55 23.99 27.38
N ILE C 332 -20.89 24.21 28.51
CA ILE C 332 -19.89 23.29 29.01
C ILE C 332 -20.57 22.12 29.69
N ASN C 333 -20.22 20.90 29.26
CA ASN C 333 -20.81 19.68 29.80
C ASN C 333 -19.76 18.58 29.70
N MET C 334 -19.19 18.18 30.84
CA MET C 334 -18.05 17.27 30.89
C MET C 334 -18.53 15.86 31.17
N VAL C 335 -18.32 14.97 30.19
CA VAL C 335 -18.64 13.55 30.33
C VAL C 335 -17.49 12.76 29.73
N ALA C 336 -17.02 11.73 30.44
CA ALA C 336 -15.87 10.96 29.97
C ALA C 336 -15.91 9.58 30.60
N LEU C 337 -15.11 8.67 30.04
CA LEU C 337 -15.01 7.31 30.53
C LEU C 337 -13.97 7.24 31.63
N HIS C 338 -14.36 6.73 32.80
CA HIS C 338 -13.45 6.62 33.94
C HIS C 338 -12.78 5.24 33.97
N HIS C 339 -13.60 4.19 34.09
CA HIS C 339 -13.14 2.80 34.08
C HIS C 339 -14.02 1.97 33.15
N GLY C 340 -14.23 2.49 31.94
CA GLY C 340 -15.12 1.84 31.00
C GLY C 340 -16.58 2.14 31.19
N GLN C 341 -16.92 3.19 31.94
CA GLN C 341 -18.28 3.62 32.17
C GLN C 341 -18.35 5.14 32.05
N PRO C 342 -19.43 5.70 31.50
CA PRO C 342 -19.53 7.16 31.46
C PRO C 342 -19.63 7.75 32.86
N LYS C 343 -19.12 8.97 33.00
CA LYS C 343 -19.19 9.67 34.28
C LYS C 343 -19.00 11.17 34.02
N ILE C 344 -19.57 11.97 34.92
CA ILE C 344 -19.46 13.42 34.87
C ILE C 344 -18.34 13.85 35.80
N MET C 345 -17.40 14.62 35.28
CA MET C 345 -16.15 14.97 35.96
C MET C 345 -16.13 16.45 36.31
N ASN C 346 -15.11 16.82 37.10
CA ASN C 346 -14.74 18.21 37.31
C ASN C 346 -13.22 18.28 37.24
N LEU C 347 -12.67 19.45 37.57
CA LEU C 347 -11.24 19.69 37.33
C LEU C 347 -10.35 18.78 38.19
N LYS C 348 -10.68 18.67 39.48
CA LYS C 348 -9.82 17.94 40.40
C LYS C 348 -9.75 16.46 40.07
N ASP C 349 -10.88 15.88 39.64
CA ASP C 349 -10.88 14.47 39.26
C ASP C 349 -9.98 14.21 38.07
N ILE C 350 -10.02 15.09 37.07
CA ILE C 350 -9.17 14.95 35.90
C ILE C 350 -7.70 15.04 36.29
N ILE C 351 -7.36 16.00 37.14
CA ILE C 351 -5.96 16.17 37.55
C ILE C 351 -5.48 14.94 38.31
N ALA C 352 -6.30 14.43 39.22
CA ALA C 352 -5.90 13.25 40.01
C ALA C 352 -5.72 12.03 39.11
N ALA C 353 -6.63 11.84 38.14
CA ALA C 353 -6.50 10.71 37.23
C ALA C 353 -5.20 10.80 36.43
N PHE C 354 -4.86 12.00 35.94
CA PHE C 354 -3.61 12.15 35.20
C PHE C 354 -2.40 11.83 36.07
N VAL C 355 -2.40 12.30 37.31
CA VAL C 355 -1.26 12.06 38.20
C VAL C 355 -1.10 10.56 38.45
N ARG C 356 -2.21 9.86 38.72
CA ARG C 356 -2.11 8.41 38.97
C ARG C 356 -1.60 7.68 37.74
N HIS C 357 -2.06 8.08 36.55
CA HIS C 357 -1.56 7.45 35.32
C HIS C 357 -0.05 7.65 35.18
N ARG C 358 0.44 8.85 35.47
CA ARG C 358 1.88 9.10 35.37
C ARG C 358 2.66 8.22 36.36
N ARG C 359 2.15 8.08 37.59
CA ARG C 359 2.83 7.25 38.57
C ARG C 359 2.94 5.81 38.09
N GLU C 360 1.85 5.27 37.56
CA GLU C 360 1.87 3.89 37.06
C GLU C 360 2.89 3.73 35.93
N VAL C 361 2.89 4.67 34.98
CA VAL C 361 3.79 4.54 33.83
C VAL C 361 5.24 4.57 34.28
N VAL C 362 5.59 5.50 35.18
CA VAL C 362 6.98 5.60 35.62
C VAL C 362 7.41 4.33 36.36
N THR C 363 6.53 3.77 37.20
CA THR C 363 6.89 2.57 37.93
C THR C 363 7.18 1.41 36.97
N ARG C 364 6.31 1.21 35.97
CA ARG C 364 6.53 0.11 35.04
C ARG C 364 7.82 0.31 34.23
N ARG C 365 8.09 1.55 33.82
CA ARG C 365 9.32 1.83 33.09
C ARG C 365 10.55 1.50 33.92
N THR C 366 10.54 1.87 35.20
CA THR C 366 11.68 1.59 36.06
C THR C 366 11.90 0.09 36.22
N ILE C 367 10.81 -0.68 36.38
CA ILE C 367 10.96 -2.12 36.52
C ILE C 367 11.61 -2.72 35.27
N PHE C 368 11.14 -2.29 34.09
CA PHE C 368 11.69 -2.82 32.85
C PHE C 368 13.19 -2.51 32.72
N GLU C 369 13.56 -1.27 33.03
CA GLU C 369 14.97 -0.89 32.93
C GLU C 369 15.85 -1.70 33.88
N LEU C 370 15.37 -1.93 35.11
CA LEU C 370 16.15 -2.72 36.06
C LEU C 370 16.36 -4.14 35.54
N ARG C 371 15.31 -4.76 34.99
CA ARG C 371 15.46 -6.12 34.47
C ARG C 371 16.50 -6.15 33.34
N LYS C 372 16.42 -5.20 32.42
CA LYS C 372 17.39 -5.18 31.31
C LYS C 372 18.82 -5.01 31.82
N ALA C 373 19.03 -4.12 32.79
CA ALA C 373 20.37 -3.88 33.31
C ALA C 373 20.95 -5.14 33.94
N ARG C 374 20.15 -5.84 34.77
CA ARG C 374 20.66 -7.07 35.39
C ARG C 374 20.99 -8.13 34.34
N ASP C 375 20.11 -8.28 33.33
CA ASP C 375 20.35 -9.30 32.31
C ASP C 375 21.64 -9.02 31.54
N ARG C 376 21.90 -7.75 31.20
CA ARG C 376 23.14 -7.43 30.50
C ARG C 376 24.36 -7.67 31.39
N ALA C 377 24.27 -7.29 32.67
CA ALA C 377 25.42 -7.43 33.56
C ALA C 377 25.82 -8.90 33.72
N HIS C 378 24.84 -9.80 33.71
CA HIS C 378 25.16 -11.24 33.80
C HIS C 378 26.09 -11.67 32.68
N ILE C 379 25.73 -11.37 31.43
CA ILE C 379 26.54 -11.80 30.29
C ILE C 379 27.89 -11.10 30.30
N LEU C 380 27.93 -9.83 30.74
CA LEU C 380 29.22 -9.15 30.80
C LEU C 380 30.16 -9.82 31.80
N GLU C 381 29.63 -10.22 32.96
CA GLU C 381 30.45 -10.97 33.92
C GLU C 381 30.96 -12.26 33.31
N ALA C 382 30.09 -12.97 32.58
CA ALA C 382 30.51 -14.22 31.95
C ALA C 382 31.66 -13.98 30.96
N LEU C 383 31.53 -12.96 30.11
CA LEU C 383 32.56 -12.68 29.11
C LEU C 383 33.88 -12.29 29.78
N ALA C 384 33.82 -11.48 30.83
CA ALA C 384 35.05 -11.08 31.52
C ALA C 384 35.75 -12.30 32.13
N VAL C 385 34.99 -13.17 32.80
CA VAL C 385 35.59 -14.35 33.40
C VAL C 385 36.19 -15.24 32.33
N ALA C 386 35.52 -15.34 31.17
CA ALA C 386 36.06 -16.16 30.08
C ALA C 386 37.35 -15.59 29.54
N LEU C 387 37.39 -14.27 29.31
CA LEU C 387 38.61 -13.65 28.79
C LEU C 387 39.76 -13.73 29.77
N ALA C 388 39.46 -13.86 31.07
CA ALA C 388 40.53 -13.95 32.06
C ALA C 388 41.41 -15.19 31.86
N ASN C 389 40.88 -16.24 31.23
CA ASN C 389 41.54 -17.54 31.12
C ASN C 389 41.54 -18.03 29.67
N ILE C 390 42.02 -17.19 28.76
CA ILE C 390 41.85 -17.45 27.33
C ILE C 390 42.56 -18.74 26.90
N ASP C 391 43.79 -18.96 27.37
CA ASP C 391 44.59 -20.07 26.86
C ASP C 391 43.99 -21.44 27.20
N PRO C 392 43.60 -21.72 28.45
CA PRO C 392 42.89 -23.00 28.70
C PRO C 392 41.61 -23.15 27.91
N ILE C 393 40.89 -22.05 27.67
CA ILE C 393 39.62 -22.14 26.94
C ILE C 393 39.86 -22.61 25.52
N ILE C 394 40.81 -21.98 24.81
CA ILE C 394 41.07 -22.36 23.43
C ILE C 394 41.69 -23.75 23.37
N GLU C 395 42.55 -24.09 24.34
CA GLU C 395 43.14 -25.42 24.35
C GLU C 395 42.07 -26.50 24.53
N LEU C 396 41.09 -26.24 25.42
CA LEU C 396 39.99 -27.18 25.59
C LEU C 396 39.12 -27.26 24.33
N ILE C 397 38.86 -26.10 23.70
CA ILE C 397 37.99 -26.10 22.53
C ILE C 397 38.64 -26.84 21.36
N ARG C 398 39.96 -26.77 21.24
CA ARG C 398 40.64 -27.40 20.10
C ARG C 398 40.45 -28.91 20.09
N HIS C 399 40.28 -29.54 21.27
CA HIS C 399 40.05 -30.98 21.38
C HIS C 399 38.56 -31.32 21.39
N ALA C 400 37.71 -30.48 20.82
CA ALA C 400 36.26 -30.68 20.86
C ALA C 400 35.77 -31.30 19.56
N PRO C 401 35.25 -32.53 19.55
CA PRO C 401 34.68 -33.04 18.30
C PRO C 401 33.53 -32.22 17.75
N THR C 402 32.68 -31.65 18.61
CA THR C 402 31.50 -30.92 18.17
C THR C 402 31.26 -29.77 19.14
N PRO C 403 30.47 -28.77 18.74
CA PRO C 403 30.20 -27.65 19.67
C PRO C 403 29.49 -28.07 20.95
N ALA C 404 28.59 -29.05 20.89
CA ALA C 404 27.84 -29.46 22.08
C ALA C 404 28.77 -30.05 23.12
N GLU C 405 29.73 -30.87 22.68
CA GLU C 405 30.69 -31.45 23.62
C GLU C 405 31.54 -30.36 24.27
N ALA C 406 31.93 -29.34 23.49
CA ALA C 406 32.68 -28.23 24.07
C ALA C 406 31.86 -27.49 25.11
N LYS C 407 30.57 -27.27 24.81
CA LYS C 407 29.71 -26.57 25.76
C LYS C 407 29.55 -27.38 27.05
N THR C 408 29.35 -28.69 26.92
CA THR C 408 29.24 -29.54 28.11
C THR C 408 30.53 -29.55 28.92
N ALA C 409 31.67 -29.56 28.22
CA ALA C 409 32.95 -29.52 28.93
C ALA C 409 33.12 -28.20 29.68
N LEU C 410 32.74 -27.09 29.06
CA LEU C 410 32.87 -25.79 29.72
C LEU C 410 31.94 -25.69 30.93
N VAL C 411 30.71 -26.18 30.79
CA VAL C 411 29.72 -26.00 31.85
C VAL C 411 30.12 -26.76 33.11
N ALA C 412 30.54 -28.02 32.96
CA ALA C 412 30.74 -28.92 34.09
C ALA C 412 32.17 -28.86 34.64
N ASN C 413 32.63 -27.66 35.01
CA ASN C 413 33.94 -27.52 35.62
C ASN C 413 34.08 -26.14 36.28
N PRO C 414 34.71 -26.01 37.45
CA PRO C 414 34.95 -24.67 37.99
C PRO C 414 36.03 -23.94 37.20
N TRP C 415 36.08 -22.63 37.42
CA TRP C 415 37.07 -21.76 36.79
C TRP C 415 37.65 -20.81 37.82
N GLN C 416 38.93 -20.48 37.63
CA GLN C 416 39.62 -19.57 38.53
C GLN C 416 39.34 -18.12 38.13
N LEU C 417 39.03 -17.27 39.12
CA LEU C 417 38.69 -15.89 38.83
C LEU C 417 39.87 -15.13 38.25
N GLY C 418 41.08 -15.34 38.80
CA GLY C 418 42.24 -14.61 38.35
C GLY C 418 42.28 -13.19 38.87
N ASN C 419 42.76 -12.27 38.05
CA ASN C 419 42.91 -10.88 38.47
C ASN C 419 41.61 -10.08 38.43
N VAL C 420 40.53 -10.65 37.88
CA VAL C 420 39.28 -9.91 37.76
C VAL C 420 38.48 -9.90 39.06
N ALA C 421 38.81 -10.79 40.01
CA ALA C 421 37.99 -10.97 41.21
C ALA C 421 37.84 -9.69 42.00
N ALA C 422 38.86 -8.82 41.98
CA ALA C 422 38.78 -7.56 42.71
C ALA C 422 37.59 -6.74 42.26
N MET C 423 37.34 -6.68 40.95
CA MET C 423 36.17 -5.97 40.45
C MET C 423 34.89 -6.58 41.01
N LEU C 424 34.83 -7.92 41.08
CA LEU C 424 33.65 -8.57 41.61
C LEU C 424 33.44 -8.26 43.08
N GLU C 425 34.48 -7.81 43.81
CA GLU C 425 34.29 -7.41 45.19
C GLU C 425 33.30 -6.25 45.29
N ARG C 426 33.24 -5.39 44.26
CA ARG C 426 32.27 -4.32 44.26
C ARG C 426 30.87 -4.80 43.91
N ALA C 427 30.73 -5.98 43.32
CA ALA C 427 29.44 -6.50 42.87
C ALA C 427 28.79 -7.45 43.85
N GLY C 428 29.31 -7.58 45.07
CA GLY C 428 28.78 -8.54 46.03
C GLY C 428 27.40 -8.16 46.53
N ASP C 429 26.95 -8.84 47.58
CA ASP C 429 25.66 -8.60 48.23
C ASP C 429 24.48 -8.91 47.32
N ASP C 430 24.69 -9.71 46.28
CA ASP C 430 23.63 -10.12 45.35
C ASP C 430 22.94 -8.90 44.72
N ALA C 431 23.73 -7.86 44.43
CA ALA C 431 23.14 -6.64 43.87
C ALA C 431 22.73 -6.85 42.42
N ALA C 432 23.60 -7.46 41.62
CA ALA C 432 23.41 -7.57 40.17
C ALA C 432 22.98 -8.95 39.72
N ARG C 433 22.70 -9.88 40.64
CA ARG C 433 22.28 -11.20 40.23
C ARG C 433 20.84 -11.17 39.75
N PRO C 434 20.51 -11.83 38.63
CA PRO C 434 19.09 -11.89 38.23
C PRO C 434 18.26 -12.64 39.27
N GLU C 435 16.99 -12.24 39.38
CA GLU C 435 16.10 -12.88 40.34
C GLU C 435 15.84 -14.33 39.95
N TRP C 436 15.73 -14.62 38.65
CA TRP C 436 15.44 -15.98 38.19
C TRP C 436 16.62 -16.93 38.36
N LEU C 437 17.83 -16.40 38.57
CA LEU C 437 19.00 -17.26 38.69
C LEU C 437 18.96 -18.06 39.99
N GLU C 438 19.36 -19.31 39.92
CA GLU C 438 19.41 -20.17 41.10
C GLU C 438 20.64 -19.87 41.92
N PRO C 439 20.66 -20.25 43.21
CA PRO C 439 21.86 -20.01 44.03
C PRO C 439 23.02 -20.93 43.71
N GLU C 440 22.81 -22.01 42.95
CA GLU C 440 23.90 -22.94 42.67
C GLU C 440 24.98 -22.29 41.83
N PHE C 441 24.58 -21.50 40.83
CA PHE C 441 25.52 -20.89 39.92
C PHE C 441 26.14 -19.64 40.55
N GLY C 442 27.00 -18.96 39.79
CA GLY C 442 27.67 -17.78 40.29
C GLY C 442 28.83 -18.11 41.19
N VAL C 443 29.46 -17.06 41.70
CA VAL C 443 30.63 -17.23 42.57
C VAL C 443 30.21 -17.85 43.88
N ARG C 444 30.90 -18.91 44.29
CA ARG C 444 30.63 -19.63 45.53
C ARG C 444 31.77 -19.52 46.52
N ASP C 445 32.99 -19.89 46.12
CA ASP C 445 34.17 -19.87 46.98
C ASP C 445 35.35 -19.28 46.25
N GLY C 446 35.12 -18.17 45.54
CA GLY C 446 36.17 -17.57 44.73
C GLY C 446 36.45 -18.31 43.44
N LEU C 447 35.51 -19.10 42.94
CA LEU C 447 35.66 -19.85 41.69
C LEU C 447 34.34 -19.77 40.94
N TYR C 448 34.37 -19.14 39.77
CA TYR C 448 33.14 -18.89 39.02
C TYR C 448 32.57 -20.20 38.48
N TYR C 449 31.24 -20.21 38.31
CA TYR C 449 30.51 -21.33 37.74
C TYR C 449 29.72 -20.83 36.54
N LEU C 450 29.84 -21.52 35.41
CA LEU C 450 29.22 -21.12 34.15
C LEU C 450 27.91 -21.88 33.93
N THR C 451 26.96 -21.20 33.30
CA THR C 451 25.69 -21.78 32.91
C THR C 451 25.74 -22.15 31.43
N GLU C 452 24.60 -22.59 30.89
CA GLU C 452 24.55 -22.96 29.47
C GLU C 452 24.60 -21.72 28.58
N GLN C 453 23.80 -20.71 28.89
CA GLN C 453 23.77 -19.51 28.04
C GLN C 453 25.09 -18.76 28.10
N GLN C 454 25.75 -18.73 29.26
CA GLN C 454 27.07 -18.11 29.34
C GLN C 454 28.07 -18.83 28.47
N ALA C 455 28.02 -20.18 28.46
CA ALA C 455 28.90 -20.94 27.59
C ALA C 455 28.62 -20.66 26.12
N GLN C 456 27.34 -20.55 25.76
CA GLN C 456 27.00 -20.23 24.37
C GLN C 456 27.51 -18.84 24.00
N ALA C 457 27.39 -17.87 24.91
CA ALA C 457 27.89 -16.53 24.64
C ALA C 457 29.41 -16.55 24.49
N ILE C 458 30.10 -17.38 25.27
CA ILE C 458 31.54 -17.50 25.13
C ILE C 458 31.90 -18.08 23.77
N LEU C 459 31.14 -19.09 23.32
CA LEU C 459 31.44 -19.72 22.04
C LEU C 459 31.22 -18.78 20.86
N ASP C 460 30.43 -17.71 21.02
CA ASP C 460 30.17 -16.74 19.96
C ASP C 460 31.05 -15.51 20.12
N LEU C 461 32.29 -15.69 20.58
CA LEU C 461 33.23 -14.61 20.80
C LEU C 461 34.21 -14.55 19.62
N ARG C 462 34.46 -13.35 19.12
CA ARG C 462 35.35 -13.13 18.00
C ARG C 462 36.78 -12.89 18.48
N LEU C 463 37.74 -13.16 17.59
CA LEU C 463 39.14 -12.86 17.91
C LEU C 463 39.37 -11.37 18.06
N GLN C 464 38.55 -10.54 17.38
CA GLN C 464 38.74 -9.10 17.39
C GLN C 464 38.76 -8.52 18.80
N LYS C 465 38.04 -9.14 19.73
CA LYS C 465 37.94 -8.65 21.09
C LYS C 465 39.09 -9.11 21.99
N LEU C 466 40.17 -9.62 21.43
CA LEU C 466 41.34 -9.98 22.22
C LEU C 466 42.31 -8.80 22.44
N THR C 467 42.03 -7.64 21.86
CA THR C 467 42.88 -6.49 22.05
C THR C 467 42.60 -5.81 23.40
N GLY C 468 43.49 -4.91 23.80
CA GLY C 468 43.37 -4.29 25.11
C GLY C 468 42.18 -3.37 25.23
N LEU C 469 41.92 -2.56 24.20
CA LEU C 469 40.83 -1.59 24.27
C LEU C 469 39.48 -2.29 24.39
N GLU C 470 39.29 -3.37 23.64
CA GLU C 470 38.04 -4.12 23.74
C GLU C 470 37.89 -4.76 25.12
N HIS C 471 39.01 -5.07 25.78
CA HIS C 471 38.94 -5.56 27.15
C HIS C 471 38.54 -4.44 28.11
N GLU C 472 39.09 -3.24 27.93
CA GLU C 472 38.76 -2.14 28.82
C GLU C 472 37.31 -1.71 28.68
N LYS C 473 36.76 -1.81 27.47
CA LYS C 473 35.38 -1.38 27.25
C LYS C 473 34.40 -2.18 28.10
N LEU C 474 34.63 -3.49 28.22
CA LEU C 474 33.74 -4.32 29.03
C LEU C 474 33.77 -3.91 30.50
N LEU C 475 34.97 -3.62 31.02
CA LEU C 475 35.07 -3.17 32.41
C LEU C 475 34.34 -1.85 32.62
N ASP C 476 34.49 -0.91 31.68
CA ASP C 476 33.78 0.35 31.81
C ASP C 476 32.27 0.15 31.77
N GLU C 477 31.80 -0.71 30.87
CA GLU C 477 30.37 -0.99 30.76
C GLU C 477 29.82 -1.58 32.05
N TYR C 478 30.56 -2.54 32.63
CA TYR C 478 30.14 -3.15 33.89
C TYR C 478 30.09 -2.11 35.02
N LYS C 479 31.10 -1.24 35.07
CA LYS C 479 31.15 -0.24 36.13
C LYS C 479 29.98 0.72 36.05
N GLU C 480 29.63 1.16 34.84
CA GLU C 480 28.48 2.07 34.73
C GLU C 480 27.16 1.34 34.97
N LEU C 481 27.06 0.06 34.57
CA LEU C 481 25.83 -0.69 34.81
C LEU C 481 25.57 -0.88 36.30
N LEU C 482 26.61 -1.05 37.11
CA LEU C 482 26.40 -1.17 38.55
C LEU C 482 25.75 0.09 39.10
N ASP C 483 26.24 1.27 38.69
CA ASP C 483 25.66 2.52 39.15
C ASP C 483 24.23 2.68 38.66
N GLN C 484 23.95 2.27 37.42
CA GLN C 484 22.58 2.34 36.92
C GLN C 484 21.64 1.46 37.75
N ILE C 485 22.08 0.26 38.10
CA ILE C 485 21.26 -0.64 38.91
C ILE C 485 21.01 0.00 40.28
N ALA C 486 22.05 0.60 40.88
CA ALA C 486 21.87 1.24 42.18
C ALA C 486 20.86 2.37 42.10
N GLU C 487 20.94 3.20 41.06
CA GLU C 487 20.00 4.31 40.91
C GLU C 487 18.57 3.81 40.74
N LEU C 488 18.38 2.78 39.92
CA LEU C 488 17.03 2.26 39.71
C LEU C 488 16.46 1.67 41.00
N LEU C 489 17.29 0.94 41.76
CA LEU C 489 16.82 0.41 43.03
C LEU C 489 16.45 1.51 44.00
N ARG C 490 17.25 2.58 44.05
CA ARG C 490 16.91 3.70 44.93
C ARG C 490 15.62 4.38 44.50
N ILE C 491 15.38 4.48 43.19
CA ILE C 491 14.12 5.05 42.71
C ILE C 491 12.94 4.19 43.15
N LEU C 492 13.06 2.87 43.02
CA LEU C 492 11.99 1.98 43.44
C LEU C 492 11.84 1.89 44.96
N GLY C 493 12.85 2.32 45.73
CA GLY C 493 12.81 2.14 47.16
C GLY C 493 12.05 3.17 47.96
N SER C 494 11.56 4.24 47.32
CA SER C 494 10.90 5.32 48.06
C SER C 494 9.87 5.98 47.16
N ALA C 495 8.99 6.76 47.79
CA ALA C 495 7.88 7.42 47.11
C ALA C 495 8.15 8.86 46.73
N ASP C 496 9.02 9.56 47.47
CA ASP C 496 9.29 10.97 47.15
C ASP C 496 10.11 11.10 45.88
N ARG C 497 11.01 10.15 45.62
CA ARG C 497 11.81 10.20 44.40
C ARG C 497 10.93 10.12 43.16
N LEU C 498 9.86 9.32 43.22
CA LEU C 498 8.92 9.24 42.11
C LEU C 498 8.29 10.60 41.82
N MET C 499 7.86 11.30 42.88
CA MET C 499 7.25 12.61 42.68
C MET C 499 8.28 13.62 42.17
N GLU C 500 9.53 13.51 42.62
CA GLU C 500 10.58 14.39 42.10
C GLU C 500 10.78 14.18 40.59
N VAL C 501 10.81 12.91 40.16
CA VAL C 501 10.95 12.63 38.74
C VAL C 501 9.78 13.19 37.95
N ILE C 502 8.56 13.01 38.49
CA ILE C 502 7.37 13.50 37.79
C ILE C 502 7.41 15.03 37.68
N ARG C 503 7.82 15.71 38.75
CA ARG C 503 7.90 17.17 38.72
C ARG C 503 8.94 17.63 37.71
N GLU C 504 10.10 16.95 37.65
CA GLU C 504 11.10 17.31 36.66
C GLU C 504 10.56 17.16 35.25
N GLU C 505 9.86 16.06 34.97
CA GLU C 505 9.30 15.86 33.63
C GLU C 505 8.28 16.93 33.29
N LEU C 506 7.41 17.29 34.26
CA LEU C 506 6.41 18.32 33.99
C LEU C 506 7.06 19.67 33.72
N GLU C 507 8.09 20.03 34.50
CA GLU C 507 8.76 21.30 34.27
C GLU C 507 9.46 21.33 32.92
N LEU C 508 10.07 20.21 32.53
CA LEU C 508 10.72 20.15 31.21
C LEU C 508 9.71 20.31 30.09
N VAL C 509 8.54 19.66 30.23
CA VAL C 509 7.51 19.81 29.20
C VAL C 509 7.03 21.24 29.13
N ARG C 510 6.83 21.89 30.29
CA ARG C 510 6.39 23.28 30.30
C ARG C 510 7.40 24.18 29.60
N GLU C 511 8.69 23.98 29.88
CA GLU C 511 9.72 24.79 29.24
C GLU C 511 9.75 24.55 27.73
N GLN C 512 9.59 23.30 27.30
CA GLN C 512 9.70 22.99 25.89
C GLN C 512 8.52 23.56 25.10
N PHE C 513 7.29 23.32 25.56
CA PHE C 513 6.09 23.57 24.75
C PHE C 513 5.21 24.70 25.31
N GLY C 514 5.70 25.49 26.25
CA GLY C 514 4.89 26.57 26.78
C GLY C 514 4.69 27.69 25.76
N ASP C 515 3.61 28.46 25.97
CA ASP C 515 3.30 29.59 25.10
C ASP C 515 2.39 30.54 25.87
N LYS C 516 1.97 31.60 25.19
CA LYS C 516 1.22 32.70 25.80
C LYS C 516 -0.29 32.50 25.64
N ARG C 517 -1.05 33.35 26.32
CA ARG C 517 -2.50 33.31 26.31
C ARG C 517 -3.04 34.14 25.14
N ARG C 518 -4.23 33.76 24.67
CA ARG C 518 -4.90 34.43 23.56
C ARG C 518 -6.21 35.07 23.97
N THR C 519 -7.11 34.33 24.59
CA THR C 519 -8.44 34.83 24.92
C THR C 519 -8.40 35.70 26.17
N GLU C 520 -9.23 36.74 26.17
CA GLU C 520 -9.35 37.68 27.29
C GLU C 520 -10.68 37.44 28.00
N ILE C 521 -10.62 37.27 29.33
CA ILE C 521 -11.80 37.06 30.16
C ILE C 521 -12.15 38.37 30.84
N THR C 522 -13.42 38.75 30.79
CA THR C 522 -13.89 39.99 31.41
C THR C 522 -15.25 39.76 32.03
N ALA C 523 -15.58 40.61 33.01
CA ALA C 523 -16.88 40.57 33.65
C ALA C 523 -17.93 41.31 32.82
N ASN C 524 -19.19 41.12 33.18
CA ASN C 524 -20.30 41.74 32.46
C ASN C 524 -20.21 43.26 32.52
N GLY D 406 -36.32 1.86 -11.26
CA GLY D 406 -35.48 2.70 -10.36
C GLY D 406 -35.09 1.98 -9.08
N LYS D 407 -33.94 1.32 -9.09
CA LYS D 407 -33.43 0.58 -7.94
C LYS D 407 -34.42 -0.50 -7.50
N LEU D 408 -34.95 -1.23 -8.48
CA LEU D 408 -35.89 -2.31 -8.18
C LEU D 408 -35.89 -3.28 -9.36
N ALA D 409 -35.44 -4.51 -9.11
CA ALA D 409 -35.42 -5.57 -10.12
C ALA D 409 -36.64 -6.45 -9.89
N ASP D 410 -37.65 -6.28 -10.73
CA ASP D 410 -38.90 -7.00 -10.58
C ASP D 410 -38.74 -8.46 -11.03
N CYS D 411 -39.64 -9.30 -10.54
CA CYS D 411 -39.72 -10.70 -10.93
C CYS D 411 -40.84 -10.91 -11.93
N GLN D 412 -40.65 -11.91 -12.79
CA GLN D 412 -41.63 -12.18 -13.85
C GLN D 412 -42.91 -12.81 -13.34
N GLU D 413 -42.86 -13.49 -12.19
CA GLU D 413 -44.06 -14.08 -11.63
C GLU D 413 -45.05 -12.99 -11.26
N ARG D 414 -46.33 -13.20 -11.63
CA ARG D 414 -47.39 -12.23 -11.39
C ARG D 414 -48.41 -12.66 -10.36
N ASP D 415 -48.42 -13.93 -9.96
CA ASP D 415 -49.31 -14.36 -8.91
C ASP D 415 -48.76 -13.90 -7.57
N PRO D 416 -49.51 -13.08 -6.75
CA PRO D 416 -48.94 -12.53 -5.51
C PRO D 416 -49.03 -13.48 -4.31
N ALA D 417 -48.61 -14.73 -4.52
CA ALA D 417 -48.54 -15.71 -3.44
C ALA D 417 -47.35 -16.64 -3.54
N LEU D 418 -46.44 -16.44 -4.52
CA LEU D 418 -45.26 -17.28 -4.68
C LEU D 418 -44.00 -16.46 -4.95
N SER D 419 -44.03 -15.15 -4.70
CA SER D 419 -42.89 -14.27 -4.94
C SER D 419 -42.23 -13.92 -3.61
N GLU D 420 -41.07 -13.25 -3.72
CA GLU D 420 -40.28 -12.88 -2.56
C GLU D 420 -39.65 -11.52 -2.81
N LEU D 421 -39.23 -10.86 -1.73
CA LEU D 421 -38.60 -9.56 -1.78
C LEU D 421 -37.43 -9.52 -0.80
N TYR D 422 -36.28 -9.07 -1.27
CA TYR D 422 -35.07 -8.95 -0.47
C TYR D 422 -34.69 -7.48 -0.35
N LEU D 423 -34.26 -7.09 0.85
CA LEU D 423 -33.89 -5.70 1.15
C LEU D 423 -32.40 -5.68 1.51
N VAL D 424 -31.56 -5.61 0.49
CA VAL D 424 -30.12 -5.74 0.67
C VAL D 424 -29.54 -4.39 1.11
N GLU D 425 -28.46 -4.45 1.90
CA GLU D 425 -27.78 -3.26 2.39
C GLU D 425 -26.57 -2.99 1.51
N GLY D 426 -26.53 -1.79 0.94
CA GLY D 426 -25.42 -1.37 0.10
C GLY D 426 -25.71 -1.59 -1.38
N ASP D 427 -24.98 -0.85 -2.21
CA ASP D 427 -25.16 -0.93 -3.66
C ASP D 427 -24.37 -2.09 -4.26
N SER D 428 -23.14 -2.30 -3.81
CA SER D 428 -22.35 -3.42 -4.32
C SER D 428 -22.98 -4.75 -3.92
N ALA D 429 -23.52 -4.84 -2.70
CA ALA D 429 -24.19 -6.06 -2.28
C ALA D 429 -25.41 -6.33 -3.16
N GLY D 430 -26.18 -5.29 -3.47
CA GLY D 430 -27.32 -5.47 -4.36
C GLY D 430 -26.89 -5.90 -5.75
N GLY D 431 -25.80 -5.32 -6.26
CA GLY D 431 -25.31 -5.71 -7.57
C GLY D 431 -24.87 -7.17 -7.60
N SER D 432 -24.19 -7.62 -6.54
CA SER D 432 -23.80 -9.02 -6.46
C SER D 432 -25.03 -9.93 -6.35
N ALA D 433 -26.04 -9.51 -5.59
CA ALA D 433 -27.22 -10.34 -5.38
C ALA D 433 -28.06 -10.45 -6.64
N LYS D 434 -28.13 -9.40 -7.45
CA LYS D 434 -28.97 -9.43 -8.64
C LYS D 434 -28.50 -10.50 -9.62
N GLN D 435 -27.19 -10.70 -9.74
CA GLN D 435 -26.68 -11.72 -10.65
C GLN D 435 -27.07 -13.12 -10.18
N GLY D 436 -26.80 -13.43 -8.91
CA GLY D 436 -27.06 -14.75 -8.37
C GLY D 436 -28.42 -14.89 -7.71
N ARG D 437 -29.49 -14.90 -8.50
CA ARG D 437 -30.83 -15.06 -7.96
C ARG D 437 -31.72 -15.77 -8.99
N ASN D 438 -32.79 -16.36 -8.49
CA ASN D 438 -33.80 -17.00 -9.35
C ASN D 438 -34.65 -15.88 -9.96
N ARG D 439 -34.41 -15.58 -11.23
CA ARG D 439 -35.05 -14.43 -11.86
C ARG D 439 -36.56 -14.58 -11.97
N LYS D 440 -37.08 -15.80 -11.88
CA LYS D 440 -38.51 -16.01 -12.11
C LYS D 440 -39.34 -15.35 -11.01
N ASN D 441 -39.03 -15.61 -9.75
CA ASN D 441 -39.89 -15.23 -8.63
C ASN D 441 -39.06 -14.68 -7.46
N GLN D 442 -38.11 -13.79 -7.75
CA GLN D 442 -37.35 -13.11 -6.70
C GLN D 442 -37.00 -11.71 -7.16
N ALA D 443 -37.15 -10.74 -6.25
CA ALA D 443 -36.89 -9.34 -6.51
C ALA D 443 -35.93 -8.78 -5.48
N ILE D 444 -35.23 -7.72 -5.87
CA ILE D 444 -34.18 -7.10 -5.05
C ILE D 444 -34.47 -5.61 -4.92
N LEU D 445 -34.11 -5.06 -3.77
CA LEU D 445 -34.33 -3.64 -3.48
C LEU D 445 -33.17 -3.14 -2.61
N PRO D 446 -32.06 -2.72 -3.22
CA PRO D 446 -30.91 -2.27 -2.43
C PRO D 446 -31.21 -1.00 -1.64
N LEU D 447 -30.57 -0.89 -0.48
CA LEU D 447 -30.62 0.30 0.35
C LEU D 447 -29.21 0.90 0.42
N LYS D 448 -29.10 2.20 0.17
CA LYS D 448 -27.80 2.83 0.10
C LYS D 448 -27.17 2.99 1.49
N GLY D 449 -27.96 3.41 2.47
CA GLY D 449 -27.45 3.63 3.81
C GLY D 449 -28.53 3.58 4.87
N LYS D 450 -28.40 4.38 5.92
CA LYS D 450 -29.40 4.41 6.97
C LYS D 450 -30.66 5.14 6.49
N ILE D 451 -31.79 4.77 7.09
CA ILE D 451 -33.11 5.21 6.63
C ILE D 451 -33.79 5.99 7.75
N LEU D 452 -34.93 6.60 7.40
CA LEU D 452 -35.63 7.50 8.29
C LEU D 452 -36.23 6.73 9.48
N ASN D 453 -36.30 7.42 10.62
CA ASN D 453 -36.94 6.90 11.82
C ASN D 453 -38.36 7.46 11.88
N VAL D 454 -39.35 6.59 11.65
CA VAL D 454 -40.73 7.05 11.57
C VAL D 454 -41.34 7.34 12.93
N GLU D 455 -40.73 6.86 14.02
CA GLU D 455 -41.29 7.11 15.35
C GLU D 455 -41.19 8.60 15.71
N LYS D 456 -40.08 9.24 15.37
CA LYS D 456 -39.85 10.64 15.70
C LYS D 456 -40.32 11.60 14.62
N ALA D 457 -40.39 11.15 13.37
CA ALA D 457 -40.70 12.03 12.25
C ALA D 457 -42.20 12.24 12.12
N ARG D 458 -42.57 13.26 11.34
CA ARG D 458 -43.96 13.58 11.05
C ARG D 458 -44.41 12.88 9.78
N PHE D 459 -45.73 12.83 9.59
CA PHE D 459 -46.27 12.13 8.43
C PHE D 459 -45.87 12.82 7.12
N ASP D 460 -45.84 14.15 7.11
CA ASP D 460 -45.46 14.87 5.91
C ASP D 460 -44.03 14.56 5.51
N LYS D 461 -43.12 14.53 6.49
CA LYS D 461 -41.74 14.17 6.17
C LYS D 461 -41.62 12.71 5.77
N MET D 462 -42.47 11.84 6.33
CA MET D 462 -42.48 10.44 5.91
C MET D 462 -42.87 10.33 4.44
N LEU D 463 -43.87 11.10 4.00
CA LEU D 463 -44.21 11.12 2.59
C LEU D 463 -43.11 11.74 1.74
N SER D 464 -42.41 12.74 2.28
CA SER D 464 -41.42 13.47 1.50
C SER D 464 -40.18 12.63 1.21
N SER D 465 -39.79 11.75 2.12
CA SER D 465 -38.54 11.01 1.98
C SER D 465 -38.60 10.06 0.79
N GLN D 466 -37.44 9.77 0.22
CA GLN D 466 -37.33 8.99 -1.01
C GLN D 466 -37.30 7.49 -0.77
N GLU D 467 -36.56 7.03 0.24
CA GLU D 467 -36.44 5.59 0.47
C GLU D 467 -37.77 4.98 0.90
N VAL D 468 -38.44 5.59 1.88
CA VAL D 468 -39.71 5.05 2.35
C VAL D 468 -40.77 5.15 1.29
N ALA D 469 -40.75 6.22 0.47
CA ALA D 469 -41.72 6.32 -0.62
C ALA D 469 -41.52 5.20 -1.63
N THR D 470 -40.28 4.90 -1.98
CA THR D 470 -40.01 3.79 -2.90
C THR D 470 -40.44 2.46 -2.29
N LEU D 471 -40.19 2.27 -1.00
CA LEU D 471 -40.61 1.03 -0.35
C LEU D 471 -42.14 0.89 -0.35
N ILE D 472 -42.84 1.99 -0.07
CA ILE D 472 -44.30 1.97 -0.06
C ILE D 472 -44.84 1.64 -1.45
N THR D 473 -44.26 2.25 -2.48
CA THR D 473 -44.69 1.95 -3.84
C THR D 473 -44.40 0.50 -4.20
N ALA D 474 -43.25 -0.03 -3.77
CA ALA D 474 -42.89 -1.41 -4.10
C ALA D 474 -43.84 -2.39 -3.44
N LEU D 475 -44.20 -2.16 -2.16
CA LEU D 475 -45.10 -3.08 -1.48
C LEU D 475 -46.48 -3.08 -2.13
N GLY D 476 -46.98 -1.90 -2.50
CA GLY D 476 -48.23 -1.76 -3.21
C GLY D 476 -49.44 -1.47 -2.33
N CYS D 477 -49.35 -1.71 -1.03
CA CYS D 477 -50.46 -1.42 -0.13
C CYS D 477 -50.56 0.09 0.10
N GLY D 478 -51.58 0.48 0.85
CA GLY D 478 -51.79 1.88 1.16
C GLY D 478 -50.94 2.36 2.33
N ILE D 479 -50.97 3.67 2.54
CA ILE D 479 -50.23 4.33 3.61
C ILE D 479 -51.19 5.29 4.31
N GLY D 480 -51.17 5.28 5.64
CA GLY D 480 -52.04 6.13 6.42
C GLY D 480 -53.44 5.56 6.55
N ARG D 481 -54.22 6.19 7.42
CA ARG D 481 -55.59 5.73 7.64
C ARG D 481 -56.47 6.08 6.44
N ASP D 482 -57.50 5.25 6.24
CA ASP D 482 -58.47 5.35 5.16
C ASP D 482 -57.90 5.01 3.80
N GLU D 483 -56.65 4.55 3.71
CA GLU D 483 -56.03 4.14 2.45
C GLU D 483 -55.39 2.76 2.58
N TYR D 484 -54.93 2.41 3.79
CA TYR D 484 -54.28 1.13 4.01
C TYR D 484 -55.24 -0.02 3.75
N ASN D 485 -54.75 -1.05 3.06
CA ASN D 485 -55.55 -2.22 2.71
C ASN D 485 -54.60 -3.40 2.54
N PRO D 486 -54.45 -4.26 3.57
CA PRO D 486 -53.47 -5.35 3.45
C PRO D 486 -53.83 -6.40 2.41
N ASP D 487 -55.07 -6.43 1.92
CA ASP D 487 -55.45 -7.45 0.94
C ASP D 487 -54.69 -7.27 -0.37
N LYS D 488 -54.51 -6.03 -0.82
CA LYS D 488 -53.81 -5.74 -2.07
C LYS D 488 -52.30 -5.69 -1.84
N LEU D 489 -51.75 -6.83 -1.44
CA LEU D 489 -50.33 -6.96 -1.12
C LEU D 489 -49.61 -7.70 -2.24
N ARG D 490 -48.49 -7.14 -2.67
CA ARG D 490 -47.55 -7.78 -3.57
C ARG D 490 -46.37 -8.31 -2.75
N TYR D 491 -45.73 -9.37 -3.25
CA TYR D 491 -44.56 -9.94 -2.59
C TYR D 491 -44.91 -10.44 -1.18
N HIS D 492 -45.72 -11.50 -1.15
CA HIS D 492 -46.21 -12.07 0.11
C HIS D 492 -45.12 -12.61 1.04
N SER D 493 -43.85 -12.61 0.64
CA SER D 493 -42.74 -12.92 1.52
C SER D 493 -41.72 -11.79 1.46
N ILE D 494 -41.21 -11.39 2.62
CA ILE D 494 -40.24 -10.30 2.75
C ILE D 494 -39.09 -10.78 3.62
N ILE D 495 -37.86 -10.56 3.15
CA ILE D 495 -36.65 -10.98 3.85
C ILE D 495 -35.72 -9.78 3.97
N ILE D 496 -35.07 -9.64 5.12
CA ILE D 496 -34.28 -8.45 5.43
C ILE D 496 -32.87 -8.60 4.88
N MET D 497 -32.11 -9.56 5.43
CA MET D 497 -30.75 -9.86 4.97
C MET D 497 -29.86 -8.62 5.00
N THR D 498 -29.61 -8.14 6.22
CA THR D 498 -28.66 -7.07 6.47
C THR D 498 -27.30 -7.65 6.82
N ASP D 499 -26.33 -6.77 7.07
CA ASP D 499 -24.97 -7.19 7.40
C ASP D 499 -24.94 -7.83 8.78
N ALA D 500 -23.76 -8.31 9.16
CA ALA D 500 -23.55 -9.07 10.39
C ALA D 500 -22.72 -8.29 11.42
N ASP D 501 -22.98 -6.99 11.53
CA ASP D 501 -22.31 -6.13 12.50
C ASP D 501 -23.34 -5.20 13.13
N VAL D 502 -22.88 -4.29 14.00
CA VAL D 502 -23.78 -3.49 14.81
C VAL D 502 -24.63 -2.57 13.94
N ASP D 503 -24.05 -2.04 12.87
CA ASP D 503 -24.80 -1.16 11.98
C ASP D 503 -25.94 -1.93 11.30
N GLY D 504 -25.68 -3.19 10.93
CA GLY D 504 -26.76 -4.02 10.42
C GLY D 504 -27.87 -4.20 11.43
N SER D 505 -27.52 -4.36 12.70
CA SER D 505 -28.54 -4.49 13.74
C SER D 505 -29.36 -3.21 13.87
N HIS D 506 -28.70 -2.06 13.80
CA HIS D 506 -29.42 -0.79 13.89
C HIS D 506 -30.39 -0.63 12.73
N ILE D 507 -29.96 -0.95 11.51
CA ILE D 507 -30.84 -0.84 10.36
C ILE D 507 -31.99 -1.84 10.47
N ARG D 508 -31.71 -3.02 11.02
CA ARG D 508 -32.76 -4.01 11.24
C ARG D 508 -33.80 -3.49 12.21
N THR D 509 -33.38 -2.85 13.29
CA THR D 509 -34.32 -2.29 14.24
C THR D 509 -35.16 -1.19 13.60
N LEU D 510 -34.54 -0.35 12.77
CA LEU D 510 -35.31 0.69 12.07
C LEU D 510 -36.36 0.09 11.15
N LEU D 511 -35.98 -0.95 10.39
CA LEU D 511 -36.95 -1.58 9.49
C LEU D 511 -38.08 -2.24 10.27
N LEU D 512 -37.76 -2.92 11.37
CA LEU D 512 -38.80 -3.52 12.19
C LEU D 512 -39.75 -2.47 12.76
N THR D 513 -39.20 -1.34 13.19
CA THR D 513 -40.04 -0.25 13.68
C THR D 513 -40.98 0.24 12.60
N PHE D 514 -40.48 0.43 11.38
CA PHE D 514 -41.33 0.88 10.29
C PHE D 514 -42.44 -0.13 10.01
N PHE D 515 -42.08 -1.41 9.90
CA PHE D 515 -43.08 -2.43 9.57
C PHE D 515 -44.14 -2.55 10.66
N TYR D 516 -43.73 -2.48 11.93
CA TYR D 516 -44.70 -2.66 13.00
C TYR D 516 -45.59 -1.44 13.16
N ARG D 517 -45.02 -0.23 13.04
CA ARG D 517 -45.82 0.97 13.27
C ARG D 517 -46.75 1.28 12.12
N GLN D 518 -46.31 1.06 10.88
CA GLN D 518 -47.10 1.45 9.71
C GLN D 518 -47.95 0.32 9.15
N MET D 519 -47.56 -0.94 9.36
CA MET D 519 -48.27 -2.10 8.80
C MET D 519 -48.35 -3.20 9.85
N PRO D 520 -49.21 -3.04 10.87
CA PRO D 520 -49.33 -4.09 11.88
C PRO D 520 -49.80 -5.43 11.32
N GLU D 521 -50.72 -5.43 10.34
CA GLU D 521 -51.27 -6.68 9.85
C GLU D 521 -50.22 -7.51 9.11
N ILE D 522 -49.28 -6.86 8.44
CA ILE D 522 -48.23 -7.57 7.73
C ILE D 522 -47.40 -8.40 8.71
N VAL D 523 -47.03 -7.80 9.85
CA VAL D 523 -46.25 -8.53 10.84
C VAL D 523 -47.11 -9.58 11.52
N GLU D 524 -48.38 -9.26 11.80
CA GLU D 524 -49.24 -10.20 12.51
C GLU D 524 -49.51 -11.46 11.70
N ARG D 525 -49.76 -11.32 10.41
CA ARG D 525 -50.07 -12.47 9.56
C ARG D 525 -48.85 -13.32 9.23
N GLY D 526 -47.64 -12.83 9.48
CA GLY D 526 -46.44 -13.63 9.27
C GLY D 526 -45.92 -13.55 7.85
N HIS D 527 -45.64 -12.33 7.38
CA HIS D 527 -45.06 -12.10 6.05
C HIS D 527 -43.69 -11.42 6.14
N VAL D 528 -43.02 -11.53 7.28
CA VAL D 528 -41.71 -10.91 7.50
C VAL D 528 -40.75 -11.97 8.01
N TYR D 529 -39.57 -12.04 7.41
CA TYR D 529 -38.54 -13.02 7.75
C TYR D 529 -37.21 -12.29 7.92
N ILE D 530 -36.26 -13.00 8.53
CA ILE D 530 -34.90 -12.50 8.73
C ILE D 530 -33.92 -13.57 8.26
N ALA D 531 -32.94 -13.16 7.47
CA ALA D 531 -31.93 -14.06 6.93
C ALA D 531 -30.70 -14.12 7.84
N GLN D 532 -29.90 -15.17 7.65
CA GLN D 532 -28.73 -15.45 8.48
C GLN D 532 -27.53 -15.78 7.60
N PRO D 533 -26.87 -14.78 7.02
CA PRO D 533 -25.66 -15.06 6.24
C PRO D 533 -24.52 -15.48 7.14
N PRO D 534 -23.54 -16.23 6.63
CA PRO D 534 -22.45 -16.71 7.47
C PRO D 534 -21.37 -15.64 7.64
N LEU D 535 -20.35 -15.97 8.44
CA LEU D 535 -19.23 -15.09 8.71
C LEU D 535 -17.90 -15.67 8.27
N TYR D 536 -17.62 -16.93 8.59
CA TYR D 536 -16.36 -17.58 8.26
C TYR D 536 -16.56 -18.64 7.19
N LYS D 537 -15.52 -18.83 6.38
CA LYS D 537 -15.43 -19.95 5.45
C LYS D 537 -14.11 -20.66 5.71
N VAL D 538 -14.16 -21.99 5.87
CA VAL D 538 -12.98 -22.78 6.22
C VAL D 538 -12.80 -23.86 5.17
N LYS D 539 -11.56 -24.00 4.69
CA LYS D 539 -11.17 -25.06 3.77
C LYS D 539 -9.92 -25.73 4.30
N LYS D 540 -9.85 -27.05 4.13
CA LYS D 540 -8.73 -27.87 4.60
C LYS D 540 -8.26 -28.81 3.49
N GLY D 541 -8.06 -28.25 2.30
CA GLY D 541 -7.60 -29.01 1.15
C GLY D 541 -8.73 -29.54 0.30
N LYS D 542 -9.55 -30.43 0.88
CA LYS D 542 -10.69 -31.02 0.20
C LYS D 542 -12.02 -30.54 0.77
N GLN D 543 -12.23 -30.68 2.08
CA GLN D 543 -13.46 -30.24 2.69
C GLN D 543 -13.54 -28.71 2.69
N GLU D 544 -14.77 -28.20 2.61
CA GLU D 544 -15.02 -26.77 2.66
C GLU D 544 -16.38 -26.55 3.31
N GLN D 545 -16.48 -25.57 4.20
CA GLN D 545 -17.75 -25.32 4.86
C GLN D 545 -17.79 -23.90 5.41
N TYR D 546 -19.02 -23.43 5.63
CA TYR D 546 -19.26 -22.10 6.19
C TYR D 546 -19.62 -22.23 7.67
N ILE D 547 -19.13 -21.29 8.47
CA ILE D 547 -19.32 -21.28 9.91
C ILE D 547 -19.89 -19.91 10.30
N LYS D 548 -20.98 -19.92 11.06
CA LYS D 548 -21.63 -18.70 11.51
C LYS D 548 -21.09 -18.31 12.88
N ASP D 549 -20.90 -16.99 13.08
CA ASP D 549 -20.49 -16.39 14.35
C ASP D 549 -19.27 -17.07 14.95
N ASP D 550 -19.01 -16.83 16.25
CA ASP D 550 -17.79 -17.30 16.90
C ASP D 550 -17.94 -18.62 17.65
N GLU D 551 -19.11 -18.87 18.24
CA GLU D 551 -19.27 -20.10 19.04
C GLU D 551 -19.13 -21.34 18.17
N ALA D 552 -19.73 -21.33 16.98
CA ALA D 552 -19.59 -22.47 16.07
C ALA D 552 -18.15 -22.64 15.63
N MET D 553 -17.41 -21.54 15.49
CA MET D 553 -15.99 -21.64 15.18
C MET D 553 -15.24 -22.33 16.32
N ASP D 554 -15.58 -22.01 17.57
CA ASP D 554 -14.95 -22.68 18.70
C ASP D 554 -15.26 -24.17 18.70
N GLN D 555 -16.52 -24.53 18.43
CA GLN D 555 -16.87 -25.96 18.37
C GLN D 555 -16.13 -26.66 17.24
N TYR D 556 -16.01 -26.01 16.09
CA TYR D 556 -15.29 -26.60 14.97
C TYR D 556 -13.82 -26.80 15.31
N GLN D 557 -13.21 -25.80 15.96
CA GLN D 557 -11.80 -25.92 16.36
C GLN D 557 -11.61 -27.06 17.36
N ILE D 558 -12.52 -27.17 18.32
CA ILE D 558 -12.42 -28.24 19.31
C ILE D 558 -12.55 -29.60 18.64
N SER D 559 -13.50 -29.73 17.71
CA SER D 559 -13.68 -31.00 17.01
C SER D 559 -12.47 -31.35 16.15
N ILE D 560 -11.90 -30.36 15.46
CA ILE D 560 -10.75 -30.61 14.60
C ILE D 560 -9.53 -30.99 15.43
N ALA D 561 -9.36 -30.36 16.60
CA ALA D 561 -8.20 -30.65 17.44
C ALA D 561 -8.20 -32.10 17.89
N LEU D 562 -9.36 -32.63 18.26
CA LEU D 562 -9.50 -34.01 18.72
C LEU D 562 -9.91 -34.95 17.58
N ASP D 563 -9.64 -34.58 16.33
CA ASP D 563 -10.05 -35.37 15.17
C ASP D 563 -8.95 -36.37 14.88
N GLY D 564 -9.14 -37.60 15.37
CA GLY D 564 -8.20 -38.67 15.10
C GLY D 564 -6.88 -38.52 15.83
N ALA D 565 -6.23 -39.64 16.12
CA ALA D 565 -4.94 -39.66 16.83
C ALA D 565 -5.18 -39.02 18.21
N THR D 566 -4.23 -38.24 18.73
CA THR D 566 -4.36 -37.61 20.05
C THR D 566 -4.54 -38.67 21.14
N LEU D 567 -3.87 -39.80 20.98
CA LEU D 567 -3.90 -40.88 21.98
C LEU D 567 -2.89 -40.52 23.06
N HIS D 568 -3.38 -39.87 24.11
CA HIS D 568 -2.49 -39.40 25.18
C HIS D 568 -1.95 -40.60 25.95
N THR D 569 -0.63 -40.62 26.13
CA THR D 569 0.07 -41.71 26.81
C THR D 569 0.55 -41.22 28.17
N ASN D 570 0.06 -41.86 29.24
CA ASN D 570 0.43 -41.47 30.60
C ASN D 570 1.78 -42.04 31.01
N ALA D 571 1.89 -43.37 31.11
CA ALA D 571 3.08 -44.03 31.63
C ALA D 571 3.82 -44.85 30.59
N SER D 572 3.17 -45.85 29.98
CA SER D 572 3.76 -46.65 28.92
C SER D 572 2.99 -46.52 27.61
N ALA D 573 1.71 -46.90 27.59
CA ALA D 573 0.85 -46.68 26.43
C ALA D 573 -0.63 -46.91 26.75
N PRO D 574 -1.27 -46.10 27.62
CA PRO D 574 -2.73 -46.12 27.68
C PRO D 574 -3.37 -45.44 26.48
N ALA D 575 -4.68 -45.28 26.50
CA ALA D 575 -5.40 -44.57 25.44
C ALA D 575 -6.71 -44.06 26.00
N LEU D 576 -6.81 -42.74 26.20
CA LEU D 576 -8.07 -42.14 26.62
C LEU D 576 -9.15 -42.37 25.57
N ALA D 577 -8.79 -42.22 24.30
CA ALA D 577 -9.62 -42.62 23.16
C ALA D 577 -10.96 -41.87 23.15
N GLY D 578 -10.86 -40.56 22.97
CA GLY D 578 -12.03 -39.78 22.61
C GLY D 578 -12.84 -39.21 23.76
N GLU D 579 -13.90 -39.94 24.14
CA GLU D 579 -15.00 -39.34 24.90
C GLU D 579 -14.53 -38.79 26.24
N ALA D 580 -13.66 -39.51 26.96
CA ALA D 580 -13.16 -38.99 28.23
C ALA D 580 -12.39 -37.70 28.03
N LEU D 581 -11.51 -37.68 27.02
CA LEU D 581 -10.75 -36.46 26.73
C LEU D 581 -11.68 -35.32 26.32
N GLU D 582 -12.69 -35.63 25.51
CA GLU D 582 -13.62 -34.59 25.07
C GLU D 582 -14.39 -34.02 26.25
N LYS D 583 -14.86 -34.87 27.16
CA LYS D 583 -15.57 -34.40 28.33
C LYS D 583 -14.66 -33.53 29.21
N LEU D 584 -13.41 -33.96 29.40
CA LEU D 584 -12.49 -33.17 30.21
C LEU D 584 -12.23 -31.80 29.58
N VAL D 585 -12.04 -31.78 28.26
CA VAL D 585 -11.79 -30.51 27.57
C VAL D 585 -13.01 -29.60 27.67
N SER D 586 -14.20 -30.16 27.50
CA SER D 586 -15.42 -29.35 27.59
C SER D 586 -15.58 -28.77 29.00
N GLU D 587 -15.34 -29.58 30.02
CA GLU D 587 -15.45 -29.07 31.39
C GLU D 587 -14.41 -27.99 31.66
N TYR D 588 -13.18 -28.19 31.18
CA TYR D 588 -12.15 -27.17 31.37
C TYR D 588 -12.51 -25.87 30.69
N ASN D 589 -13.04 -25.95 29.47
CA ASN D 589 -13.44 -24.74 28.75
C ASN D 589 -14.60 -24.04 29.46
N ALA D 590 -15.55 -24.81 29.98
CA ALA D 590 -16.65 -24.21 30.73
C ALA D 590 -16.14 -23.50 31.97
N THR D 591 -15.22 -24.12 32.71
CA THR D 591 -14.67 -23.48 33.90
C THR D 591 -13.89 -22.22 33.53
N GLN D 592 -13.12 -22.25 32.44
CA GLN D 592 -12.41 -21.05 32.02
C GLN D 592 -13.38 -19.94 31.64
N LYS D 593 -14.48 -20.28 30.96
CA LYS D 593 -15.48 -19.29 30.62
C LYS D 593 -16.10 -18.69 31.88
N MET D 594 -16.37 -19.53 32.88
CA MET D 594 -16.91 -19.03 34.14
C MET D 594 -15.93 -18.09 34.82
N ILE D 595 -14.64 -18.44 34.81
CA ILE D 595 -13.64 -17.63 35.51
C ILE D 595 -13.45 -16.29 34.80
N ASN D 596 -13.48 -16.29 33.46
CA ASN D 596 -13.16 -15.06 32.72
C ASN D 596 -14.19 -13.96 32.91
N ARG D 597 -15.40 -14.28 33.38
CA ARG D 597 -16.47 -13.30 33.51
C ARG D 597 -16.58 -12.70 34.92
N MET D 598 -15.64 -13.01 35.82
CA MET D 598 -15.62 -12.49 37.17
C MET D 598 -14.27 -11.85 37.48
N GLU D 599 -13.69 -11.16 36.48
CA GLU D 599 -12.40 -10.53 36.67
C GLU D 599 -12.47 -9.33 37.60
N ARG D 600 -13.62 -8.67 37.70
CA ARG D 600 -13.72 -7.49 38.55
C ARG D 600 -13.60 -7.84 40.03
N ARG D 601 -14.19 -8.95 40.45
CA ARG D 601 -14.27 -9.29 41.87
C ARG D 601 -13.05 -10.01 42.41
N TYR D 602 -12.17 -10.51 41.55
CA TYR D 602 -10.99 -11.25 41.98
C TYR D 602 -9.90 -11.09 40.92
N PRO D 603 -8.63 -11.24 41.29
CA PRO D 603 -7.60 -11.37 40.27
C PRO D 603 -7.72 -12.68 39.51
N LYS D 604 -7.28 -12.67 38.25
CA LYS D 604 -7.31 -13.88 37.44
C LYS D 604 -6.34 -14.93 37.97
N ALA D 605 -5.13 -14.50 38.36
CA ALA D 605 -4.11 -15.45 38.79
C ALA D 605 -4.53 -16.17 40.06
N MET D 606 -5.17 -15.46 40.99
CA MET D 606 -5.63 -16.10 42.21
C MET D 606 -6.63 -17.20 41.92
N LEU D 607 -7.60 -16.93 41.04
CA LEU D 607 -8.57 -17.95 40.68
C LEU D 607 -7.92 -19.12 39.96
N LYS D 608 -6.98 -18.83 39.07
CA LYS D 608 -6.31 -19.89 38.31
C LYS D 608 -5.49 -20.80 39.24
N GLU D 609 -4.84 -20.22 40.24
CA GLU D 609 -3.94 -21.00 41.08
C GLU D 609 -4.69 -22.01 41.94
N LEU D 610 -5.92 -21.71 42.33
CA LEU D 610 -6.64 -22.56 43.28
C LEU D 610 -6.98 -23.93 42.74
N ILE D 611 -7.09 -24.08 41.41
CA ILE D 611 -7.57 -25.34 40.85
C ILE D 611 -6.55 -26.46 41.07
N TYR D 612 -5.26 -26.14 40.95
CA TYR D 612 -4.23 -27.17 41.04
C TYR D 612 -3.91 -27.53 42.48
N GLN D 613 -4.09 -26.60 43.42
CA GLN D 613 -3.81 -26.89 44.81
C GLN D 613 -4.87 -27.85 45.37
N PRO D 614 -4.56 -28.54 46.47
CA PRO D 614 -5.56 -29.46 47.05
C PRO D 614 -6.75 -28.70 47.63
N THR D 615 -7.84 -29.43 47.80
CA THR D 615 -9.06 -28.83 48.33
C THR D 615 -8.84 -28.30 49.74
N LEU D 616 -9.49 -27.18 50.06
CA LEU D 616 -9.34 -26.59 51.39
C LEU D 616 -9.89 -27.52 52.46
N THR D 617 -10.97 -28.24 52.16
CA THR D 617 -11.63 -29.14 53.10
C THR D 617 -12.10 -28.37 54.34
N GLU D 618 -13.04 -27.46 54.11
CA GLU D 618 -13.57 -26.64 55.19
C GLU D 618 -14.30 -27.47 56.25
N ALA D 619 -14.80 -28.66 55.88
CA ALA D 619 -15.53 -29.47 56.84
C ALA D 619 -14.65 -29.92 57.99
N ASP D 620 -13.43 -30.37 57.68
CA ASP D 620 -12.50 -30.90 58.68
C ASP D 620 -11.41 -29.91 59.07
N LEU D 621 -11.49 -28.66 58.62
CA LEU D 621 -10.47 -27.67 58.97
C LEU D 621 -10.63 -27.22 60.41
N SER D 622 -11.78 -26.61 60.72
CA SER D 622 -12.09 -26.12 62.07
C SER D 622 -11.02 -25.14 62.54
N ASP D 623 -10.18 -25.52 63.51
CA ASP D 623 -9.14 -24.65 64.05
C ASP D 623 -7.85 -25.43 64.26
N GLU D 624 -7.49 -26.25 63.27
CA GLU D 624 -6.27 -27.04 63.34
C GLU D 624 -5.00 -26.23 63.07
N GLN D 625 -5.14 -24.95 62.71
CA GLN D 625 -4.01 -24.06 62.39
C GLN D 625 -3.23 -24.53 61.17
N THR D 626 -3.84 -25.35 60.31
CA THR D 626 -3.27 -25.69 59.02
C THR D 626 -3.51 -24.62 57.97
N VAL D 627 -4.36 -23.63 58.26
CA VAL D 627 -4.60 -22.55 57.31
C VAL D 627 -3.33 -21.74 57.07
N THR D 628 -2.48 -21.63 58.10
CA THR D 628 -1.22 -20.91 57.94
C THR D 628 -0.33 -21.58 56.89
N ARG D 629 -0.18 -22.90 56.99
CA ARG D 629 0.63 -23.61 56.00
C ARG D 629 0.00 -23.53 54.62
N TRP D 630 -1.35 -23.63 54.56
CA TRP D 630 -2.05 -23.57 53.28
C TRP D 630 -1.80 -22.23 52.59
N VAL D 631 -2.03 -21.12 53.30
CA VAL D 631 -1.87 -19.82 52.68
C VAL D 631 -0.39 -19.53 52.39
N ASN D 632 0.52 -20.00 53.25
CA ASN D 632 1.94 -19.82 52.99
C ASN D 632 2.35 -20.54 51.71
N ALA D 633 1.88 -21.78 51.54
CA ALA D 633 2.18 -22.52 50.31
C ALA D 633 1.58 -21.82 49.09
N LEU D 634 0.36 -21.31 49.22
CA LEU D 634 -0.27 -20.61 48.10
C LEU D 634 0.53 -19.38 47.71
N VAL D 635 0.96 -18.59 48.70
CA VAL D 635 1.71 -17.37 48.40
C VAL D 635 3.08 -17.74 47.82
N SER D 636 3.71 -18.78 48.34
CA SER D 636 5.02 -19.19 47.81
C SER D 636 4.91 -19.65 46.37
N GLU D 637 3.86 -20.42 46.05
CA GLU D 637 3.66 -20.85 44.67
C GLU D 637 3.36 -19.66 43.77
N LEU D 638 2.57 -18.69 44.26
CA LEU D 638 2.30 -17.49 43.46
C LEU D 638 3.57 -16.71 43.17
N ASN D 639 4.44 -16.56 44.18
CA ASN D 639 5.66 -15.80 44.01
C ASN D 639 6.76 -16.57 43.28
N ASP D 640 6.65 -17.90 43.20
CA ASP D 640 7.70 -18.69 42.56
C ASP D 640 7.79 -18.39 41.07
N LYS D 641 6.65 -18.31 40.39
CA LYS D 641 6.60 -18.10 38.95
C LYS D 641 6.06 -16.72 38.58
N GLU D 642 6.05 -15.77 39.53
CA GLU D 642 5.64 -14.42 39.21
C GLU D 642 6.66 -13.78 38.28
N GLN D 643 6.16 -13.11 37.23
CA GLN D 643 7.01 -12.53 36.20
C GLN D 643 6.51 -11.16 35.77
N HIS D 644 5.91 -10.40 36.70
CA HIS D 644 5.38 -9.08 36.39
C HIS D 644 5.69 -8.05 37.48
N GLY D 645 6.49 -8.40 38.49
CA GLY D 645 6.93 -7.46 39.50
C GLY D 645 6.00 -7.28 40.68
N SER D 646 4.82 -7.88 40.65
CA SER D 646 3.90 -7.79 41.78
C SER D 646 4.35 -8.71 42.91
N GLN D 647 3.93 -8.38 44.13
CA GLN D 647 4.24 -9.17 45.32
C GLN D 647 2.97 -9.45 46.10
N TRP D 648 2.99 -10.55 46.86
CA TRP D 648 1.84 -11.04 47.60
C TRP D 648 2.24 -11.28 49.04
N LYS D 649 1.30 -10.98 49.96
CA LYS D 649 1.44 -11.28 51.37
C LYS D 649 0.10 -11.82 51.85
N PHE D 650 0.11 -12.43 53.04
CA PHE D 650 -1.09 -13.02 53.62
C PHE D 650 -1.29 -12.49 55.03
N ASP D 651 -2.57 -12.41 55.43
CA ASP D 651 -2.94 -12.06 56.79
C ASP D 651 -3.98 -13.07 57.26
N VAL D 652 -3.93 -13.41 58.54
CA VAL D 652 -4.80 -14.42 59.12
C VAL D 652 -5.34 -13.90 60.45
N HIS D 653 -6.51 -14.40 60.82
CA HIS D 653 -7.11 -14.07 62.11
C HIS D 653 -8.13 -15.15 62.46
N THR D 654 -8.48 -15.18 63.74
CA THR D 654 -9.36 -16.20 64.32
C THR D 654 -10.52 -15.51 65.04
N ASN D 655 -11.15 -14.55 64.35
CA ASN D 655 -12.29 -13.85 64.93
C ASN D 655 -13.45 -14.80 65.20
N ALA D 656 -13.57 -15.87 64.41
CA ALA D 656 -14.59 -16.90 64.58
C ALA D 656 -13.92 -18.23 64.89
N GLU D 657 -14.73 -19.26 65.07
CA GLU D 657 -14.18 -20.59 65.33
C GLU D 657 -13.37 -21.08 64.15
N GLN D 658 -13.86 -20.87 62.93
CA GLN D 658 -13.12 -21.21 61.73
C GLN D 658 -12.16 -20.06 61.39
N ASN D 659 -10.87 -20.37 61.40
CA ASN D 659 -9.87 -19.34 61.13
C ASN D 659 -10.01 -18.83 59.70
N LEU D 660 -9.85 -17.51 59.54
CA LEU D 660 -10.01 -16.84 58.26
C LEU D 660 -8.69 -16.20 57.84
N PHE D 661 -8.51 -16.06 56.53
CA PHE D 661 -7.30 -15.48 55.96
C PHE D 661 -7.68 -14.65 54.74
N GLU D 662 -6.79 -13.73 54.37
CA GLU D 662 -6.99 -12.88 53.22
C GLU D 662 -5.63 -12.47 52.64
N PRO D 663 -5.48 -12.37 51.32
CA PRO D 663 -4.22 -11.90 50.75
C PRO D 663 -4.22 -10.40 50.50
N ILE D 664 -3.01 -9.84 50.49
CA ILE D 664 -2.75 -8.46 50.13
C ILE D 664 -1.75 -8.46 48.99
N VAL D 665 -2.10 -7.81 47.89
CA VAL D 665 -1.32 -7.85 46.66
C VAL D 665 -0.90 -6.43 46.32
N ARG D 666 0.40 -6.25 46.03
CA ARG D 666 0.94 -5.00 45.53
C ARG D 666 1.33 -5.22 44.08
N VAL D 667 0.75 -4.41 43.18
CA VAL D 667 0.78 -4.67 41.75
C VAL D 667 1.51 -3.52 41.07
N ARG D 668 1.63 -3.59 39.73
CA ARG D 668 2.45 -2.65 38.97
C ARG D 668 1.98 -1.21 39.11
N THR D 669 0.75 -0.97 39.54
CA THR D 669 0.26 0.40 39.71
C THR D 669 0.88 1.13 40.89
N HIS D 670 1.70 0.46 41.71
CA HIS D 670 2.34 1.03 42.89
C HIS D 670 1.37 1.33 44.00
N GLY D 671 0.14 0.81 43.92
CA GLY D 671 -0.82 0.90 45.00
C GLY D 671 -1.23 -0.49 45.45
N VAL D 672 -1.39 -0.64 46.76
CA VAL D 672 -1.68 -1.93 47.38
C VAL D 672 -3.16 -1.99 47.71
N ASP D 673 -3.82 -3.06 47.25
CA ASP D 673 -5.22 -3.26 47.56
C ASP D 673 -5.38 -3.67 49.02
N THR D 674 -6.53 -3.30 49.60
CA THR D 674 -6.75 -3.56 51.02
C THR D 674 -6.75 -5.06 51.33
N ASP D 675 -7.50 -5.85 50.56
CA ASP D 675 -7.48 -7.30 50.68
C ASP D 675 -8.43 -7.87 49.63
N TYR D 676 -8.36 -9.19 49.46
CA TYR D 676 -9.29 -9.98 48.64
C TYR D 676 -9.78 -11.14 49.49
N PRO D 677 -10.58 -10.88 50.52
CA PRO D 677 -10.88 -11.92 51.52
C PRO D 677 -11.74 -13.04 50.95
N LEU D 678 -11.30 -14.28 51.17
CA LEU D 678 -12.08 -15.46 50.84
C LEU D 678 -13.01 -15.75 52.02
N ASP D 679 -14.15 -15.06 52.03
CA ASP D 679 -15.08 -15.14 53.13
C ASP D 679 -15.89 -16.44 53.03
N HIS D 680 -16.93 -16.55 53.87
CA HIS D 680 -17.75 -17.76 53.87
C HIS D 680 -18.46 -17.96 52.53
N GLU D 681 -18.78 -16.87 51.84
CA GLU D 681 -19.49 -16.98 50.57
C GLU D 681 -18.66 -17.73 49.53
N PHE D 682 -17.36 -17.43 49.45
CA PHE D 682 -16.52 -18.04 48.43
C PHE D 682 -16.35 -19.53 48.68
N ILE D 683 -16.08 -19.93 49.93
CA ILE D 683 -15.88 -21.35 50.22
C ILE D 683 -17.21 -22.11 50.09
N THR D 684 -18.32 -21.48 50.51
CA THR D 684 -19.61 -22.14 50.44
C THR D 684 -20.22 -22.16 49.04
N GLY D 685 -19.74 -21.31 48.14
CA GLY D 685 -20.29 -21.29 46.80
C GLY D 685 -19.95 -22.54 46.02
N GLY D 686 -20.84 -22.89 45.09
CA GLY D 686 -20.62 -24.05 44.24
C GLY D 686 -19.50 -23.87 43.24
N GLU D 687 -19.08 -22.62 42.99
CA GLU D 687 -17.96 -22.38 42.09
C GLU D 687 -16.70 -23.07 42.59
N TYR D 688 -16.42 -22.91 43.90
CA TYR D 688 -15.25 -23.56 44.48
C TYR D 688 -15.39 -25.07 44.44
N ARG D 689 -16.61 -25.57 44.63
CA ARG D 689 -16.82 -27.02 44.59
C ARG D 689 -16.52 -27.59 43.20
N ARG D 690 -17.01 -26.93 42.15
CA ARG D 690 -16.72 -27.42 40.80
C ARG D 690 -15.24 -27.24 40.45
N ILE D 691 -14.61 -26.17 40.96
CA ILE D 691 -13.17 -26.00 40.75
C ILE D 691 -12.41 -27.15 41.37
N CYS D 692 -12.77 -27.52 42.60
CA CYS D 692 -12.11 -28.64 43.27
C CYS D 692 -12.39 -29.95 42.53
N THR D 693 -13.62 -30.12 42.04
CA THR D 693 -13.95 -31.35 41.30
C THR D 693 -13.11 -31.47 40.05
N LEU D 694 -12.95 -30.37 39.30
CA LEU D 694 -12.11 -30.41 38.11
C LEU D 694 -10.64 -30.63 38.48
N GLY D 695 -10.18 -30.00 39.56
CA GLY D 695 -8.81 -30.20 40.00
C GLY D 695 -8.53 -31.62 40.43
N GLU D 696 -9.55 -32.32 40.94
CA GLU D 696 -9.38 -33.72 41.30
C GLU D 696 -9.00 -34.56 40.08
N LYS D 697 -9.61 -34.27 38.92
CA LYS D 697 -9.23 -34.91 37.69
C LYS D 697 -7.95 -34.34 37.10
N LEU D 698 -7.54 -33.14 37.52
CA LEU D 698 -6.38 -32.44 37.00
C LEU D 698 -5.25 -32.37 38.03
N ARG D 699 -5.06 -33.44 38.79
CA ARG D 699 -3.93 -33.52 39.72
C ARG D 699 -2.68 -33.90 38.92
N GLY D 700 -1.62 -34.29 39.61
CA GLY D 700 -0.39 -34.68 38.95
C GLY D 700 -0.50 -36.04 38.28
N LEU D 701 -1.38 -36.13 37.28
CA LEU D 701 -1.59 -37.40 36.58
C LEU D 701 -0.43 -37.71 35.65
N LEU D 702 0.19 -36.68 35.07
CA LEU D 702 1.31 -36.90 34.17
C LEU D 702 2.48 -37.49 34.93
N GLU D 703 3.14 -38.48 34.33
CA GLU D 703 4.23 -39.20 34.96
C GLU D 703 5.54 -38.46 34.69
N GLU D 704 6.66 -39.10 35.00
CA GLU D 704 7.97 -38.49 34.77
C GLU D 704 8.20 -38.24 33.29
N ASP D 705 7.80 -39.18 32.44
CA ASP D 705 7.87 -39.04 30.98
C ASP D 705 6.46 -39.18 30.41
N ALA D 706 6.08 -38.21 29.57
CA ALA D 706 4.76 -38.20 28.97
C ALA D 706 4.84 -37.51 27.61
N PHE D 707 3.89 -37.86 26.73
CA PHE D 707 3.87 -37.33 25.39
C PHE D 707 2.46 -37.46 24.83
N ILE D 708 2.23 -36.80 23.69
CA ILE D 708 0.95 -36.80 23.00
C ILE D 708 1.14 -37.45 21.64
N GLU D 709 0.26 -38.37 21.30
CA GLU D 709 0.37 -39.15 20.06
C GLU D 709 -0.53 -38.56 18.99
N ARG D 710 -0.06 -37.45 18.41
CA ARG D 710 -0.70 -36.90 17.23
C ARG D 710 -0.35 -37.77 16.01
N GLY D 711 -1.19 -37.68 14.99
CA GLY D 711 -1.00 -38.47 13.78
C GLY D 711 0.35 -38.24 13.12
N GLU D 712 1.07 -39.35 12.89
CA GLU D 712 2.43 -39.38 12.36
C GLU D 712 3.35 -38.31 12.98
N ARG D 713 3.16 -38.03 14.26
CA ARG D 713 3.97 -37.04 14.97
C ARG D 713 4.02 -37.42 16.44
N ARG D 714 5.01 -36.86 17.13
CA ARG D 714 5.18 -37.10 18.55
C ARG D 714 5.93 -35.93 19.16
N GLN D 715 5.63 -35.65 20.43
CA GLN D 715 6.28 -34.58 21.16
C GLN D 715 6.09 -34.80 22.66
N PRO D 716 7.14 -34.83 23.49
CA PRO D 716 6.91 -34.96 24.93
C PRO D 716 6.19 -33.75 25.49
N VAL D 717 5.36 -34.00 26.51
CA VAL D 717 4.60 -32.96 27.20
C VAL D 717 4.67 -33.21 28.70
N ALA D 718 4.41 -32.15 29.47
CA ALA D 718 4.44 -32.25 30.92
C ALA D 718 3.29 -31.48 31.59
N SER D 719 2.32 -30.98 30.83
CA SER D 719 1.19 -30.28 31.42
C SER D 719 0.01 -30.36 30.47
N PHE D 720 -1.19 -30.31 31.04
CA PHE D 720 -2.41 -30.38 30.22
C PHE D 720 -2.51 -29.19 29.28
N GLU D 721 -2.22 -27.99 29.79
CA GLU D 721 -2.30 -26.78 28.96
C GLU D 721 -1.30 -26.84 27.81
N GLN D 722 -0.08 -27.30 28.07
CA GLN D 722 0.91 -27.41 27.01
C GLN D 722 0.47 -28.41 25.95
N ALA D 723 -0.11 -29.54 26.37
CA ALA D 723 -0.60 -30.51 25.40
C ALA D 723 -1.72 -29.94 24.55
N LEU D 724 -2.67 -29.23 25.17
CA LEU D 724 -3.75 -28.62 24.40
C LEU D 724 -3.22 -27.58 23.42
N ASP D 725 -2.27 -26.76 23.85
CA ASP D 725 -1.70 -25.75 22.96
C ASP D 725 -0.97 -26.39 21.79
N TRP D 726 -0.20 -27.45 22.05
CA TRP D 726 0.50 -28.13 20.97
C TRP D 726 -0.48 -28.77 19.99
N LEU D 727 -1.54 -29.39 20.51
CA LEU D 727 -2.55 -29.98 19.64
C LEU D 727 -3.22 -28.92 18.77
N VAL D 728 -3.56 -27.77 19.36
CA VAL D 728 -4.21 -26.71 18.60
C VAL D 728 -3.26 -26.17 17.54
N LYS D 729 -1.99 -26.00 17.88
CA LYS D 729 -1.02 -25.51 16.90
C LYS D 729 -0.84 -26.50 15.76
N GLU D 730 -0.80 -27.81 16.06
CA GLU D 730 -0.69 -28.80 15.00
C GLU D 730 -1.94 -28.84 14.14
N SER D 731 -3.11 -28.58 14.73
CA SER D 731 -4.35 -28.64 13.98
C SER D 731 -4.45 -27.55 12.92
N ARG D 732 -3.69 -26.47 13.04
CA ARG D 732 -3.76 -25.32 12.14
C ARG D 732 -2.66 -25.36 11.08
N ARG D 733 -2.29 -26.54 10.60
CA ARG D 733 -1.20 -26.63 9.64
C ARG D 733 -1.66 -26.29 8.23
N GLY D 734 -2.62 -27.05 7.69
CA GLY D 734 -3.10 -26.86 6.34
C GLY D 734 -4.52 -26.30 6.29
N LEU D 735 -4.83 -25.38 7.19
CA LEU D 735 -6.15 -24.80 7.31
C LEU D 735 -6.16 -23.39 6.75
N SER D 736 -7.16 -23.09 5.92
CA SER D 736 -7.36 -21.78 5.33
C SER D 736 -8.71 -21.22 5.77
N ILE D 737 -8.70 -20.00 6.31
CA ILE D 737 -9.89 -19.37 6.88
C ILE D 737 -10.06 -18.02 6.20
N GLN D 738 -11.29 -17.76 5.74
CA GLN D 738 -11.68 -16.48 5.14
C GLN D 738 -12.76 -15.86 6.00
N ARG D 739 -12.59 -14.59 6.34
CA ARG D 739 -13.54 -13.83 7.15
C ARG D 739 -14.20 -12.77 6.29
N TYR D 740 -15.52 -12.78 6.25
CA TYR D 740 -16.29 -11.85 5.43
C TYR D 740 -16.51 -10.56 6.22
N LYS D 741 -15.95 -9.46 5.74
CA LYS D 741 -16.17 -8.16 6.37
C LYS D 741 -17.55 -7.59 6.04
N GLY D 742 -18.17 -8.05 4.95
CA GLY D 742 -19.50 -7.58 4.60
C GLY D 742 -20.04 -8.40 3.45
N LEU D 743 -21.30 -8.10 3.09
CA LEU D 743 -21.93 -8.79 1.97
C LEU D 743 -21.27 -8.47 0.64
N GLY D 744 -20.58 -7.33 0.53
CA GLY D 744 -19.91 -6.98 -0.71
C GLY D 744 -18.70 -7.83 -1.03
N GLU D 745 -18.18 -8.58 -0.05
CA GLU D 745 -17.03 -9.45 -0.27
C GLU D 745 -17.40 -10.81 -0.85
N MET D 746 -18.69 -11.09 -1.05
CA MET D 746 -19.16 -12.39 -1.48
C MET D 746 -19.55 -12.35 -2.95
N ASN D 747 -19.04 -13.29 -3.72
CA ASN D 747 -19.43 -13.41 -5.12
C ASN D 747 -20.82 -14.03 -5.22
N PRO D 748 -21.49 -13.91 -6.38
CA PRO D 748 -22.89 -14.35 -6.46
C PRO D 748 -23.11 -15.83 -6.14
N GLU D 749 -22.16 -16.71 -6.48
CA GLU D 749 -22.35 -18.13 -6.21
C GLU D 749 -22.46 -18.41 -4.71
N GLN D 750 -21.61 -17.76 -3.91
CA GLN D 750 -21.66 -17.96 -2.47
C GLN D 750 -22.98 -17.46 -1.89
N LEU D 751 -23.44 -16.29 -2.32
CA LEU D 751 -24.72 -15.78 -1.86
C LEU D 751 -25.86 -16.71 -2.23
N TRP D 752 -25.85 -17.21 -3.47
CA TRP D 752 -26.90 -18.13 -3.90
C TRP D 752 -26.91 -19.39 -3.04
N GLU D 753 -25.76 -20.04 -2.87
CA GLU D 753 -25.75 -21.32 -2.17
C GLU D 753 -25.96 -21.15 -0.67
N THR D 754 -25.74 -19.96 -0.11
CA THR D 754 -25.91 -19.74 1.32
C THR D 754 -27.29 -19.21 1.70
N THR D 755 -27.72 -18.09 1.11
CA THR D 755 -28.88 -17.35 1.61
C THR D 755 -30.09 -17.34 0.69
N MET D 756 -29.91 -17.56 -0.61
CA MET D 756 -30.99 -17.43 -1.59
C MET D 756 -31.50 -18.74 -2.14
N ASP D 757 -30.84 -19.86 -1.87
CA ASP D 757 -31.29 -21.15 -2.37
C ASP D 757 -32.49 -21.61 -1.55
N PRO D 758 -33.65 -21.89 -2.16
CA PRO D 758 -34.80 -22.31 -1.33
C PRO D 758 -34.57 -23.59 -0.55
N GLU D 759 -33.76 -24.52 -1.05
CA GLU D 759 -33.61 -25.83 -0.45
C GLU D 759 -32.40 -25.95 0.46
N SER D 760 -31.63 -24.86 0.67
CA SER D 760 -30.51 -24.90 1.59
C SER D 760 -30.35 -23.62 2.42
N ARG D 761 -31.27 -22.66 2.31
CA ARG D 761 -31.18 -21.45 3.10
C ARG D 761 -31.68 -21.69 4.51
N ARG D 762 -31.58 -20.67 5.36
CA ARG D 762 -32.02 -20.75 6.74
C ARG D 762 -32.47 -19.36 7.16
N MET D 763 -33.66 -19.27 7.78
CA MET D 763 -34.27 -18.00 8.11
C MET D 763 -34.98 -18.10 9.45
N LEU D 764 -35.47 -16.94 9.91
CA LEU D 764 -36.27 -16.84 11.12
C LEU D 764 -37.56 -16.09 10.79
N ARG D 765 -38.67 -16.56 11.35
CA ARG D 765 -39.98 -15.94 11.18
C ARG D 765 -40.26 -15.03 12.36
N VAL D 766 -40.67 -13.80 12.08
CA VAL D 766 -40.96 -12.81 13.12
C VAL D 766 -42.43 -12.89 13.48
N THR D 767 -42.72 -12.93 14.78
CA THR D 767 -44.07 -13.00 15.29
C THR D 767 -44.19 -12.11 16.53
N VAL D 768 -45.43 -11.76 16.86
CA VAL D 768 -45.75 -10.90 18.00
C VAL D 768 -46.40 -11.74 19.08
N LYS D 769 -45.88 -11.66 20.30
CA LYS D 769 -46.40 -12.41 21.43
C LYS D 769 -47.43 -11.60 22.22
N ASP D 770 -47.06 -10.41 22.67
CA ASP D 770 -47.93 -9.52 23.43
C ASP D 770 -47.93 -8.16 22.76
N ALA D 771 -49.12 -7.54 22.68
CA ALA D 771 -49.26 -6.26 21.99
C ALA D 771 -48.85 -5.09 22.87
N ILE D 772 -49.36 -5.06 24.11
CA ILE D 772 -49.07 -3.93 24.99
C ILE D 772 -47.59 -3.88 25.34
N ALA D 773 -46.97 -5.03 25.59
CA ALA D 773 -45.55 -5.05 25.92
C ALA D 773 -44.71 -4.57 24.74
N ALA D 774 -45.04 -5.02 23.53
CA ALA D 774 -44.31 -4.57 22.35
C ALA D 774 -44.48 -3.07 22.14
N ASP D 775 -45.70 -2.56 22.33
CA ASP D 775 -45.93 -1.13 22.15
C ASP D 775 -45.15 -0.31 23.17
N GLN D 776 -45.13 -0.76 24.43
CA GLN D 776 -44.37 -0.06 25.44
C GLN D 776 -42.88 -0.09 25.12
N LEU D 777 -42.37 -1.23 24.66
CA LEU D 777 -40.96 -1.32 24.32
C LEU D 777 -40.60 -0.38 23.18
N PHE D 778 -41.43 -0.34 22.14
CA PHE D 778 -41.17 0.56 21.02
C PHE D 778 -41.21 2.02 21.47
N THR D 779 -42.20 2.38 22.29
CA THR D 779 -42.31 3.77 22.74
C THR D 779 -41.10 4.15 23.60
N THR D 780 -40.64 3.24 24.45
CA THR D 780 -39.50 3.55 25.32
C THR D 780 -38.22 3.68 24.51
N LEU D 781 -37.94 2.72 23.63
CA LEU D 781 -36.64 2.71 22.96
C LEU D 781 -36.57 3.71 21.81
N MET D 782 -37.56 3.70 20.93
CA MET D 782 -37.52 4.52 19.72
C MET D 782 -38.21 5.88 19.87
N GLY D 783 -38.80 6.17 21.02
CA GLY D 783 -39.43 7.45 21.22
C GLY D 783 -38.42 8.58 21.38
N ASP D 784 -38.93 9.80 21.41
CA ASP D 784 -38.11 11.01 21.50
C ASP D 784 -38.05 11.55 22.92
N ALA D 785 -38.05 10.67 23.92
CA ALA D 785 -37.84 11.03 25.32
C ALA D 785 -36.52 10.40 25.76
N VAL D 786 -35.53 11.24 26.04
CA VAL D 786 -34.17 10.75 26.26
C VAL D 786 -34.05 10.04 27.59
N GLU D 787 -34.66 10.59 28.64
CA GLU D 787 -34.44 10.07 29.98
C GLU D 787 -34.93 8.64 30.17
N PRO D 788 -36.13 8.24 29.72
CA PRO D 788 -36.49 6.81 29.83
C PRO D 788 -35.51 5.89 29.11
N ARG D 789 -35.03 6.29 27.93
CA ARG D 789 -34.07 5.47 27.21
C ARG D 789 -32.76 5.34 27.98
N ARG D 790 -32.29 6.45 28.56
CA ARG D 790 -31.06 6.39 29.35
C ARG D 790 -31.23 5.51 30.58
N ALA D 791 -32.37 5.62 31.25
CA ALA D 791 -32.62 4.78 32.42
C ALA D 791 -32.67 3.31 32.04
N PHE D 792 -33.31 2.99 30.92
CA PHE D 792 -33.39 1.61 30.47
C PHE D 792 -32.01 1.06 30.12
N ILE D 793 -31.18 1.87 29.46
CA ILE D 793 -29.84 1.43 29.11
C ILE D 793 -29.01 1.21 30.37
N GLU D 794 -29.17 2.08 31.36
CA GLU D 794 -28.39 1.95 32.59
C GLU D 794 -28.84 0.73 33.40
N GLU D 795 -30.14 0.44 33.40
CA GLU D 795 -30.63 -0.71 34.15
C GLU D 795 -30.07 -2.02 33.61
N ASN D 796 -30.06 -2.17 32.29
CA ASN D 796 -29.50 -3.35 31.63
C ASN D 796 -28.00 -3.22 31.37
N ALA D 797 -27.32 -2.32 32.08
CA ALA D 797 -25.89 -2.11 31.91
C ALA D 797 -25.14 -3.19 32.68
N LEU D 798 -23.83 -2.98 32.88
CA LEU D 798 -23.00 -3.98 33.55
C LEU D 798 -23.47 -4.28 34.98
N LYS D 799 -24.21 -3.37 35.60
CA LYS D 799 -24.71 -3.65 36.95
C LYS D 799 -25.68 -4.82 36.95
N ALA D 800 -26.50 -4.93 35.91
CA ALA D 800 -27.38 -6.08 35.75
C ALA D 800 -26.70 -7.26 35.06
N ALA D 801 -25.49 -7.09 34.54
CA ALA D 801 -24.73 -8.18 33.96
C ALA D 801 -24.08 -9.07 35.01
N ASN D 802 -24.11 -8.69 36.29
CA ASN D 802 -23.49 -9.47 37.36
C ASN D 802 -24.39 -10.67 37.66
N ILE D 803 -24.32 -11.66 36.77
CA ILE D 803 -25.07 -12.90 36.92
C ILE D 803 -24.25 -13.84 37.80
N ASP D 804 -24.83 -14.29 38.91
CA ASP D 804 -24.15 -15.14 39.87
C ASP D 804 -24.29 -16.63 39.56
N ILE D 805 -24.96 -17.00 38.47
CA ILE D 805 -25.12 -18.41 38.14
C ILE D 805 -23.82 -18.98 37.59
N GLU D 806 -23.35 -18.42 36.47
CA GLU D 806 -22.12 -18.87 35.81
C GLU D 806 -22.21 -20.35 35.44
N ASN D 807 -23.18 -20.67 34.59
CA ASN D 807 -23.38 -22.03 34.14
C ASN D 807 -24.35 -22.07 32.95
MG MG I . -1.41 14.13 -19.32
C IM0 J . -15.28 11.58 -19.00
C1 IM0 J . -14.43 12.64 -19.30
C2 IM0 J . -13.13 12.63 -18.88
C3 IM0 J . -12.63 11.55 -18.12
C4 IM0 J . -11.29 11.51 -17.66
C5 IM0 J . -10.82 10.44 -16.93
C6 IM0 J . -9.39 10.35 -16.50
C7 IM0 J . -7.56 11.71 -15.46
C8 IM0 J . -7.29 12.95 -14.90
C9 IM0 J . -6.05 13.22 -14.36
C10 IM0 J . -5.05 12.26 -14.35
C11 IM0 J . -3.71 12.52 -13.75
C12 IM0 J . -2.51 13.27 -11.74
N IM0 J . -8.87 11.49 -15.95
C14 IM0 J . -2.52 15.51 -12.99
C15 IM0 J . -1.64 15.37 -14.01
C16 IM0 J . -2.38 12.70 -10.34
N1 IM0 J . -3.68 12.76 -12.43
C17 IM0 J . -2.20 10.56 -9.10
C18 IM0 J . -0.98 10.52 -8.43
C19 IM0 J . -0.86 9.75 -7.29
O1 IM0 J . -8.30 -1.32 2.20
C21 IM0 J . -1.84 8.18 -5.61
C23 IM0 J . -1.97 5.79 -3.72
C24 IM0 J . -2.19 4.79 -2.79
C25 IM0 J . -3.48 4.34 -2.52
C26 IM0 J . -3.62 3.17 -1.58
C28 IM0 J . -4.54 0.91 0.27
C29 IM0 J . -5.11 -0.12 1.00
C30 IM0 J . -6.48 -0.12 1.28
O IM0 J . -16.56 11.63 -19.44
C13 IM0 J . -2.55 14.81 -11.67
C20 IM0 J . -1.96 9.03 -6.85
C22 IM0 J . -3.05 6.36 -4.40
C27 IM0 J . -5.32 1.97 -0.19
C31 IM0 J . -7.09 -1.23 2.05
C32 IM0 J . -7.28 0.95 0.83
C33 IM0 J . -6.69 1.98 0.11
C34 IM0 J . -8.00 3.95 0.05
C35 IM0 J . -4.57 4.92 -3.19
C36 IM0 J . -4.35 5.93 -4.12
C37 IM0 J . -6.30 5.78 -5.60
C38 IM0 J . -5.50 4.73 -6.41
C39 IM0 J . -3.24 9.81 -8.59
C40 IM0 J . -5.32 11.02 -14.92
C41 IM0 J . -6.56 10.74 -15.47
C42 IM0 J . -11.68 9.38 -16.64
C43 IM0 J . -12.97 9.39 -17.06
C44 IM0 J . -13.49 10.47 -17.82
C45 IM0 J . -14.83 10.51 -18.28
N2 IM0 J . -2.07 16.23 -14.95
N3 IM0 J . -3.17 16.89 -14.55
N4 IM0 J . -3.44 16.44 -13.34
N5 IM0 J . -2.34 11.35 -10.27
N6 IM0 J . -2.89 7.33 -5.42
N7 IM0 J . -4.83 3.04 -0.97
N8 IM0 J . -6.42 4.23 -7.43
N9 IM0 J . -3.15 9.05 -7.48
O10 IM0 J . -2.69 12.52 -14.43
O11 IM0 J . -8.76 9.30 -16.63
O2 IM0 J . -6.24 -2.09 2.54
O3 IM0 J . -8.60 0.99 1.09
O4 IM0 J . -7.50 2.82 -0.65
O5 IM0 J . -2.70 2.38 -1.44
O6 IM0 J . -5.84 4.54 -2.90
O7 IM0 J . -5.41 6.56 -4.76
O8 IM0 J . -0.87 8.26 -4.88
O9 IM0 J . -2.32 13.44 -9.35
H1 IM0 J . -14.82 13.48 -19.88
H2 IM0 J . -12.48 13.47 -19.11
H3 IM0 J . -10.63 12.34 -17.89
H4 IM0 J . -8.03 13.75 -14.86
H5 IM0 J . -5.85 14.19 -13.91
H6 IM0 J . -1.61 13.03 -12.30
H7 IM0 J . -9.49 12.28 -15.88
H8 IM0 J . -0.77 14.73 -14.11
H9 IM0 J . -4.50 12.56 -11.86
H10 IM0 J . -0.13 11.09 -8.79
H11 IM0 J . 0.09 9.71 -6.75
H12 IM0 J . -0.96 6.12 -3.92
H13 IM0 J . -1.34 4.36 -2.27
H14 IM0 J . -3.47 0.89 0.06
H15 IM0 J . -4.50 -0.95 1.35
H16 IM0 J . -17.03 10.81 -19.15
H17 IM0 J . -1.74 15.20 -11.06
H18 IM0 J . -3.47 15.11 -11.14
H19 IM0 J . -8.63 3.52 0.83
H20 IM0 J . -7.21 4.54 0.52
H21 IM0 J . -8.59 4.60 -0.58
H22 IM0 J . -6.98 5.34 -4.88
H23 IM0 J . -6.91 6.38 -6.27
H24 IM0 J . -4.59 5.16 -6.80
H25 IM0 J . -5.20 3.89 -5.79
H26 IM0 J . -4.24 9.76 -9.02
H27 IM0 J . -4.54 10.24 -14.94
H28 IM0 J . -6.73 9.76 -15.91
H29 IM0 J . -11.31 8.55 -16.05
H30 IM0 J . -13.64 8.56 -16.83
H31 IM0 J . -15.47 9.67 -18.04
H32 IM0 J . -1.65 16.40 -15.86
H33 IM0 J . -2.42 10.82 -11.13
H34 IM0 J . -3.65 7.38 -6.08
H35 IM0 J . -5.50 3.80 -1.06
H39 IM0 J . -6.69 -2.82 3.05
H40 IM0 J . -9.07 1.34 0.29
H41 IM0 J . -6.30 5.26 -2.42
MG MG K . -20.16 -2.88 8.33
#